data_5Q09
#
_entry.id   5Q09
#
_cell.length_a   66.579
_cell.length_b   286.577
_cell.length_c   83.616
_cell.angle_alpha   90.000
_cell.angle_beta   97.440
_cell.angle_gamma   90.000
#
_symmetry.space_group_name_H-M   'P 1 21 1'
#
loop_
_entity.id
_entity.type
_entity.pdbx_description
1 polymer 'Fructose-1,6-bisphosphatase 1'
2 non-polymer N-{[4-bromo-6-(carbamoylamino)pyridin-2-yl]carbamoyl}-5-(2-methoxyethyl)-4-methylthiophene-2-sulfonamide
3 water water
#
_entity_poly.entity_id   1
_entity_poly.type   'polypeptide(L)'
_entity_poly.pdbx_seq_one_letter_code
;MADQAPFDTDVNTLTRFVMEEGRKARGTGELTQLLNSLCTAVKAISSAVRKAGIAHLYGIAGSTNVTGDQVKKLDVLSND
LVMNMLKSSFATCVLVSEEDKHAIIVEPEKRGKYVVCFDPLDGSSNIDCLVSVGTIFGIYRKKSTDEPSEKDALQPGRNL
VAAGYALYGSATMLVLAMDCGVNCFMLDPAIGEFILVDKDVKIKKKGKIYSLNEGYAKDFDPAVTEYIQRKKFPPDNSAP
YGARYVGSMVADVHRTLVYGGIFLYPANKKSPNGKLRLLYECNPMAYVMEKAGGMATTGKEAVLDVIPTDIHQRAPVILG
SPDDVLEFLKVYEKHSAQ
;
_entity_poly.pdbx_strand_id   A,B,C,D,E,F,G,H
#
# COMPACT_ATOMS: atom_id res chain seq x y z
N ASP A 10 -48.26 -22.70 -2.72
CA ASP A 10 -48.62 -21.64 -3.65
C ASP A 10 -47.53 -20.57 -3.74
N VAL A 11 -47.21 -20.16 -4.98
CA VAL A 11 -46.22 -19.12 -5.19
C VAL A 11 -46.66 -17.81 -4.54
N ASN A 12 -45.70 -17.05 -4.06
CA ASN A 12 -46.01 -15.76 -3.45
C ASN A 12 -44.98 -14.74 -3.94
N THR A 13 -45.45 -13.52 -4.15
CA THR A 13 -44.62 -12.40 -4.54
C THR A 13 -44.65 -11.35 -3.43
N LEU A 14 -43.70 -10.42 -3.51
CA LEU A 14 -43.62 -9.33 -2.54
C LEU A 14 -44.93 -8.53 -2.49
N THR A 15 -45.42 -8.14 -3.66
CA THR A 15 -46.64 -7.33 -3.68
C THR A 15 -47.80 -8.10 -3.08
N ARG A 16 -47.95 -9.37 -3.45
CA ARG A 16 -49.07 -10.15 -2.91
C ARG A 16 -48.90 -10.38 -1.41
N PHE A 17 -47.65 -10.60 -0.96
CA PHE A 17 -47.40 -10.77 0.46
C PHE A 17 -47.73 -9.52 1.26
N VAL A 18 -47.29 -8.34 0.80
CA VAL A 18 -47.55 -7.11 1.55
C VAL A 18 -49.05 -6.79 1.57
N MET A 19 -49.72 -6.91 0.43
CA MET A 19 -51.16 -6.69 0.39
C MET A 19 -51.90 -7.61 1.36
N GLU A 20 -51.54 -8.89 1.40
CA GLU A 20 -52.20 -9.85 2.27
C GLU A 20 -51.99 -9.50 3.74
N GLU A 21 -50.77 -9.14 4.12
CA GLU A 21 -50.54 -8.72 5.50
C GLU A 21 -51.30 -7.43 5.81
N GLY A 22 -51.35 -6.53 4.82
CA GLY A 22 -52.10 -5.29 5.01
C GLY A 22 -53.59 -5.52 5.15
N ARG A 23 -54.14 -6.45 4.36
CA ARG A 23 -55.56 -6.73 4.49
C ARG A 23 -55.90 -7.28 5.87
N LYS A 24 -55.05 -8.18 6.40
CA LYS A 24 -55.23 -8.68 7.75
C LYS A 24 -55.31 -7.54 8.76
N ALA A 25 -54.37 -6.61 8.70
CA ALA A 25 -54.30 -5.52 9.66
C ALA A 25 -55.38 -4.46 9.46
N ARG A 26 -56.13 -4.51 8.35
CA ARG A 26 -57.18 -3.52 8.08
C ARG A 26 -56.62 -2.10 7.99
N GLY A 27 -55.42 -1.97 7.44
CA GLY A 27 -54.85 -0.64 7.28
C GLY A 27 -55.46 0.10 6.11
N THR A 28 -55.05 1.36 5.98
CA THR A 28 -55.55 2.25 4.94
C THR A 28 -54.91 1.98 3.58
N GLY A 29 -53.77 1.30 3.56
CA GLY A 29 -53.04 1.04 2.33
C GLY A 29 -51.79 1.87 2.11
N GLU A 30 -51.53 2.89 2.96
CA GLU A 30 -50.38 3.76 2.75
C GLU A 30 -49.06 3.00 2.84
N LEU A 31 -48.91 2.11 3.83
CA LEU A 31 -47.66 1.37 3.95
C LEU A 31 -47.45 0.44 2.76
N THR A 32 -48.53 -0.19 2.27
CA THR A 32 -48.43 -1.05 1.09
C THR A 32 -47.97 -0.24 -0.12
N GLN A 33 -48.54 0.95 -0.32
CA GLN A 33 -48.11 1.81 -1.42
C GLN A 33 -46.65 2.23 -1.25
N LEU A 34 -46.24 2.53 -0.01
CA LEU A 34 -44.84 2.83 0.26
C LEU A 34 -43.93 1.69 -0.16
N LEU A 35 -44.25 0.47 0.30
CA LEU A 35 -43.38 -0.68 0.05
C LEU A 35 -43.36 -1.04 -1.43
N ASN A 36 -44.50 -0.93 -2.11
CA ASN A 36 -44.50 -1.21 -3.54
C ASN A 36 -43.64 -0.20 -4.30
N SER A 37 -43.70 1.08 -3.90
CA SER A 37 -42.88 2.10 -4.56
C SER A 37 -41.40 1.84 -4.34
N LEU A 38 -41.04 1.48 -3.11
CA LEU A 38 -39.66 1.11 -2.81
C LEU A 38 -39.23 -0.11 -3.61
N CYS A 39 -40.12 -1.09 -3.75
CA CYS A 39 -39.82 -2.28 -4.52
C CYS A 39 -39.52 -1.91 -5.97
N THR A 40 -40.31 -1.03 -6.57
CA THR A 40 -39.99 -0.54 -7.92
C THR A 40 -38.62 0.12 -7.95
N ALA A 41 -38.30 0.93 -6.94
CA ALA A 41 -36.98 1.57 -6.90
C ALA A 41 -35.88 0.53 -6.84
N VAL A 42 -36.05 -0.52 -6.03
CA VAL A 42 -35.01 -1.55 -5.90
C VAL A 42 -34.79 -2.27 -7.22
N LYS A 43 -35.86 -2.51 -7.98
CA LYS A 43 -35.69 -3.15 -9.28
C LYS A 43 -34.92 -2.27 -10.25
N ALA A 44 -35.18 -0.95 -10.25
CA ALA A 44 -34.45 -0.05 -11.13
C ALA A 44 -33.00 0.10 -10.69
N ILE A 45 -32.74 0.08 -9.38
CA ILE A 45 -31.35 0.11 -8.92
C ILE A 45 -30.62 -1.15 -9.36
N SER A 46 -31.26 -2.30 -9.18
CA SER A 46 -30.64 -3.56 -9.60
C SER A 46 -30.27 -3.53 -11.08
N SER A 47 -31.19 -3.05 -11.93
CA SER A 47 -30.90 -2.99 -13.37
C SER A 47 -29.67 -2.12 -13.63
N ALA A 48 -29.57 -0.99 -12.95
CA ALA A 48 -28.41 -0.12 -13.15
C ALA A 48 -27.13 -0.72 -12.57
N VAL A 49 -27.22 -1.39 -11.43
CA VAL A 49 -26.02 -1.96 -10.81
C VAL A 49 -25.43 -3.05 -11.69
N ARG A 50 -26.29 -3.88 -12.29
CA ARG A 50 -25.85 -4.92 -13.21
C ARG A 50 -25.43 -4.38 -14.58
N LYS A 51 -25.46 -3.05 -14.78
CA LYS A 51 -24.88 -2.35 -15.94
C LYS A 51 -25.71 -2.48 -17.22
N ALA A 52 -27.04 -2.61 -17.11
CA ALA A 52 -27.89 -2.56 -18.30
C ALA A 52 -27.69 -1.23 -19.02
N GLY A 53 -27.44 -1.30 -20.33
CA GLY A 53 -27.24 -0.11 -21.11
C GLY A 53 -25.82 0.41 -21.11
N ILE A 54 -24.87 -0.28 -20.48
CA ILE A 54 -23.51 0.25 -20.44
C ILE A 54 -22.92 0.38 -21.84
N ALA A 55 -23.39 -0.44 -22.81
CA ALA A 55 -22.86 -0.34 -24.15
C ALA A 55 -23.05 1.05 -24.73
N HIS A 56 -24.13 1.74 -24.33
CA HIS A 56 -24.35 3.09 -24.82
C HIS A 56 -23.33 4.08 -24.24
N LEU A 57 -22.88 3.85 -23.01
CA LEU A 57 -21.87 4.73 -22.43
C LEU A 57 -20.54 4.60 -23.13
N TYR A 58 -20.28 3.48 -23.77
CA TYR A 58 -19.00 3.22 -24.43
C TYR A 58 -19.07 3.36 -25.94
N GLY A 59 -20.13 3.98 -26.47
CA GLY A 59 -20.16 4.44 -27.84
C GLY A 59 -20.80 3.52 -28.86
N ILE A 60 -21.69 2.61 -28.44
CA ILE A 60 -22.25 1.65 -29.39
C ILE A 60 -23.05 2.35 -30.49
N ALA A 61 -23.69 3.47 -30.18
CA ALA A 61 -24.42 4.23 -31.18
C ALA A 61 -23.66 5.49 -31.61
N GLY A 62 -22.37 5.53 -31.36
CA GLY A 62 -21.60 6.70 -31.73
C GLY A 62 -21.59 7.64 -30.54
N VAL A 71 -24.91 8.16 -17.58
CA VAL A 71 -24.33 9.49 -17.67
C VAL A 71 -24.18 10.06 -16.26
N LYS A 72 -24.70 9.32 -15.29
CA LYS A 72 -24.78 9.75 -13.90
C LYS A 72 -24.25 8.65 -12.99
N LYS A 73 -23.57 9.03 -11.92
CA LYS A 73 -23.01 8.03 -11.04
C LYS A 73 -24.10 7.20 -10.39
N LEU A 74 -23.75 5.96 -10.04
CA LEU A 74 -24.72 5.00 -9.54
C LEU A 74 -25.30 5.44 -8.20
N ASP A 75 -24.47 5.97 -7.32
CA ASP A 75 -25.03 6.35 -6.03
C ASP A 75 -25.97 7.54 -6.15
N VAL A 76 -25.70 8.45 -7.09
CA VAL A 76 -26.60 9.58 -7.33
C VAL A 76 -27.90 9.09 -7.94
N LEU A 77 -27.80 8.20 -8.95
CA LEU A 77 -29.00 7.67 -9.58
C LEU A 77 -29.87 6.93 -8.58
N SER A 78 -29.25 6.10 -7.75
CA SER A 78 -29.99 5.33 -6.75
C SER A 78 -30.74 6.24 -5.79
N ASN A 79 -30.07 7.31 -5.33
CA ASN A 79 -30.74 8.26 -4.46
C ASN A 79 -31.94 8.90 -5.16
N ASP A 80 -31.76 9.28 -6.43
CA ASP A 80 -32.84 9.90 -7.17
C ASP A 80 -34.02 8.94 -7.36
N LEU A 81 -33.73 7.66 -7.61
CA LEU A 81 -34.79 6.66 -7.78
C LEU A 81 -35.60 6.47 -6.51
N VAL A 82 -34.92 6.26 -5.38
CA VAL A 82 -35.65 6.04 -4.13
C VAL A 82 -36.40 7.30 -3.72
N MET A 83 -35.74 8.46 -3.79
CA MET A 83 -36.41 9.71 -3.45
C MET A 83 -37.65 9.94 -4.31
N ASN A 84 -37.52 9.76 -5.63
CA ASN A 84 -38.64 10.10 -6.48
C ASN A 84 -39.80 9.12 -6.30
N MET A 85 -39.49 7.83 -6.14
CA MET A 85 -40.56 6.84 -5.96
C MET A 85 -41.25 7.02 -4.61
N LEU A 86 -40.51 7.39 -3.56
CA LEU A 86 -41.13 7.59 -2.25
C LEU A 86 -41.99 8.85 -2.23
N LYS A 87 -41.47 9.95 -2.78
CA LYS A 87 -42.25 11.18 -2.86
C LYS A 87 -43.55 10.93 -3.60
N SER A 88 -43.48 10.23 -4.73
CA SER A 88 -44.66 10.00 -5.54
C SER A 88 -45.57 8.91 -4.97
N SER A 89 -45.21 8.28 -3.86
CA SER A 89 -46.10 7.28 -3.27
C SER A 89 -47.28 7.90 -2.53
N PHE A 90 -47.17 9.17 -2.15
CA PHE A 90 -48.15 9.87 -1.30
C PHE A 90 -48.25 9.27 0.11
N ALA A 91 -47.23 8.52 0.54
CA ALA A 91 -47.23 7.84 1.83
C ALA A 91 -46.18 8.36 2.80
N THR A 92 -45.36 9.35 2.40
CA THR A 92 -44.23 9.79 3.21
C THR A 92 -44.29 11.28 3.46
N CYS A 93 -43.63 11.73 4.53
CA CYS A 93 -43.56 13.16 4.82
C CYS A 93 -42.15 13.65 5.09
N VAL A 94 -41.28 12.77 5.59
CA VAL A 94 -39.90 13.12 5.90
C VAL A 94 -39.01 12.00 5.38
N LEU A 95 -37.98 12.37 4.62
CA LEU A 95 -37.04 11.42 4.04
C LEU A 95 -35.63 11.77 4.48
N VAL A 96 -34.92 10.79 5.03
CA VAL A 96 -33.53 10.93 5.43
C VAL A 96 -32.71 9.98 4.58
N SER A 97 -31.72 10.52 3.88
CA SER A 97 -30.86 9.70 3.02
C SER A 97 -29.40 9.95 3.39
N GLU A 98 -28.62 8.87 3.33
CA GLU A 98 -27.18 8.96 3.46
C GLU A 98 -26.59 10.05 2.56
N GLU A 99 -27.24 10.31 1.43
CA GLU A 99 -26.68 11.24 0.44
C GLU A 99 -27.01 12.71 0.71
N ASP A 100 -27.92 13.03 1.63
CA ASP A 100 -28.39 14.39 1.82
C ASP A 100 -28.15 14.87 3.25
N LYS A 101 -27.55 16.05 3.39
CA LYS A 101 -27.21 16.57 4.72
C LYS A 101 -28.44 16.82 5.57
N HIS A 102 -29.51 17.35 4.97
CA HIS A 102 -30.72 17.65 5.69
C HIS A 102 -31.83 16.69 5.27
N ALA A 103 -32.76 16.47 6.18
CA ALA A 103 -33.94 15.69 5.84
C ALA A 103 -34.75 16.41 4.78
N ILE A 104 -35.33 15.65 3.87
CA ILE A 104 -36.22 16.19 2.86
C ILE A 104 -37.64 16.14 3.40
N ILE A 105 -38.32 17.28 3.34
CA ILE A 105 -39.71 17.37 3.78
C ILE A 105 -40.57 17.32 2.53
N VAL A 106 -41.45 16.33 2.46
CA VAL A 106 -42.27 16.15 1.25
C VAL A 106 -43.21 17.32 1.12
N GLU A 107 -43.43 17.77 -0.12
CA GLU A 107 -44.30 18.91 -0.36
C GLU A 107 -45.73 18.54 0.05
N PRO A 108 -46.52 19.52 0.49
CA PRO A 108 -47.78 19.20 1.16
C PRO A 108 -48.75 18.34 0.37
N GLU A 109 -48.89 18.56 -0.94
CA GLU A 109 -49.90 17.77 -1.64
C GLU A 109 -49.51 16.31 -1.81
N LYS A 110 -48.26 15.94 -1.50
CA LYS A 110 -47.79 14.57 -1.64
C LYS A 110 -47.51 13.89 -0.30
N ARG A 111 -47.87 14.51 0.82
CA ARG A 111 -47.50 14.01 2.14
C ARG A 111 -48.35 12.83 2.58
N GLY A 112 -47.70 11.84 3.17
CA GLY A 112 -48.35 10.75 3.87
C GLY A 112 -47.85 10.69 5.30
N LYS A 113 -48.05 9.59 6.00
CA LYS A 113 -47.82 9.55 7.44
C LYS A 113 -46.48 8.96 7.84
N TYR A 114 -45.65 8.50 6.89
CA TYR A 114 -44.46 7.74 7.24
C TYR A 114 -43.16 8.51 7.05
N VAL A 115 -42.18 8.13 7.88
CA VAL A 115 -40.82 8.66 7.85
C VAL A 115 -39.92 7.52 7.36
N VAL A 116 -39.10 7.78 6.34
CA VAL A 116 -38.23 6.75 5.78
C VAL A 116 -36.78 7.21 5.86
N CYS A 117 -35.93 6.34 6.43
CA CYS A 117 -34.49 6.52 6.45
C CYS A 117 -33.85 5.46 5.58
N PHE A 118 -32.94 5.86 4.71
CA PHE A 118 -32.41 4.86 3.79
C PHE A 118 -31.00 5.21 3.35
N ASP A 119 -30.27 4.17 2.98
CA ASP A 119 -28.98 4.28 2.32
C ASP A 119 -29.18 3.70 0.93
N PRO A 120 -29.24 4.54 -0.12
CA PRO A 120 -29.73 4.03 -1.42
C PRO A 120 -28.78 3.04 -2.07
N LEU A 121 -27.46 3.16 -1.81
CA LEU A 121 -26.50 2.22 -2.40
C LEU A 121 -25.33 2.03 -1.42
N ASP A 122 -25.55 1.23 -0.39
CA ASP A 122 -24.52 0.99 0.60
C ASP A 122 -23.40 0.13 0.02
N GLY A 123 -22.17 0.50 0.34
CA GLY A 123 -21.00 -0.20 -0.14
C GLY A 123 -20.47 0.26 -1.48
N SER A 124 -21.04 1.30 -2.07
CA SER A 124 -20.68 1.70 -3.42
C SER A 124 -19.27 2.29 -3.51
N SER A 125 -18.63 2.54 -2.36
CA SER A 125 -17.26 3.03 -2.40
C SER A 125 -16.34 2.05 -3.13
N ASN A 126 -16.60 0.75 -3.02
CA ASN A 126 -15.79 -0.26 -3.69
C ASN A 126 -16.49 -0.90 -4.89
N ILE A 127 -17.52 -0.25 -5.45
CA ILE A 127 -18.23 -0.85 -6.58
C ILE A 127 -17.37 -0.98 -7.83
N ASP A 128 -16.19 -0.31 -7.87
CA ASP A 128 -15.25 -0.48 -8.98
C ASP A 128 -14.71 -1.90 -9.08
N CYS A 129 -14.70 -2.66 -8.00
CA CYS A 129 -14.24 -4.05 -8.08
C CYS A 129 -15.39 -5.04 -8.11
N LEU A 130 -16.62 -4.57 -8.35
CA LEU A 130 -17.81 -5.41 -8.53
C LEU A 130 -18.19 -6.18 -7.27
N VAL A 131 -17.80 -5.67 -6.09
CA VAL A 131 -18.25 -6.24 -4.83
C VAL A 131 -19.77 -6.07 -4.68
N SER A 132 -20.39 -7.01 -3.95
CA SER A 132 -21.81 -6.89 -3.61
C SER A 132 -22.09 -5.53 -2.97
N VAL A 133 -23.20 -4.90 -3.38
CA VAL A 133 -23.68 -3.66 -2.79
C VAL A 133 -25.15 -3.86 -2.43
N GLY A 134 -25.73 -2.83 -1.78
CA GLY A 134 -27.11 -2.99 -1.32
C GLY A 134 -27.79 -1.68 -1.00
N THR A 135 -29.10 -1.79 -0.76
CA THR A 135 -29.94 -0.68 -0.34
C THR A 135 -30.51 -1.01 1.04
N ILE A 136 -30.46 -0.07 1.98
CA ILE A 136 -30.97 -0.30 3.33
C ILE A 136 -32.07 0.71 3.62
N PHE A 137 -33.15 0.27 4.28
CA PHE A 137 -34.24 1.18 4.61
C PHE A 137 -34.85 0.88 5.97
N GLY A 138 -35.35 1.93 6.61
CA GLY A 138 -36.13 1.83 7.83
C GLY A 138 -37.34 2.75 7.76
N ILE A 139 -38.50 2.30 8.23
CA ILE A 139 -39.75 3.04 8.07
C ILE A 139 -40.35 3.31 9.43
N TYR A 140 -40.63 4.58 9.71
CA TYR A 140 -41.27 5.01 10.95
C TYR A 140 -42.61 5.68 10.66
N ARG A 141 -43.52 5.55 11.60
CA ARG A 141 -44.72 6.37 11.62
C ARG A 141 -44.37 7.71 12.24
N LYS A 142 -44.78 8.79 11.61
CA LYS A 142 -44.60 10.10 12.23
C LYS A 142 -45.37 10.15 13.55
N LYS A 143 -44.71 10.62 14.61
CA LYS A 143 -45.29 10.50 15.95
C LYS A 143 -46.03 11.76 16.41
N SER A 144 -45.58 12.94 16.03
CA SER A 144 -46.16 14.18 16.52
C SER A 144 -47.16 14.74 15.50
N THR A 145 -48.04 15.60 16.00
CA THR A 145 -49.02 16.30 15.18
C THR A 145 -48.51 17.63 14.65
N ASP A 146 -47.24 17.96 14.89
CA ASP A 146 -46.69 19.20 14.38
C ASP A 146 -46.27 19.04 12.93
N GLU A 147 -46.25 20.15 12.19
CA GLU A 147 -45.62 20.30 10.88
C GLU A 147 -44.40 19.38 10.78
N PRO A 148 -44.34 18.52 9.76
CA PRO A 148 -43.21 17.59 9.67
C PRO A 148 -41.87 18.31 9.60
N SER A 149 -40.87 17.70 10.23
CA SER A 149 -39.53 18.28 10.27
C SER A 149 -38.52 17.16 10.50
N GLU A 150 -37.24 17.53 10.47
CA GLU A 150 -36.16 16.57 10.69
C GLU A 150 -36.33 15.83 12.01
N LYS A 151 -36.93 16.48 13.01
CA LYS A 151 -37.10 15.86 14.32
C LYS A 151 -37.92 14.58 14.25
N ASP A 152 -38.82 14.47 13.27
CA ASP A 152 -39.64 13.29 13.13
C ASP A 152 -38.83 12.04 12.80
N ALA A 153 -37.60 12.22 12.31
CA ALA A 153 -36.70 11.11 12.03
C ALA A 153 -35.86 10.70 13.24
N LEU A 154 -35.92 11.46 14.34
CA LEU A 154 -35.10 11.17 15.51
C LEU A 154 -35.84 10.25 16.48
N GLN A 155 -36.20 9.08 15.98
CA GLN A 155 -36.83 8.07 16.81
C GLN A 155 -35.87 6.91 17.04
N PRO A 156 -35.92 6.25 18.19
CA PRO A 156 -35.12 5.04 18.37
C PRO A 156 -35.64 3.93 17.46
N GLY A 157 -34.73 3.01 17.11
CA GLY A 157 -35.11 1.92 16.22
C GLY A 157 -36.26 1.06 16.73
N ARG A 158 -36.49 1.03 18.05
CA ARG A 158 -37.63 0.32 18.61
C ARG A 158 -38.95 0.80 18.03
N ASN A 159 -39.00 2.02 17.50
CA ASN A 159 -40.22 2.56 16.89
C ASN A 159 -40.43 2.14 15.45
N LEU A 160 -39.49 1.37 14.86
CA LEU A 160 -39.61 0.99 13.45
C LEU A 160 -40.87 0.17 13.20
N VAL A 161 -41.53 0.46 12.08
CA VAL A 161 -42.68 -0.32 11.62
C VAL A 161 -42.26 -1.41 10.63
N ALA A 162 -41.25 -1.13 9.82
CA ALA A 162 -40.71 -2.08 8.86
C ALA A 162 -39.28 -1.65 8.56
N ALA A 163 -38.45 -2.61 8.22
CA ALA A 163 -37.08 -2.31 7.80
C ALA A 163 -36.60 -3.48 6.98
N GLY A 164 -35.50 -3.26 6.27
CA GLY A 164 -34.95 -4.34 5.50
C GLY A 164 -33.86 -3.84 4.58
N TYR A 165 -33.52 -4.68 3.62
CA TYR A 165 -32.44 -4.33 2.72
C TYR A 165 -32.63 -5.12 1.44
N ALA A 166 -32.04 -4.58 0.38
CA ALA A 166 -31.89 -5.30 -0.87
C ALA A 166 -30.40 -5.55 -1.04
N LEU A 167 -30.03 -6.77 -1.37
CA LEU A 167 -28.66 -7.13 -1.65
C LEU A 167 -28.52 -7.35 -3.15
N TYR A 168 -27.63 -6.59 -3.78
CA TYR A 168 -27.31 -6.78 -5.21
C TYR A 168 -26.02 -7.59 -5.25
N GLY A 169 -26.18 -8.90 -5.08
CA GLY A 169 -25.06 -9.83 -5.00
C GLY A 169 -25.01 -10.69 -6.25
N SER A 170 -24.72 -11.98 -6.10
CA SER A 170 -24.78 -12.88 -7.25
C SER A 170 -26.20 -12.94 -7.83
N ALA A 171 -27.21 -12.82 -6.99
CA ALA A 171 -28.57 -12.49 -7.42
C ALA A 171 -29.03 -11.33 -6.55
N THR A 172 -30.19 -10.75 -6.90
CA THR A 172 -30.75 -9.66 -6.12
C THR A 172 -31.84 -10.24 -5.20
N MET A 173 -31.73 -9.96 -3.91
CA MET A 173 -32.68 -10.45 -2.94
C MET A 173 -33.11 -9.31 -2.04
N LEU A 174 -34.39 -9.28 -1.70
CA LEU A 174 -34.95 -8.30 -0.77
C LEU A 174 -35.34 -9.02 0.52
N VAL A 175 -34.82 -8.54 1.64
CA VAL A 175 -35.13 -9.07 2.96
C VAL A 175 -35.99 -8.02 3.65
N LEU A 176 -37.18 -8.41 4.08
CA LEU A 176 -38.16 -7.49 4.66
C LEU A 176 -38.54 -7.98 6.04
N ALA A 177 -38.36 -7.13 7.04
CA ALA A 177 -38.68 -7.45 8.44
C ALA A 177 -39.86 -6.61 8.90
N MET A 178 -40.83 -7.27 9.54
CA MET A 178 -41.96 -6.62 10.15
C MET A 178 -42.28 -7.35 11.45
N ASP A 179 -43.37 -6.95 12.10
CA ASP A 179 -43.78 -7.63 13.32
C ASP A 179 -43.95 -9.13 13.10
N CYS A 180 -44.44 -9.52 11.92
CA CYS A 180 -44.67 -10.92 11.60
C CYS A 180 -43.40 -11.73 11.36
N GLY A 181 -42.20 -11.14 11.42
CA GLY A 181 -40.98 -11.87 11.19
C GLY A 181 -40.24 -11.37 9.96
N VAL A 182 -39.26 -12.16 9.53
CA VAL A 182 -38.36 -11.79 8.44
C VAL A 182 -38.61 -12.71 7.25
N ASN A 183 -38.80 -12.12 6.08
CA ASN A 183 -39.06 -12.89 4.87
C ASN A 183 -38.14 -12.42 3.73
N CYS A 184 -37.67 -13.36 2.92
CA CYS A 184 -36.66 -13.11 1.90
C CYS A 184 -37.26 -13.37 0.52
N PHE A 185 -37.09 -12.42 -0.39
CA PHE A 185 -37.68 -12.47 -1.71
C PHE A 185 -36.59 -12.38 -2.75
N MET A 186 -36.58 -13.32 -3.70
CA MET A 186 -35.59 -13.30 -4.78
C MET A 186 -36.14 -12.60 -6.01
N LEU A 187 -35.39 -11.62 -6.52
CA LEU A 187 -35.80 -10.97 -7.76
C LEU A 187 -35.56 -11.91 -8.94
N ASP A 188 -36.63 -12.25 -9.66
CA ASP A 188 -36.51 -12.96 -10.94
C ASP A 188 -36.43 -11.91 -12.04
N PRO A 189 -35.24 -11.67 -12.61
CA PRO A 189 -35.11 -10.59 -13.60
C PRO A 189 -35.82 -10.87 -14.92
N ALA A 190 -36.17 -12.13 -15.21
CA ALA A 190 -36.90 -12.40 -16.44
C ALA A 190 -38.28 -11.76 -16.42
N ILE A 191 -38.89 -11.62 -15.24
CA ILE A 191 -40.25 -11.08 -15.14
C ILE A 191 -40.35 -9.86 -14.22
N GLY A 192 -39.27 -9.45 -13.58
CA GLY A 192 -39.32 -8.31 -12.68
C GLY A 192 -40.24 -8.48 -11.48
N GLU A 193 -40.17 -9.64 -10.83
CA GLU A 193 -40.98 -9.92 -9.66
C GLU A 193 -40.11 -10.46 -8.56
N PHE A 194 -40.36 -10.02 -7.34
CA PHE A 194 -39.73 -10.58 -6.15
C PHE A 194 -40.54 -11.80 -5.68
N ILE A 195 -39.91 -12.97 -5.68
CA ILE A 195 -40.54 -14.24 -5.34
C ILE A 195 -40.16 -14.61 -3.91
N LEU A 196 -41.16 -14.94 -3.08
CA LEU A 196 -40.87 -15.36 -1.70
C LEU A 196 -40.16 -16.70 -1.70
N VAL A 197 -38.92 -16.74 -1.22
CA VAL A 197 -38.16 -17.99 -1.21
C VAL A 197 -37.77 -18.45 0.18
N ASP A 198 -37.74 -17.58 1.21
CA ASP A 198 -37.44 -18.01 2.57
C ASP A 198 -38.39 -17.30 3.52
N LYS A 199 -39.22 -18.06 4.23
CA LYS A 199 -40.27 -17.54 5.09
C LYS A 199 -39.88 -17.59 6.55
N ASP A 200 -40.19 -16.51 7.29
CA ASP A 200 -40.04 -16.45 8.74
C ASP A 200 -38.65 -16.93 9.16
N VAL A 201 -37.63 -16.26 8.62
CA VAL A 201 -36.25 -16.69 8.78
C VAL A 201 -35.78 -16.44 10.21
N LYS A 202 -35.00 -17.39 10.74
CA LYS A 202 -34.38 -17.29 12.05
C LYS A 202 -32.88 -17.58 11.95
N ILE A 203 -32.08 -16.83 12.72
CA ILE A 203 -30.63 -17.01 12.71
C ILE A 203 -30.26 -18.16 13.64
N LYS A 204 -29.15 -18.85 13.32
CA LYS A 204 -28.60 -19.89 14.20
C LYS A 204 -28.26 -19.34 15.58
N LYS A 205 -28.40 -20.21 16.59
CA LYS A 205 -28.09 -19.79 17.96
C LYS A 205 -26.60 -19.48 18.12
N LYS A 206 -25.73 -20.19 17.41
CA LYS A 206 -24.31 -19.95 17.48
C LYS A 206 -23.70 -20.29 16.13
N GLY A 207 -22.78 -19.44 15.66
CA GLY A 207 -22.15 -19.59 14.36
C GLY A 207 -20.69 -19.99 14.45
N LYS A 208 -20.02 -19.91 13.29
CA LYS A 208 -18.62 -20.30 13.19
C LYS A 208 -17.79 -19.31 12.38
N ILE A 209 -18.29 -18.09 12.16
CA ILE A 209 -17.61 -17.08 11.35
C ILE A 209 -17.64 -15.75 12.11
N TYR A 210 -16.51 -15.06 12.14
CA TYR A 210 -16.48 -13.71 12.65
C TYR A 210 -16.07 -12.76 11.52
N SER A 211 -16.59 -11.53 11.59
CA SER A 211 -16.49 -10.60 10.48
C SER A 211 -16.20 -9.19 10.99
N LEU A 212 -14.99 -8.71 10.71
CA LEU A 212 -14.57 -7.33 10.97
C LEU A 212 -13.26 -7.07 10.21
N ASN A 213 -12.89 -5.80 10.09
CA ASN A 213 -11.66 -5.41 9.43
C ASN A 213 -10.48 -5.58 10.40
N GLU A 214 -9.78 -6.71 10.31
CA GLU A 214 -8.65 -6.94 11.18
C GLU A 214 -7.40 -6.15 10.77
N GLY A 215 -7.43 -5.46 9.62
CA GLY A 215 -6.28 -4.63 9.28
C GLY A 215 -6.05 -3.49 10.24
N TYR A 216 -7.08 -3.05 10.94
CA TYR A 216 -6.99 -1.97 11.91
C TYR A 216 -6.77 -2.46 13.33
N ALA A 217 -6.20 -3.66 13.48
CA ALA A 217 -6.01 -4.27 14.79
C ALA A 217 -5.21 -3.40 15.74
N LYS A 218 -4.28 -2.60 15.22
CA LYS A 218 -3.48 -1.73 16.10
C LYS A 218 -4.37 -0.76 16.88
N ASP A 219 -5.52 -0.40 16.32
CA ASP A 219 -6.42 0.57 16.93
C ASP A 219 -7.56 -0.07 17.71
N PHE A 220 -7.58 -1.40 17.83
CA PHE A 220 -8.69 -2.10 18.49
C PHE A 220 -8.83 -1.70 19.95
N ASP A 221 -10.08 -1.67 20.39
CA ASP A 221 -10.36 -1.70 21.81
C ASP A 221 -9.83 -3.01 22.39
N PRO A 222 -9.29 -3.00 23.62
CA PRO A 222 -8.77 -4.24 24.22
C PRO A 222 -9.77 -5.39 24.28
N ALA A 223 -11.05 -5.10 24.47
CA ALA A 223 -12.05 -6.16 24.50
C ALA A 223 -12.15 -6.85 23.15
N VAL A 224 -12.13 -6.07 22.07
CA VAL A 224 -12.18 -6.64 20.72
C VAL A 224 -10.94 -7.49 20.46
N THR A 225 -9.77 -7.01 20.87
CA THR A 225 -8.53 -7.77 20.66
C THR A 225 -8.64 -9.14 21.31
N GLU A 226 -9.10 -9.19 22.57
CA GLU A 226 -9.20 -10.45 23.28
C GLU A 226 -10.25 -11.38 22.67
N TYR A 227 -11.39 -10.82 22.25
CA TYR A 227 -12.43 -11.66 21.67
C TYR A 227 -11.94 -12.32 20.39
N ILE A 228 -11.31 -11.55 19.50
CA ILE A 228 -10.81 -12.12 18.26
C ILE A 228 -9.73 -13.15 18.58
N GLN A 229 -8.92 -12.88 19.62
CA GLN A 229 -7.93 -13.85 20.09
C GLN A 229 -8.60 -15.16 20.48
N ARG A 230 -9.76 -15.09 21.14
CA ARG A 230 -10.49 -16.29 21.51
C ARG A 230 -11.02 -17.03 20.28
N LYS A 231 -11.37 -16.33 19.21
CA LYS A 231 -11.87 -17.02 18.03
C LYS A 231 -10.78 -17.80 17.33
N LYS A 232 -9.56 -17.24 17.27
CA LYS A 232 -8.47 -17.92 16.57
C LYS A 232 -7.77 -18.96 17.43
N PHE A 233 -7.68 -18.72 18.74
CA PHE A 233 -7.00 -19.63 19.67
C PHE A 233 -7.97 -19.92 20.82
N PRO A 234 -8.98 -20.75 20.60
CA PRO A 234 -9.98 -21.01 21.63
C PRO A 234 -9.32 -21.63 22.85
N PRO A 235 -9.71 -21.21 24.06
CA PRO A 235 -9.03 -21.72 25.26
C PRO A 235 -9.21 -23.21 25.49
N ASP A 236 -10.26 -23.81 24.95
CA ASP A 236 -10.53 -25.23 25.15
C ASP A 236 -10.03 -26.08 24.00
N ASN A 237 -9.19 -25.52 23.13
CA ASN A 237 -8.60 -26.21 21.99
C ASN A 237 -9.64 -26.73 21.00
N SER A 238 -10.84 -26.16 21.01
CA SER A 238 -11.83 -26.43 19.98
C SER A 238 -11.39 -25.77 18.67
N ALA A 239 -12.11 -26.07 17.58
CA ALA A 239 -11.71 -25.55 16.28
C ALA A 239 -11.91 -24.03 16.20
N PRO A 240 -10.93 -23.31 15.66
CA PRO A 240 -11.09 -21.86 15.45
C PRO A 240 -12.23 -21.53 14.50
N TYR A 241 -12.79 -20.32 14.68
CA TYR A 241 -13.77 -19.78 13.76
C TYR A 241 -13.12 -19.42 12.42
N GLY A 242 -13.91 -19.46 11.35
CA GLY A 242 -13.49 -18.84 10.10
C GLY A 242 -13.71 -17.34 10.07
N ALA A 243 -12.95 -16.65 9.20
CA ALA A 243 -13.05 -15.20 9.04
C ALA A 243 -13.55 -14.86 7.63
N ARG A 244 -14.49 -13.91 7.55
CA ARG A 244 -14.99 -13.37 6.28
C ARG A 244 -15.22 -11.87 6.47
N TYR A 245 -14.78 -11.07 5.52
CA TYR A 245 -15.09 -9.64 5.59
C TYR A 245 -15.15 -9.09 4.18
N VAL A 246 -16.37 -8.99 3.64
CA VAL A 246 -16.56 -8.45 2.30
C VAL A 246 -16.23 -6.96 2.29
N GLY A 247 -16.49 -6.26 3.38
CA GLY A 247 -16.34 -4.82 3.39
C GLY A 247 -17.55 -4.09 2.88
N SER A 248 -18.64 -4.80 2.62
CA SER A 248 -19.92 -4.19 2.26
C SER A 248 -20.93 -4.68 3.28
N MET A 249 -21.51 -3.74 4.04
CA MET A 249 -22.25 -4.10 5.23
C MET A 249 -23.42 -5.04 4.91
N VAL A 250 -24.14 -4.78 3.81
CA VAL A 250 -25.29 -5.61 3.47
C VAL A 250 -24.85 -7.04 3.18
N ALA A 251 -23.72 -7.20 2.48
CA ALA A 251 -23.24 -8.54 2.18
C ALA A 251 -22.82 -9.29 3.43
N ASP A 252 -22.07 -8.63 4.32
CA ASP A 252 -21.59 -9.28 5.54
C ASP A 252 -22.74 -9.60 6.49
N VAL A 253 -23.71 -8.69 6.60
CA VAL A 253 -24.85 -8.94 7.48
C VAL A 253 -25.74 -10.04 6.91
N HIS A 254 -25.97 -10.05 5.60
CA HIS A 254 -26.82 -11.11 5.04
C HIS A 254 -26.18 -12.48 5.24
N ARG A 255 -24.86 -12.58 5.07
CA ARG A 255 -24.16 -13.83 5.36
C ARG A 255 -24.33 -14.23 6.84
N THR A 256 -24.23 -13.26 7.75
CA THR A 256 -24.43 -13.53 9.17
C THR A 256 -25.83 -14.09 9.42
N LEU A 257 -26.84 -13.51 8.78
CA LEU A 257 -28.21 -14.02 8.91
C LEU A 257 -28.32 -15.45 8.38
N VAL A 258 -27.72 -15.72 7.22
CA VAL A 258 -27.90 -17.02 6.57
C VAL A 258 -27.07 -18.10 7.25
N TYR A 259 -25.82 -17.79 7.60
CA TYR A 259 -24.92 -18.80 8.14
C TYR A 259 -24.72 -18.68 9.64
N GLY A 260 -25.17 -17.61 10.27
CA GLY A 260 -24.88 -17.39 11.66
C GLY A 260 -23.49 -16.84 11.88
N GLY A 261 -23.18 -16.52 13.14
CA GLY A 261 -21.88 -15.97 13.45
C GLY A 261 -22.00 -14.54 13.93
N ILE A 262 -20.96 -13.75 13.78
CA ILE A 262 -20.95 -12.42 14.38
C ILE A 262 -20.33 -11.43 13.41
N PHE A 263 -20.90 -10.23 13.39
CA PHE A 263 -20.40 -9.12 12.59
C PHE A 263 -20.08 -7.96 13.54
N LEU A 264 -18.89 -7.38 13.40
CA LEU A 264 -18.46 -6.33 14.29
C LEU A 264 -18.00 -5.12 13.49
N TYR A 265 -18.52 -3.94 13.85
CA TYR A 265 -17.91 -2.67 13.50
C TYR A 265 -17.88 -1.84 14.78
N PRO A 266 -16.98 -2.18 15.69
CA PRO A 266 -17.03 -1.62 17.04
C PRO A 266 -16.33 -0.26 17.15
N ALA A 267 -16.63 0.40 18.27
CA ALA A 267 -15.96 1.63 18.65
C ALA A 267 -14.52 1.37 19.10
N ASN A 268 -13.69 2.40 18.97
CA ASN A 268 -12.35 2.45 19.55
C ASN A 268 -12.10 3.89 20.02
N LYS A 269 -10.87 4.18 20.46
CA LYS A 269 -10.57 5.51 20.97
C LYS A 269 -10.57 6.57 19.87
N LYS A 270 -10.09 6.23 18.68
CA LYS A 270 -10.17 7.17 17.56
C LYS A 270 -11.61 7.41 17.13
N SER A 271 -12.47 6.39 17.21
CA SER A 271 -13.87 6.45 16.78
C SER A 271 -14.76 5.97 17.91
N PRO A 272 -14.94 6.78 18.96
CA PRO A 272 -15.67 6.30 20.14
C PRO A 272 -17.13 5.99 19.86
N ASN A 273 -17.66 6.44 18.73
CA ASN A 273 -19.05 6.17 18.38
C ASN A 273 -19.17 5.24 17.17
N GLY A 274 -18.10 4.53 16.80
CA GLY A 274 -18.15 3.67 15.64
C GLY A 274 -18.08 4.51 14.36
N LYS A 275 -18.26 3.83 13.23
CA LYS A 275 -18.29 4.52 11.95
C LYS A 275 -19.63 4.41 11.23
N LEU A 276 -20.36 3.30 11.42
CA LEU A 276 -21.63 3.12 10.72
C LEU A 276 -22.69 4.08 11.26
N ARG A 277 -23.65 4.41 10.40
CA ARG A 277 -24.68 5.40 10.70
C ARG A 277 -25.88 4.74 11.35
N LEU A 278 -26.36 5.33 12.45
CA LEU A 278 -27.41 4.72 13.25
C LEU A 278 -28.74 4.60 12.50
N LEU A 279 -29.17 5.69 11.86
CA LEU A 279 -30.57 5.77 11.39
C LEU A 279 -30.82 4.87 10.18
N TYR A 280 -29.87 4.77 9.25
CA TYR A 280 -30.12 4.06 7.98
C TYR A 280 -29.10 2.96 7.69
N GLU A 281 -28.26 2.60 8.66
CA GLU A 281 -27.44 1.40 8.55
C GLU A 281 -27.63 0.52 9.79
N CYS A 282 -27.34 1.06 10.98
CA CYS A 282 -27.37 0.24 12.19
C CYS A 282 -28.79 -0.17 12.58
N ASN A 283 -29.71 0.79 12.69
CA ASN A 283 -31.07 0.47 13.13
C ASN A 283 -31.78 -0.51 12.21
N PRO A 284 -31.84 -0.32 10.88
CA PRO A 284 -32.53 -1.32 10.06
C PRO A 284 -31.92 -2.71 10.22
N MET A 285 -30.59 -2.82 10.26
CA MET A 285 -29.97 -4.14 10.38
C MET A 285 -30.21 -4.74 11.76
N ALA A 286 -30.19 -3.89 12.80
CA ALA A 286 -30.50 -4.39 14.14
C ALA A 286 -31.93 -4.90 14.20
N TYR A 287 -32.85 -4.21 13.52
CA TYR A 287 -34.24 -4.62 13.52
C TYR A 287 -34.44 -5.97 12.83
N VAL A 288 -33.81 -6.15 11.66
CA VAL A 288 -33.84 -7.45 10.97
C VAL A 288 -33.28 -8.55 11.88
N MET A 289 -32.12 -8.30 12.49
CA MET A 289 -31.52 -9.31 13.37
C MET A 289 -32.46 -9.67 14.51
N GLU A 290 -33.04 -8.67 15.17
CA GLU A 290 -33.90 -8.98 16.31
C GLU A 290 -35.16 -9.75 15.90
N LYS A 291 -35.78 -9.37 14.77
CA LYS A 291 -36.94 -10.12 14.29
C LYS A 291 -36.58 -11.53 13.84
N ALA A 292 -35.31 -11.80 13.53
CA ALA A 292 -34.82 -13.12 13.19
C ALA A 292 -34.30 -13.89 14.39
N GLY A 293 -34.48 -13.36 15.61
CA GLY A 293 -33.97 -14.03 16.78
C GLY A 293 -32.51 -13.80 17.10
N GLY A 294 -31.87 -12.79 16.50
CA GLY A 294 -30.49 -12.46 16.80
C GLY A 294 -30.37 -11.35 17.82
N MET A 295 -29.14 -10.82 17.94
CA MET A 295 -28.86 -9.70 18.83
C MET A 295 -28.05 -8.64 18.11
N ALA A 296 -28.17 -7.41 18.61
CA ALA A 296 -27.46 -6.26 18.06
C ALA A 296 -27.22 -5.27 19.18
N THR A 297 -25.95 -5.02 19.51
CA THR A 297 -25.59 -4.18 20.64
C THR A 297 -24.53 -3.18 20.20
N THR A 298 -24.46 -2.04 20.90
CA THR A 298 -23.32 -1.14 20.77
C THR A 298 -22.16 -1.53 21.67
N GLY A 299 -22.35 -2.52 22.54
CA GLY A 299 -21.43 -2.80 23.62
C GLY A 299 -22.01 -2.35 24.95
N LYS A 300 -22.57 -1.15 24.97
CA LYS A 300 -23.20 -0.57 26.16
C LYS A 300 -24.71 -0.69 26.19
N GLU A 301 -25.36 -0.79 25.02
CA GLU A 301 -26.82 -0.85 24.99
C GLU A 301 -27.28 -1.43 23.66
N ALA A 302 -28.56 -1.80 23.62
CA ALA A 302 -29.16 -2.27 22.38
C ALA A 302 -29.15 -1.16 21.34
N VAL A 303 -28.79 -1.52 20.10
CA VAL A 303 -28.77 -0.55 19.02
C VAL A 303 -30.13 0.14 18.88
N LEU A 304 -31.22 -0.64 18.95
CA LEU A 304 -32.58 -0.12 18.76
C LEU A 304 -33.05 0.78 19.91
N ASP A 305 -32.33 0.80 21.04
CA ASP A 305 -32.70 1.65 22.17
C ASP A 305 -32.00 3.00 22.16
N VAL A 306 -31.01 3.20 21.28
CA VAL A 306 -30.35 4.49 21.24
C VAL A 306 -31.32 5.54 20.73
N ILE A 307 -31.44 6.65 21.46
CA ILE A 307 -32.28 7.76 21.04
C ILE A 307 -31.39 8.76 20.29
N PRO A 308 -31.55 8.91 18.98
CA PRO A 308 -30.63 9.77 18.23
C PRO A 308 -30.91 11.25 18.44
N THR A 309 -29.85 12.04 18.32
CA THR A 309 -29.98 13.48 18.33
C THR A 309 -29.57 14.13 17.03
N ASP A 310 -28.99 13.37 16.10
CA ASP A 310 -28.57 13.90 14.80
C ASP A 310 -28.87 12.81 13.78
N ILE A 311 -29.45 13.19 12.63
CA ILE A 311 -29.90 12.16 11.69
C ILE A 311 -28.73 11.40 11.11
N HIS A 312 -27.52 11.96 11.15
CA HIS A 312 -26.34 11.29 10.60
C HIS A 312 -25.39 10.80 11.68
N GLN A 313 -25.87 10.64 12.90
CA GLN A 313 -24.97 10.23 13.98
C GLN A 313 -24.58 8.78 13.78
N ARG A 314 -23.39 8.46 14.28
CA ARG A 314 -22.80 7.15 14.13
C ARG A 314 -23.08 6.31 15.37
N ALA A 315 -22.98 4.99 15.20
CA ALA A 315 -23.14 4.10 16.33
C ALA A 315 -22.22 2.91 16.10
N PRO A 316 -21.58 2.40 17.15
CA PRO A 316 -20.97 1.07 17.05
C PRO A 316 -22.03 -0.01 16.96
N VAL A 317 -21.67 -1.11 16.28
CA VAL A 317 -22.64 -2.19 16.14
C VAL A 317 -21.91 -3.54 16.17
N ILE A 318 -22.44 -4.46 16.96
CA ILE A 318 -22.03 -5.85 17.02
C ILE A 318 -23.32 -6.66 16.94
N LEU A 319 -23.42 -7.53 15.94
CA LEU A 319 -24.69 -8.21 15.75
C LEU A 319 -24.47 -9.63 15.24
N GLY A 320 -25.52 -10.45 15.35
CA GLY A 320 -25.48 -11.80 14.85
C GLY A 320 -26.09 -12.82 15.79
N SER A 321 -25.53 -14.03 15.76
CA SER A 321 -26.06 -15.12 16.58
C SER A 321 -26.02 -14.71 18.06
N PRO A 322 -27.08 -14.99 18.81
CA PRO A 322 -27.12 -14.50 20.21
C PRO A 322 -26.01 -15.05 21.08
N ASP A 323 -25.64 -16.32 20.93
CA ASP A 323 -24.54 -16.87 21.74
C ASP A 323 -23.21 -16.19 21.43
N ASP A 324 -22.96 -15.84 20.17
CA ASP A 324 -21.70 -15.18 19.83
C ASP A 324 -21.67 -13.74 20.35
N VAL A 325 -22.78 -13.01 20.22
CA VAL A 325 -22.82 -11.65 20.74
C VAL A 325 -22.71 -11.66 22.27
N LEU A 326 -23.32 -12.64 22.93
CA LEU A 326 -23.20 -12.74 24.38
C LEU A 326 -21.77 -13.02 24.81
N GLU A 327 -21.04 -13.84 24.05
CA GLU A 327 -19.63 -14.07 24.37
C GLU A 327 -18.82 -12.80 24.19
N PHE A 328 -19.13 -12.01 23.15
CA PHE A 328 -18.45 -10.73 23.01
C PHE A 328 -18.73 -9.84 24.21
N LEU A 329 -20.00 -9.80 24.64
CA LEU A 329 -20.36 -8.96 25.78
C LEU A 329 -19.69 -9.44 27.06
N LYS A 330 -19.46 -10.74 27.22
CA LYS A 330 -18.73 -11.21 28.39
C LYS A 330 -17.29 -10.70 28.38
N VAL A 331 -16.62 -10.78 27.23
CA VAL A 331 -15.27 -10.23 27.14
C VAL A 331 -15.29 -8.71 27.36
N TYR A 332 -16.30 -8.04 26.79
CA TYR A 332 -16.41 -6.59 26.90
C TYR A 332 -16.56 -6.16 28.36
N GLU A 333 -17.38 -6.90 29.12
CA GLU A 333 -17.57 -6.64 30.55
C GLU A 333 -16.28 -6.87 31.33
N LYS A 334 -15.50 -7.89 30.95
CA LYS A 334 -14.22 -8.13 31.61
C LYS A 334 -13.32 -6.90 31.55
N HIS A 335 -13.38 -6.16 30.44
CA HIS A 335 -12.64 -4.93 30.28
C HIS A 335 -13.46 -3.70 30.70
N SER A 336 -14.50 -3.90 31.53
CA SER A 336 -15.42 -2.85 31.99
C SER A 336 -16.09 -2.09 30.85
N ASP B 10 -13.50 4.11 -30.26
CA ASP B 10 -14.43 3.15 -30.86
C ASP B 10 -14.84 2.04 -29.89
N VAL B 11 -16.14 1.77 -29.86
CA VAL B 11 -16.67 0.66 -29.08
C VAL B 11 -16.04 -0.64 -29.58
N ASN B 12 -15.83 -1.56 -28.66
CA ASN B 12 -15.36 -2.90 -28.99
C ASN B 12 -16.05 -3.90 -28.08
N THR B 13 -16.24 -5.11 -28.63
CA THR B 13 -16.83 -6.22 -27.92
C THR B 13 -15.82 -7.34 -27.81
N LEU B 14 -16.10 -8.30 -26.93
CA LEU B 14 -15.21 -9.45 -26.76
C LEU B 14 -15.02 -10.21 -28.07
N THR B 15 -16.12 -10.52 -28.76
CA THR B 15 -16.01 -11.30 -30.00
C THR B 15 -15.17 -10.59 -31.04
N ARG B 16 -15.45 -9.30 -31.26
CA ARG B 16 -14.73 -8.55 -32.28
C ARG B 16 -13.26 -8.37 -31.89
N PHE B 17 -13.00 -8.15 -30.59
CA PHE B 17 -11.63 -8.04 -30.11
C PHE B 17 -10.84 -9.31 -30.37
N VAL B 18 -11.42 -10.47 -30.05
CA VAL B 18 -10.71 -11.72 -30.23
C VAL B 18 -10.46 -11.98 -31.72
N MET B 19 -11.49 -11.77 -32.55
CA MET B 19 -11.35 -11.96 -34.00
C MET B 19 -10.23 -11.09 -34.58
N GLU B 20 -10.15 -9.83 -34.15
CA GLU B 20 -9.09 -8.93 -34.64
C GLU B 20 -7.71 -9.43 -34.24
N GLU B 21 -7.56 -9.87 -32.99
CA GLU B 21 -6.29 -10.42 -32.54
C GLU B 21 -5.96 -11.72 -33.27
N GLY B 22 -6.96 -12.56 -33.52
CA GLY B 22 -6.71 -13.78 -34.26
C GLY B 22 -6.30 -13.50 -35.70
N ARG B 23 -6.96 -12.53 -36.34
CA ARG B 23 -6.61 -12.17 -37.72
C ARG B 23 -5.19 -11.60 -37.79
N LYS B 24 -4.84 -10.72 -36.84
CA LYS B 24 -3.46 -10.25 -36.75
C LYS B 24 -2.48 -11.42 -36.69
N ALA B 25 -2.74 -12.38 -35.81
CA ALA B 25 -1.85 -13.52 -35.65
C ALA B 25 -1.91 -14.51 -36.79
N ARG B 26 -2.88 -14.39 -37.69
CA ARG B 26 -3.04 -15.30 -38.82
C ARG B 26 -3.16 -16.75 -38.39
N GLY B 27 -3.87 -16.99 -37.29
CA GLY B 27 -4.14 -18.34 -36.87
C GLY B 27 -5.26 -18.96 -37.69
N THR B 28 -5.53 -20.23 -37.41
CA THR B 28 -6.53 -21.00 -38.13
C THR B 28 -7.96 -20.71 -37.70
N GLY B 29 -8.14 -20.07 -36.54
CA GLY B 29 -9.46 -19.74 -36.04
C GLY B 29 -9.97 -20.60 -34.91
N GLU B 30 -9.28 -21.68 -34.55
CA GLU B 30 -9.76 -22.57 -33.49
C GLU B 30 -9.86 -21.86 -32.15
N LEU B 31 -8.85 -21.08 -31.78
CA LEU B 31 -8.88 -20.39 -30.49
C LEU B 31 -10.02 -19.37 -30.42
N THR B 32 -10.27 -18.66 -31.53
CA THR B 32 -11.39 -17.73 -31.56
C THR B 32 -12.72 -18.44 -31.38
N GLN B 33 -12.91 -19.57 -32.05
CA GLN B 33 -14.14 -20.35 -31.86
C GLN B 33 -14.26 -20.86 -30.43
N LEU B 34 -13.13 -21.28 -29.85
CA LEU B 34 -13.10 -21.69 -28.45
C LEU B 34 -13.58 -20.58 -27.53
N LEU B 35 -13.01 -19.38 -27.70
CA LEU B 35 -13.35 -18.27 -26.81
C LEU B 35 -14.80 -17.80 -27.02
N ASN B 36 -15.29 -17.82 -28.25
CA ASN B 36 -16.69 -17.45 -28.48
C ASN B 36 -17.64 -18.43 -27.82
N SER B 37 -17.33 -19.72 -27.88
CA SER B 37 -18.17 -20.73 -27.25
C SER B 37 -18.17 -20.55 -25.74
N LEU B 38 -17.00 -20.31 -25.16
CA LEU B 38 -16.91 -20.05 -23.73
C LEU B 38 -17.70 -18.80 -23.33
N CYS B 39 -17.63 -17.75 -24.15
CA CYS B 39 -18.36 -16.53 -23.88
C CYS B 39 -19.87 -16.76 -23.89
N THR B 40 -20.37 -17.64 -24.77
CA THR B 40 -21.79 -18.01 -24.72
C THR B 40 -22.13 -18.74 -23.42
N ALA B 41 -21.28 -19.68 -23.01
CA ALA B 41 -21.49 -20.39 -21.76
C ALA B 41 -21.50 -19.44 -20.58
N VAL B 42 -20.60 -18.44 -20.59
CA VAL B 42 -20.52 -17.49 -19.49
C VAL B 42 -21.80 -16.66 -19.40
N LYS B 43 -22.34 -16.25 -20.54
CA LYS B 43 -23.61 -15.51 -20.51
C LYS B 43 -24.75 -16.38 -19.99
N ALA B 44 -24.74 -17.67 -20.33
CA ALA B 44 -25.80 -18.55 -19.83
C ALA B 44 -25.64 -18.81 -18.33
N ILE B 45 -24.40 -18.94 -17.86
CA ILE B 45 -24.16 -19.09 -16.43
C ILE B 45 -24.61 -17.84 -15.67
N SER B 46 -24.26 -16.66 -16.19
CA SER B 46 -24.65 -15.42 -15.51
C SER B 46 -26.17 -15.35 -15.35
N SER B 47 -26.91 -15.70 -16.42
CA SER B 47 -28.37 -15.66 -16.36
C SER B 47 -28.89 -16.56 -15.26
N ALA B 48 -28.34 -17.78 -15.14
CA ALA B 48 -28.82 -18.70 -14.11
C ALA B 48 -28.43 -18.22 -12.72
N VAL B 49 -27.22 -17.66 -12.58
CA VAL B 49 -26.73 -17.21 -11.27
C VAL B 49 -27.58 -16.06 -10.76
N ARG B 50 -28.01 -15.16 -11.65
CA ARG B 50 -28.90 -14.08 -11.25
C ARG B 50 -30.35 -14.56 -11.10
N LYS B 51 -30.58 -15.86 -11.26
CA LYS B 51 -31.87 -16.49 -10.94
C LYS B 51 -32.97 -16.18 -11.94
N ALA B 52 -32.62 -15.96 -13.21
CA ALA B 52 -33.64 -15.86 -14.25
C ALA B 52 -34.48 -17.15 -14.23
N GLY B 53 -35.80 -16.98 -14.22
CA GLY B 53 -36.67 -18.15 -14.23
C GLY B 53 -36.95 -18.79 -12.88
N ILE B 54 -36.45 -18.22 -11.78
CA ILE B 54 -36.69 -18.85 -10.50
C ILE B 54 -38.20 -18.88 -10.17
N ALA B 55 -38.99 -17.97 -10.74
CA ALA B 55 -40.43 -18.02 -10.48
C ALA B 55 -41.04 -19.36 -10.90
N HIS B 56 -40.49 -19.98 -11.96
CA HIS B 56 -41.01 -21.27 -12.41
C HIS B 56 -40.64 -22.39 -11.45
N LEU B 57 -39.49 -22.30 -10.79
CA LEU B 57 -39.15 -23.28 -9.76
C LEU B 57 -40.07 -23.17 -8.56
N TYR B 58 -40.63 -21.98 -8.29
CA TYR B 58 -41.47 -21.79 -7.13
C TYR B 58 -42.94 -21.78 -7.48
N GLY B 59 -43.30 -22.25 -8.67
CA GLY B 59 -44.67 -22.60 -8.97
C GLY B 59 -45.55 -21.56 -9.62
N ILE B 60 -44.98 -20.59 -10.34
CA ILE B 60 -45.81 -19.55 -10.94
C ILE B 60 -46.80 -20.14 -11.94
N ALA B 61 -46.44 -21.24 -12.61
CA ALA B 61 -47.38 -21.87 -13.54
C ALA B 61 -48.02 -23.11 -12.96
N GLY B 62 -48.01 -23.27 -11.63
CA GLY B 62 -48.61 -24.44 -11.00
C GLY B 62 -47.64 -25.58 -10.79
N LYS B 73 -27.27 -27.79 -7.73
CA LYS B 73 -27.72 -27.88 -9.11
C LYS B 73 -27.08 -26.82 -9.97
N LEU B 74 -26.86 -25.64 -9.40
CA LEU B 74 -26.30 -24.53 -10.16
C LEU B 74 -24.89 -24.85 -10.63
N ASP B 75 -24.07 -25.44 -9.76
CA ASP B 75 -22.73 -25.77 -10.19
C ASP B 75 -22.74 -26.93 -11.18
N VAL B 76 -23.71 -27.84 -11.08
CA VAL B 76 -23.83 -28.90 -12.07
C VAL B 76 -24.23 -28.33 -13.43
N LEU B 77 -25.23 -27.42 -13.42
CA LEU B 77 -25.64 -26.77 -14.66
C LEU B 77 -24.49 -25.99 -15.28
N SER B 78 -23.74 -25.26 -14.44
CA SER B 78 -22.60 -24.50 -14.94
C SER B 78 -21.58 -25.41 -15.62
N ASN B 79 -21.27 -26.55 -15.01
CA ASN B 79 -20.35 -27.50 -15.63
C ASN B 79 -20.90 -28.01 -16.96
N ASP B 80 -22.21 -28.32 -17.01
CA ASP B 80 -22.83 -28.83 -18.24
C ASP B 80 -22.77 -27.79 -19.36
N LEU B 81 -22.98 -26.52 -19.02
CA LEU B 81 -22.91 -25.46 -20.02
C LEU B 81 -21.50 -25.34 -20.59
N VAL B 82 -20.50 -25.31 -19.71
CA VAL B 82 -19.13 -25.14 -20.21
C VAL B 82 -18.71 -26.35 -21.04
N MET B 83 -18.95 -27.55 -20.52
CA MET B 83 -18.58 -28.77 -21.24
C MET B 83 -19.23 -28.83 -22.62
N ASN B 84 -20.54 -28.57 -22.70
CA ASN B 84 -21.22 -28.73 -23.98
C ASN B 84 -20.80 -27.67 -24.99
N MET B 85 -20.62 -26.42 -24.56
CA MET B 85 -20.21 -25.40 -25.50
C MET B 85 -18.77 -25.65 -25.97
N LEU B 86 -17.91 -26.13 -25.08
CA LEU B 86 -16.53 -26.43 -25.47
C LEU B 86 -16.45 -27.66 -26.37
N LYS B 87 -17.20 -28.71 -26.04
CA LYS B 87 -17.25 -29.90 -26.89
C LYS B 87 -17.70 -29.55 -28.30
N SER B 88 -18.77 -28.77 -28.41
CA SER B 88 -19.36 -28.43 -29.70
C SER B 88 -18.61 -27.34 -30.44
N SER B 89 -17.56 -26.77 -29.86
CA SER B 89 -16.78 -25.76 -30.54
C SER B 89 -15.86 -26.35 -31.60
N PHE B 90 -15.60 -27.66 -31.54
CA PHE B 90 -14.62 -28.33 -32.40
C PHE B 90 -13.21 -27.82 -32.19
N ALA B 91 -12.92 -27.18 -31.04
CA ALA B 91 -11.61 -26.62 -30.77
C ALA B 91 -10.87 -27.33 -29.65
N THR B 92 -11.47 -28.31 -28.98
CA THR B 92 -10.89 -28.90 -27.78
C THR B 92 -10.77 -30.41 -27.90
N CYS B 93 -9.87 -30.99 -27.12
CA CYS B 93 -9.74 -32.44 -27.10
C CYS B 93 -9.74 -33.00 -25.69
N VAL B 94 -9.32 -32.20 -24.71
CA VAL B 94 -9.27 -32.64 -23.32
C VAL B 94 -9.84 -31.54 -22.45
N LEU B 95 -10.78 -31.90 -21.57
CA LEU B 95 -11.44 -30.94 -20.68
C LEU B 95 -11.25 -31.40 -19.25
N VAL B 96 -10.72 -30.52 -18.42
CA VAL B 96 -10.51 -30.78 -17.01
C VAL B 96 -11.37 -29.82 -16.23
N SER B 97 -12.23 -30.35 -15.37
CA SER B 97 -13.15 -29.56 -14.58
C SER B 97 -13.02 -29.94 -13.11
N GLU B 98 -13.11 -28.93 -12.24
CA GLU B 98 -13.23 -29.19 -10.82
C GLU B 98 -14.32 -30.22 -10.54
N GLU B 99 -15.33 -30.28 -11.40
CA GLU B 99 -16.50 -31.12 -11.19
C GLU B 99 -16.30 -32.57 -11.59
N ASP B 100 -15.21 -32.91 -12.28
CA ASP B 100 -15.03 -34.25 -12.85
C ASP B 100 -13.76 -34.89 -12.31
N LYS B 101 -13.89 -36.13 -11.82
CA LYS B 101 -12.75 -36.80 -11.20
C LYS B 101 -11.64 -37.05 -12.21
N HIS B 102 -11.99 -37.45 -13.42
CA HIS B 102 -11.04 -37.67 -14.50
C HIS B 102 -11.23 -36.64 -15.60
N ALA B 103 -10.19 -36.43 -16.38
CA ALA B 103 -10.31 -35.57 -17.54
C ALA B 103 -11.35 -36.15 -18.50
N ILE B 104 -12.08 -35.25 -19.16
CA ILE B 104 -13.01 -35.63 -20.22
C ILE B 104 -12.25 -35.59 -21.55
N ILE B 105 -12.34 -36.67 -22.31
CA ILE B 105 -11.74 -36.73 -23.65
C ILE B 105 -12.85 -36.49 -24.66
N VAL B 106 -12.70 -35.45 -25.49
CA VAL B 106 -13.73 -35.13 -26.46
C VAL B 106 -13.81 -36.25 -27.50
N GLU B 107 -15.03 -36.58 -27.91
CA GLU B 107 -15.17 -37.64 -28.90
C GLU B 107 -14.50 -37.24 -30.21
N PRO B 108 -13.98 -38.20 -30.97
CA PRO B 108 -13.01 -37.86 -32.05
C PRO B 108 -13.50 -36.87 -33.10
N GLU B 109 -14.75 -36.95 -33.57
CA GLU B 109 -15.15 -36.06 -34.67
C GLU B 109 -15.31 -34.63 -34.24
N LYS B 110 -15.27 -34.33 -32.94
CA LYS B 110 -15.40 -32.98 -32.43
C LYS B 110 -14.08 -32.44 -31.89
N ARG B 111 -12.99 -33.16 -32.10
CA ARG B 111 -11.72 -32.81 -31.50
C ARG B 111 -11.05 -31.64 -32.20
N GLY B 112 -10.50 -30.74 -31.39
CA GLY B 112 -9.61 -29.71 -31.86
C GLY B 112 -8.32 -29.84 -31.10
N LYS B 113 -7.47 -28.81 -31.13
CA LYS B 113 -6.10 -28.94 -30.64
C LYS B 113 -5.89 -28.43 -29.21
N TYR B 114 -6.93 -27.93 -28.54
CA TYR B 114 -6.72 -27.25 -27.26
C TYR B 114 -7.19 -28.06 -26.07
N VAL B 115 -6.52 -27.82 -24.94
CA VAL B 115 -6.85 -28.37 -23.64
C VAL B 115 -7.35 -27.23 -22.77
N VAL B 116 -8.51 -27.41 -22.12
CA VAL B 116 -9.11 -26.38 -21.29
C VAL B 116 -9.31 -26.95 -19.89
N CYS B 117 -8.78 -26.24 -18.89
CA CYS B 117 -9.01 -26.53 -17.48
C CYS B 117 -9.86 -25.42 -16.91
N PHE B 118 -10.91 -25.77 -16.17
CA PHE B 118 -11.80 -24.73 -15.71
C PHE B 118 -12.48 -25.09 -14.40
N ASP B 119 -12.87 -24.06 -13.67
CA ASP B 119 -13.74 -24.18 -12.51
C ASP B 119 -15.03 -23.49 -12.88
N PRO B 120 -16.11 -24.22 -13.17
CA PRO B 120 -17.28 -23.58 -13.80
C PRO B 120 -18.01 -22.62 -12.88
N LEU B 121 -17.99 -22.85 -11.57
CA LEU B 121 -18.68 -21.93 -10.66
C LEU B 121 -17.91 -21.93 -9.34
N ASP B 122 -16.79 -21.23 -9.34
CA ASP B 122 -15.96 -21.13 -8.15
C ASP B 122 -16.66 -20.30 -7.09
N GLY B 123 -16.58 -20.75 -5.84
CA GLY B 123 -17.23 -20.11 -4.71
C GLY B 123 -18.66 -20.54 -4.45
N SER B 124 -19.19 -21.49 -5.23
CA SER B 124 -20.61 -21.83 -5.16
C SER B 124 -21.02 -22.53 -3.87
N SER B 125 -20.08 -23.02 -3.07
CA SER B 125 -20.43 -23.65 -1.80
C SER B 125 -21.15 -22.66 -0.88
N ASN B 126 -20.83 -21.37 -0.99
CA ASN B 126 -21.44 -20.33 -0.19
C ASN B 126 -22.43 -19.48 -0.99
N ILE B 127 -22.90 -19.98 -2.14
CA ILE B 127 -23.85 -19.20 -2.93
C ILE B 127 -25.19 -19.02 -2.22
N ASP B 128 -25.41 -19.76 -1.13
CA ASP B 128 -26.61 -19.59 -0.32
C ASP B 128 -26.73 -18.17 0.23
N CYS B 129 -25.62 -17.47 0.43
CA CYS B 129 -25.65 -16.10 0.91
C CYS B 129 -25.43 -15.07 -0.18
N LEU B 130 -25.50 -15.50 -1.46
CA LEU B 130 -25.44 -14.60 -2.61
C LEU B 130 -24.09 -13.92 -2.72
N VAL B 131 -23.07 -14.56 -2.16
CA VAL B 131 -21.70 -14.10 -2.34
C VAL B 131 -21.35 -14.13 -3.82
N SER B 132 -20.48 -13.21 -4.24
CA SER B 132 -19.96 -13.26 -5.61
C SER B 132 -19.38 -14.63 -5.94
N VAL B 133 -19.66 -15.11 -7.15
CA VAL B 133 -19.09 -16.36 -7.65
C VAL B 133 -18.50 -16.11 -9.02
N GLY B 134 -17.82 -17.12 -9.57
CA GLY B 134 -17.16 -16.89 -10.84
C GLY B 134 -16.79 -18.19 -11.55
N THR B 135 -16.35 -18.03 -12.80
CA THR B 135 -15.86 -19.11 -13.64
C THR B 135 -14.39 -18.81 -13.96
N ILE B 136 -13.52 -19.81 -13.80
CA ILE B 136 -12.09 -19.65 -14.05
C ILE B 136 -11.68 -20.60 -15.17
N PHE B 137 -10.82 -20.14 -16.09
CA PHE B 137 -10.43 -21.01 -17.20
C PHE B 137 -8.98 -20.76 -17.60
N GLY B 138 -8.34 -21.83 -18.07
CA GLY B 138 -7.01 -21.79 -18.65
C GLY B 138 -6.95 -22.66 -19.88
N ILE B 139 -6.28 -22.20 -20.94
CA ILE B 139 -6.30 -22.86 -22.24
C ILE B 139 -4.86 -23.20 -22.63
N TYR B 140 -4.61 -24.48 -22.92
CA TYR B 140 -3.31 -24.95 -23.38
C TYR B 140 -3.43 -25.57 -24.78
N ARG B 141 -2.33 -25.53 -25.53
CA ARG B 141 -2.26 -26.40 -26.70
C ARG B 141 -1.87 -27.80 -26.26
N LYS B 142 -2.46 -28.80 -26.91
CA LYS B 142 -2.16 -30.19 -26.56
C LYS B 142 -0.72 -30.54 -26.92
N LYS B 143 -0.17 -31.50 -26.18
CA LYS B 143 1.22 -31.94 -26.35
C LYS B 143 1.35 -33.11 -27.30
N SER B 144 0.33 -33.95 -27.41
CA SER B 144 0.44 -35.15 -28.22
C SER B 144 0.02 -34.87 -29.65
N THR B 145 0.56 -35.67 -30.57
CA THR B 145 0.23 -35.54 -31.98
C THR B 145 -0.92 -36.44 -32.40
N ASP B 146 -1.45 -37.24 -31.49
CA ASP B 146 -2.57 -38.17 -31.64
C ASP B 146 -2.93 -38.66 -30.25
N GLU B 147 -4.16 -39.14 -30.11
CA GLU B 147 -4.59 -39.86 -28.92
C GLU B 147 -4.54 -38.96 -27.70
N PRO B 148 -5.39 -37.94 -27.63
CA PRO B 148 -5.38 -37.05 -26.45
C PRO B 148 -5.64 -37.83 -25.17
N SER B 149 -5.06 -37.36 -24.08
CA SER B 149 -5.24 -38.01 -22.80
C SER B 149 -5.05 -37.00 -21.67
N GLU B 150 -5.32 -37.47 -20.45
CA GLU B 150 -5.15 -36.63 -19.26
C GLU B 150 -3.75 -36.03 -19.19
N LYS B 151 -2.74 -36.74 -19.72
CA LYS B 151 -1.37 -36.25 -19.68
C LYS B 151 -1.24 -34.90 -20.37
N ASP B 152 -2.10 -34.64 -21.36
CA ASP B 152 -2.06 -33.35 -22.05
C ASP B 152 -2.44 -32.19 -21.14
N ALA B 153 -3.08 -32.47 -20.02
CA ALA B 153 -3.43 -31.44 -19.06
C ALA B 153 -2.36 -31.21 -18.02
N LEU B 154 -1.35 -32.07 -17.96
CA LEU B 154 -0.31 -31.97 -16.94
C LEU B 154 0.86 -31.12 -17.43
N GLN B 155 0.53 -29.86 -17.74
CA GLN B 155 1.52 -28.89 -18.18
C GLN B 155 1.70 -27.77 -17.15
N PRO B 156 2.89 -27.20 -17.05
CA PRO B 156 3.07 -26.01 -16.20
C PRO B 156 2.32 -24.82 -16.77
N GLY B 157 1.92 -23.92 -15.88
CA GLY B 157 1.16 -22.73 -16.26
C GLY B 157 1.87 -21.85 -17.27
N ARG B 158 3.20 -21.92 -17.33
CA ARG B 158 3.98 -21.20 -18.33
C ARG B 158 3.55 -21.55 -19.75
N ASN B 159 2.94 -22.71 -19.96
CA ASN B 159 2.51 -23.12 -21.30
C ASN B 159 1.17 -22.52 -21.70
N LEU B 160 0.53 -21.74 -20.82
CA LEU B 160 -0.78 -21.21 -21.11
C LEU B 160 -0.75 -20.30 -22.34
N VAL B 161 -1.75 -20.47 -23.18
CA VAL B 161 -1.99 -19.62 -24.33
C VAL B 161 -2.99 -18.50 -24.02
N ALA B 162 -3.97 -18.80 -23.18
CA ALA B 162 -4.96 -17.81 -22.76
C ALA B 162 -5.56 -18.27 -21.45
N ALA B 163 -5.98 -17.31 -20.63
CA ALA B 163 -6.63 -17.62 -19.37
C ALA B 163 -7.42 -16.42 -18.89
N GLY B 164 -8.30 -16.66 -17.93
CA GLY B 164 -9.05 -15.57 -17.35
C GLY B 164 -10.17 -16.07 -16.47
N TYR B 165 -11.14 -15.19 -16.22
CA TYR B 165 -12.24 -15.54 -15.36
C TYR B 165 -13.43 -14.64 -15.68
N ALA B 166 -14.62 -15.13 -15.34
CA ALA B 166 -15.81 -14.32 -15.32
C ALA B 166 -16.22 -14.15 -13.86
N LEU B 167 -16.51 -12.93 -13.46
CA LEU B 167 -16.95 -12.63 -12.10
C LEU B 167 -18.42 -12.28 -12.18
N TYR B 168 -19.27 -13.05 -11.48
CA TYR B 168 -20.69 -12.75 -11.36
C TYR B 168 -20.85 -12.00 -10.03
N GLY B 169 -20.55 -10.71 -10.07
CA GLY B 169 -20.58 -9.89 -8.85
C GLY B 169 -21.76 -8.95 -8.91
N SER B 170 -21.58 -7.70 -8.47
CA SER B 170 -22.65 -6.74 -8.62
C SER B 170 -23.01 -6.55 -10.09
N ALA B 171 -22.03 -6.66 -10.98
CA ALA B 171 -22.26 -6.86 -12.41
C ALA B 171 -21.39 -8.04 -12.82
N THR B 172 -21.55 -8.48 -14.08
CA THR B 172 -20.77 -9.58 -14.63
C THR B 172 -19.64 -9.05 -15.52
N MET B 173 -18.42 -9.48 -15.24
CA MET B 173 -17.27 -9.02 -15.99
C MET B 173 -16.42 -10.22 -16.38
N LEU B 174 -15.91 -10.20 -17.60
CA LEU B 174 -15.00 -11.22 -18.07
C LEU B 174 -13.62 -10.61 -18.24
N VAL B 175 -12.62 -11.21 -17.60
CA VAL B 175 -11.23 -10.77 -17.67
C VAL B 175 -10.44 -11.81 -18.46
N LEU B 176 -9.81 -11.39 -19.55
CA LEU B 176 -9.12 -12.30 -20.46
C LEU B 176 -7.67 -11.88 -20.59
N ALA B 177 -6.76 -12.80 -20.31
CA ALA B 177 -5.32 -12.56 -20.42
C ALA B 177 -4.77 -13.39 -21.57
N MET B 178 -3.95 -12.74 -22.40
CA MET B 178 -3.23 -13.38 -23.49
C MET B 178 -1.88 -12.68 -23.61
N ASP B 179 -1.08 -13.07 -24.61
CA ASP B 179 0.23 -12.45 -24.82
C ASP B 179 0.11 -10.94 -24.97
N CYS B 180 -0.97 -10.45 -25.57
CA CYS B 180 -1.15 -9.02 -25.77
C CYS B 180 -1.51 -8.26 -24.50
N GLY B 181 -1.66 -8.93 -23.35
CA GLY B 181 -2.00 -8.27 -22.10
C GLY B 181 -3.36 -8.71 -21.58
N VAL B 182 -3.89 -7.94 -20.63
CA VAL B 182 -5.12 -8.25 -19.92
C VAL B 182 -6.18 -7.22 -20.30
N ASN B 183 -7.38 -7.69 -20.68
CA ASN B 183 -8.49 -6.82 -21.05
C ASN B 183 -9.77 -7.24 -20.34
N CYS B 184 -10.58 -6.25 -19.95
CA CYS B 184 -11.75 -6.43 -19.10
C CYS B 184 -13.02 -6.05 -19.85
N PHE B 185 -14.01 -6.93 -19.84
CA PHE B 185 -15.23 -6.75 -20.60
C PHE B 185 -16.43 -6.84 -19.67
N MET B 186 -17.30 -5.85 -19.72
CA MET B 186 -18.51 -5.83 -18.92
C MET B 186 -19.63 -6.42 -19.75
N LEU B 187 -20.35 -7.37 -19.18
CA LEU B 187 -21.55 -7.90 -19.83
C LEU B 187 -22.67 -6.87 -19.74
N ASP B 188 -23.17 -6.42 -20.89
CA ASP B 188 -24.35 -5.57 -20.91
C ASP B 188 -25.57 -6.49 -21.02
N PRO B 189 -26.32 -6.70 -19.94
CA PRO B 189 -27.41 -7.69 -19.99
C PRO B 189 -28.58 -7.27 -20.88
N ALA B 190 -28.70 -5.98 -21.21
CA ALA B 190 -29.77 -5.55 -22.09
C ALA B 190 -29.59 -6.09 -23.50
N ILE B 191 -28.35 -6.31 -23.93
CA ILE B 191 -28.07 -6.81 -25.27
C ILE B 191 -27.26 -8.09 -25.26
N GLY B 192 -26.87 -8.59 -24.07
CA GLY B 192 -26.12 -9.82 -24.04
C GLY B 192 -24.82 -9.72 -24.81
N GLU B 193 -24.07 -8.64 -24.56
CA GLU B 193 -22.77 -8.45 -25.20
C GLU B 193 -21.74 -8.05 -24.16
N PHE B 194 -20.52 -8.58 -24.28
CA PHE B 194 -19.39 -8.19 -23.45
C PHE B 194 -18.71 -6.98 -24.08
N ILE B 195 -18.70 -5.86 -23.37
CA ILE B 195 -18.19 -4.59 -23.86
C ILE B 195 -16.80 -4.35 -23.26
N LEU B 196 -15.83 -4.03 -24.12
CA LEU B 196 -14.49 -3.73 -23.64
C LEU B 196 -14.51 -2.42 -22.86
N VAL B 197 -14.20 -2.47 -21.55
CA VAL B 197 -14.27 -1.29 -20.70
C VAL B 197 -12.91 -0.94 -20.08
N ASP B 198 -11.96 -1.87 -19.99
CA ASP B 198 -10.64 -1.60 -19.44
C ASP B 198 -9.60 -2.31 -20.31
N LYS B 199 -8.72 -1.54 -20.94
CA LYS B 199 -7.77 -2.07 -21.92
C LYS B 199 -6.39 -2.19 -21.30
N ASP B 200 -5.71 -3.31 -21.60
CA ASP B 200 -4.30 -3.51 -21.25
C ASP B 200 -4.03 -3.13 -19.79
N VAL B 201 -4.76 -3.81 -18.90
CA VAL B 201 -4.73 -3.48 -17.48
C VAL B 201 -3.41 -3.87 -16.85
N LYS B 202 -2.93 -3.02 -15.95
CA LYS B 202 -1.73 -3.29 -15.15
C LYS B 202 -2.09 -3.10 -13.68
N ILE B 203 -1.56 -3.96 -12.83
CA ILE B 203 -1.85 -3.87 -11.41
C ILE B 203 -0.96 -2.80 -10.79
N LYS B 204 -1.45 -2.15 -9.73
CA LYS B 204 -0.61 -1.22 -8.99
C LYS B 204 0.62 -1.92 -8.48
N LYS B 205 1.73 -1.17 -8.44
CA LYS B 205 3.00 -1.73 -7.98
C LYS B 205 2.93 -2.10 -6.49
N LYS B 206 2.17 -1.36 -5.70
CA LYS B 206 2.04 -1.62 -4.28
C LYS B 206 0.63 -1.25 -3.87
N GLY B 207 -0.01 -2.12 -3.08
CA GLY B 207 -1.38 -1.92 -2.66
C GLY B 207 -1.48 -1.55 -1.19
N LYS B 208 -2.72 -1.59 -0.69
CA LYS B 208 -3.00 -1.24 0.69
C LYS B 208 -4.00 -2.22 1.32
N ILE B 209 -4.21 -3.38 0.71
CA ILE B 209 -5.15 -4.38 1.20
C ILE B 209 -4.47 -5.73 1.18
N TYR B 210 -4.65 -6.51 2.24
CA TYR B 210 -4.23 -7.90 2.24
C TYR B 210 -5.46 -8.78 2.44
N SER B 211 -5.43 -9.98 1.85
CA SER B 211 -6.62 -10.82 1.77
C SER B 211 -6.25 -12.27 2.10
N LEU B 212 -6.73 -12.76 3.24
CA LEU B 212 -6.60 -14.17 3.60
C LEU B 212 -7.52 -14.48 4.77
N ASN B 213 -7.76 -15.77 4.98
CA ASN B 213 -8.62 -16.24 6.09
C ASN B 213 -7.80 -16.28 7.37
N GLU B 214 -7.91 -15.23 8.19
CA GLU B 214 -7.14 -15.17 9.43
C GLU B 214 -7.69 -16.10 10.50
N GLY B 215 -8.83 -16.76 10.27
CA GLY B 215 -9.34 -17.74 11.22
C GLY B 215 -8.43 -18.93 11.41
N TYR B 216 -7.55 -19.21 10.45
CA TYR B 216 -6.60 -20.29 10.54
C TYR B 216 -5.24 -19.83 11.09
N ALA B 217 -5.21 -18.70 11.81
CA ALA B 217 -3.94 -18.15 12.30
C ALA B 217 -3.15 -19.16 13.13
N LYS B 218 -3.83 -20.05 13.85
CA LYS B 218 -3.17 -21.06 14.68
C LYS B 218 -2.27 -21.98 13.86
N ASP B 219 -2.58 -22.18 12.57
CA ASP B 219 -1.83 -23.10 11.73
C ASP B 219 -0.81 -22.41 10.84
N PHE B 220 -0.70 -21.09 10.90
CA PHE B 220 0.12 -20.38 9.94
C PHE B 220 1.59 -20.77 10.03
N ASP B 221 2.23 -20.77 8.87
CA ASP B 221 3.67 -20.76 8.77
C ASP B 221 4.20 -19.51 9.47
N PRO B 222 5.32 -19.62 10.21
CA PRO B 222 5.85 -18.42 10.89
C PRO B 222 6.08 -17.24 9.95
N ALA B 223 6.45 -17.52 8.70
CA ALA B 223 6.63 -16.44 7.73
C ALA B 223 5.32 -15.72 7.44
N VAL B 224 4.23 -16.47 7.25
CA VAL B 224 2.93 -15.83 7.06
C VAL B 224 2.55 -15.02 8.30
N THR B 225 2.82 -15.58 9.49
CA THR B 225 2.53 -14.87 10.73
C THR B 225 3.26 -13.53 10.78
N GLU B 226 4.56 -13.52 10.44
CA GLU B 226 5.32 -12.29 10.50
C GLU B 226 4.87 -11.29 9.43
N TYR B 227 4.58 -11.78 8.23
CA TYR B 227 4.16 -10.87 7.16
C TYR B 227 2.87 -10.16 7.53
N ILE B 228 1.88 -10.91 8.05
CA ILE B 228 0.61 -10.29 8.41
C ILE B 228 0.81 -9.30 9.55
N GLN B 229 1.69 -9.62 10.49
CA GLN B 229 1.95 -8.68 11.58
C GLN B 229 2.48 -7.35 11.03
N ARG B 230 3.34 -7.42 10.01
CA ARG B 230 3.86 -6.21 9.38
C ARG B 230 2.77 -5.37 8.74
N LYS B 231 1.69 -6.03 8.26
CA LYS B 231 0.59 -5.29 7.66
C LYS B 231 -0.23 -4.55 8.71
N LYS B 232 -0.40 -5.16 9.89
CA LYS B 232 -1.19 -4.52 10.93
C LYS B 232 -0.38 -3.54 11.76
N PHE B 233 0.90 -3.81 11.98
CA PHE B 233 1.77 -2.96 12.80
C PHE B 233 3.02 -2.63 11.98
N PRO B 234 2.92 -1.72 11.02
CA PRO B 234 4.04 -1.47 10.12
C PRO B 234 5.25 -0.95 10.86
N PRO B 235 6.43 -1.48 10.57
CA PRO B 235 7.64 -1.03 11.30
C PRO B 235 8.06 0.40 11.00
N ASP B 236 7.72 0.93 9.82
CA ASP B 236 8.18 2.25 9.39
C ASP B 236 7.12 3.34 9.57
N ASN B 237 6.12 3.11 10.42
CA ASN B 237 5.06 4.08 10.72
C ASN B 237 4.20 4.42 9.51
N SER B 238 4.20 3.59 8.48
CA SER B 238 3.23 3.79 7.41
C SER B 238 1.86 3.34 7.89
N ALA B 239 0.83 3.65 7.11
CA ALA B 239 -0.51 3.29 7.50
C ALA B 239 -0.70 1.77 7.45
N PRO B 240 -1.38 1.19 8.43
CA PRO B 240 -1.69 -0.25 8.35
C PRO B 240 -2.54 -0.53 7.12
N TYR B 241 -2.37 -1.74 6.58
CA TYR B 241 -3.23 -2.18 5.48
C TYR B 241 -4.64 -2.46 5.99
N GLY B 242 -5.62 -2.26 5.10
CA GLY B 242 -6.95 -2.80 5.35
C GLY B 242 -7.02 -4.27 5.01
N ALA B 243 -7.99 -4.96 5.59
CA ALA B 243 -8.20 -6.38 5.36
C ALA B 243 -9.51 -6.60 4.64
N ARG B 244 -9.50 -7.51 3.65
CA ARG B 244 -10.71 -7.92 2.95
C ARG B 244 -10.57 -9.41 2.65
N TYR B 245 -11.63 -10.18 2.89
CA TYR B 245 -11.60 -11.59 2.51
C TYR B 245 -13.03 -12.00 2.21
N VAL B 246 -13.39 -12.01 0.92
CA VAL B 246 -14.73 -12.41 0.53
C VAL B 246 -14.93 -13.90 0.78
N GLY B 247 -13.88 -14.70 0.63
CA GLY B 247 -14.05 -16.13 0.70
C GLY B 247 -14.43 -16.75 -0.62
N SER B 248 -14.43 -15.96 -1.70
CA SER B 248 -14.68 -16.43 -3.06
C SER B 248 -13.48 -16.00 -3.89
N MET B 249 -12.72 -16.97 -4.40
CA MET B 249 -11.40 -16.64 -4.93
C MET B 249 -11.49 -15.64 -6.08
N VAL B 250 -12.48 -15.77 -6.96
CA VAL B 250 -12.56 -14.84 -8.09
C VAL B 250 -12.82 -13.42 -7.61
N ALA B 251 -13.69 -13.26 -6.61
CA ALA B 251 -13.99 -11.92 -6.12
C ALA B 251 -12.75 -11.29 -5.47
N ASP B 252 -12.02 -12.06 -4.65
CA ASP B 252 -10.83 -11.53 -3.96
C ASP B 252 -9.68 -11.24 -4.93
N VAL B 253 -9.49 -12.10 -5.93
CA VAL B 253 -8.43 -11.86 -6.90
C VAL B 253 -8.76 -10.66 -7.80
N HIS B 254 -10.02 -10.52 -8.20
CA HIS B 254 -10.39 -9.36 -9.02
C HIS B 254 -10.21 -8.05 -8.27
N ARG B 255 -10.57 -8.04 -6.98
CA ARG B 255 -10.31 -6.86 -6.17
C ARG B 255 -8.81 -6.57 -6.11
N THR B 256 -7.98 -7.62 -6.00
CA THR B 256 -6.53 -7.42 -5.97
C THR B 256 -6.04 -6.81 -7.28
N LEU B 257 -6.55 -7.28 -8.42
CA LEU B 257 -6.17 -6.72 -9.70
C LEU B 257 -6.59 -5.25 -9.81
N VAL B 258 -7.81 -4.93 -9.39
CA VAL B 258 -8.36 -3.60 -9.61
C VAL B 258 -7.78 -2.56 -8.66
N TYR B 259 -7.58 -2.94 -7.39
CA TYR B 259 -7.14 -2.03 -6.35
C TYR B 259 -5.69 -2.20 -5.92
N GLY B 260 -5.04 -3.28 -6.32
CA GLY B 260 -3.72 -3.61 -5.82
C GLY B 260 -3.79 -4.28 -4.47
N GLY B 261 -2.64 -4.73 -3.99
CA GLY B 261 -2.60 -5.43 -2.72
C GLY B 261 -2.15 -6.87 -2.88
N ILE B 262 -2.52 -7.73 -1.93
CA ILE B 262 -2.00 -9.10 -1.91
C ILE B 262 -3.08 -10.06 -1.43
N PHE B 263 -3.12 -11.24 -2.06
CA PHE B 263 -4.04 -12.32 -1.75
C PHE B 263 -3.23 -13.55 -1.38
N LEU B 264 -3.60 -14.22 -0.29
CA LEU B 264 -2.84 -15.37 0.22
C LEU B 264 -3.77 -16.54 0.51
N TYR B 265 -3.41 -17.72 0.00
CA TYR B 265 -3.94 -19.00 0.50
C TYR B 265 -2.71 -19.89 0.66
N PRO B 266 -1.96 -19.72 1.75
CA PRO B 266 -0.62 -20.30 1.85
C PRO B 266 -0.61 -21.73 2.37
N ALA B 267 0.54 -22.37 2.20
CA ALA B 267 0.78 -23.67 2.80
C ALA B 267 0.97 -23.53 4.31
N ASN B 268 0.57 -24.59 5.03
CA ASN B 268 0.83 -24.72 6.46
C ASN B 268 1.18 -26.17 6.75
N LYS B 269 1.37 -26.51 8.02
CA LYS B 269 1.79 -27.87 8.34
C LYS B 269 0.67 -28.88 8.12
N LYS B 270 -0.59 -28.51 8.42
CA LYS B 270 -1.68 -29.44 8.15
C LYS B 270 -1.89 -29.67 6.65
N SER B 271 -1.69 -28.63 5.83
CA SER B 271 -1.92 -28.69 4.39
C SER B 271 -0.68 -28.18 3.69
N PRO B 272 0.35 -29.02 3.54
CA PRO B 272 1.64 -28.52 3.02
C PRO B 272 1.58 -28.04 1.58
N ASN B 273 0.52 -28.39 0.84
CA ASN B 273 0.36 -27.94 -0.53
C ASN B 273 -0.83 -26.99 -0.72
N GLY B 274 -1.34 -26.40 0.34
CA GLY B 274 -2.47 -25.48 0.16
C GLY B 274 -3.81 -26.16 -0.04
N LYS B 275 -4.81 -25.33 -0.34
CA LYS B 275 -6.19 -25.76 -0.59
C LYS B 275 -6.64 -25.53 -2.02
N LEU B 276 -6.21 -24.44 -2.65
CA LEU B 276 -6.67 -24.14 -4.00
C LEU B 276 -6.05 -25.11 -5.00
N ARG B 277 -6.74 -25.32 -6.11
CA ARG B 277 -6.33 -26.29 -7.11
C ARG B 277 -5.40 -25.63 -8.12
N LEU B 278 -4.29 -26.30 -8.44
CA LEU B 278 -3.28 -25.70 -9.30
C LEU B 278 -3.81 -25.43 -10.71
N LEU B 279 -4.48 -26.43 -11.33
CA LEU B 279 -4.73 -26.39 -12.77
C LEU B 279 -5.80 -25.37 -13.17
N TYR B 280 -6.87 -25.25 -12.39
CA TYR B 280 -8.03 -24.44 -12.80
C TYR B 280 -8.40 -23.37 -11.77
N GLU B 281 -7.54 -23.11 -10.79
CA GLU B 281 -7.66 -21.93 -9.94
C GLU B 281 -6.36 -21.13 -9.91
N CYS B 282 -5.26 -21.76 -9.46
CA CYS B 282 -3.99 -21.02 -9.28
C CYS B 282 -3.39 -20.60 -10.61
N ASN B 283 -3.21 -21.54 -11.55
CA ASN B 283 -2.51 -21.21 -12.79
C ASN B 283 -3.21 -20.10 -13.57
N PRO B 284 -4.52 -20.17 -13.85
CA PRO B 284 -5.15 -19.05 -14.57
C PRO B 284 -5.03 -17.72 -13.84
N MET B 285 -5.17 -17.71 -12.50
CA MET B 285 -5.07 -16.44 -11.78
C MET B 285 -3.65 -15.91 -11.79
N ALA B 286 -2.66 -16.82 -11.68
CA ALA B 286 -1.26 -16.42 -11.76
C ALA B 286 -0.90 -15.87 -13.15
N TYR B 287 -1.44 -16.48 -14.20
CA TYR B 287 -1.21 -15.99 -15.56
C TYR B 287 -1.80 -14.59 -15.76
N VAL B 288 -3.04 -14.39 -15.29
CA VAL B 288 -3.64 -13.06 -15.29
C VAL B 288 -2.76 -12.07 -14.55
N MET B 289 -2.32 -12.45 -13.35
CA MET B 289 -1.49 -11.54 -12.55
C MET B 289 -0.20 -11.18 -13.28
N GLU B 290 0.47 -12.17 -13.86
CA GLU B 290 1.76 -11.87 -14.49
C GLU B 290 1.60 -11.00 -15.73
N LYS B 291 0.57 -11.25 -16.56
CA LYS B 291 0.31 -10.39 -17.71
C LYS B 291 -0.12 -8.99 -17.34
N ALA B 292 -0.63 -8.78 -16.12
CA ALA B 292 -0.95 -7.46 -15.63
C ALA B 292 0.21 -6.81 -14.88
N GLY B 293 1.40 -7.43 -14.91
CA GLY B 293 2.53 -6.88 -14.18
C GLY B 293 2.60 -7.24 -12.72
N GLY B 294 1.83 -8.22 -12.27
CA GLY B 294 1.88 -8.70 -10.90
C GLY B 294 2.76 -9.95 -10.78
N MET B 295 2.66 -10.58 -9.62
CA MET B 295 3.43 -11.77 -9.29
C MET B 295 2.53 -12.82 -8.65
N ALA B 296 2.96 -14.08 -8.72
CA ALA B 296 2.21 -15.17 -8.10
C ALA B 296 3.19 -16.27 -7.71
N THR B 297 3.29 -16.55 -6.42
CA THR B 297 4.29 -17.47 -5.91
C THR B 297 3.63 -18.49 -5.02
N THR B 298 4.23 -19.68 -4.94
CA THR B 298 3.89 -20.64 -3.91
C THR B 298 4.67 -20.39 -2.62
N GLY B 299 5.61 -19.45 -2.64
CA GLY B 299 6.56 -19.32 -1.57
C GLY B 299 7.92 -19.83 -1.99
N LYS B 300 7.96 -21.00 -2.63
CA LYS B 300 9.19 -21.64 -3.08
C LYS B 300 9.51 -21.35 -4.54
N GLU B 301 8.50 -21.12 -5.37
CA GLU B 301 8.70 -20.91 -6.80
C GLU B 301 7.48 -20.21 -7.37
N ALA B 302 7.63 -19.73 -8.60
CA ALA B 302 6.49 -19.16 -9.31
C ALA B 302 5.43 -20.22 -9.54
N VAL B 303 4.17 -19.83 -9.34
CA VAL B 303 3.05 -20.74 -9.55
C VAL B 303 3.10 -21.33 -10.96
N LEU B 304 3.41 -20.50 -11.95
CA LEU B 304 3.42 -20.96 -13.34
C LEU B 304 4.55 -21.93 -13.65
N ASP B 305 5.54 -22.08 -12.77
CA ASP B 305 6.63 -23.01 -13.02
C ASP B 305 6.40 -24.39 -12.42
N VAL B 306 5.37 -24.58 -11.60
CA VAL B 306 5.09 -25.90 -11.03
C VAL B 306 4.66 -26.84 -12.14
N ILE B 307 5.28 -28.02 -12.21
CA ILE B 307 4.91 -29.06 -13.16
C ILE B 307 3.96 -30.01 -12.45
N PRO B 308 2.68 -30.06 -12.83
CA PRO B 308 1.73 -30.90 -12.09
C PRO B 308 1.88 -32.37 -12.47
N THR B 309 1.53 -33.22 -11.50
CA THR B 309 1.49 -34.66 -11.72
C THR B 309 0.10 -35.25 -11.57
N ASP B 310 -0.88 -34.46 -11.11
CA ASP B 310 -2.27 -34.86 -10.92
C ASP B 310 -3.15 -33.67 -11.26
N ILE B 311 -4.24 -33.92 -11.99
CA ILE B 311 -5.05 -32.81 -12.47
C ILE B 311 -5.77 -32.07 -11.35
N HIS B 312 -5.93 -32.70 -10.19
CA HIS B 312 -6.62 -32.06 -9.07
C HIS B 312 -5.67 -31.70 -7.93
N GLN B 313 -4.37 -31.62 -8.21
CA GLN B 313 -3.43 -31.37 -7.15
C GLN B 313 -3.55 -29.93 -6.66
N ARG B 314 -3.20 -29.72 -5.39
CA ARG B 314 -3.33 -28.42 -4.76
C ARG B 314 -1.99 -27.68 -4.79
N ALA B 315 -2.07 -26.36 -4.60
CA ALA B 315 -0.90 -25.54 -4.56
C ALA B 315 -1.13 -24.38 -3.58
N PRO B 316 -0.12 -24.00 -2.83
CA PRO B 316 -0.19 -22.71 -2.12
C PRO B 316 -0.06 -21.58 -3.11
N VAL B 317 -0.66 -20.44 -2.81
CA VAL B 317 -0.59 -19.32 -3.73
C VAL B 317 -0.56 -18.02 -2.94
N ILE B 318 0.33 -17.13 -3.33
CA ILE B 318 0.40 -15.76 -2.87
C ILE B 318 0.55 -14.90 -4.11
N LEU B 319 -0.39 -13.97 -4.34
CA LEU B 319 -0.36 -13.20 -5.58
C LEU B 319 -0.82 -11.79 -5.35
N GLY B 320 -0.49 -10.93 -6.32
CA GLY B 320 -0.88 -9.53 -6.29
C GLY B 320 0.21 -8.56 -6.72
N SER B 321 0.17 -7.36 -6.16
CA SER B 321 1.09 -6.28 -6.52
C SER B 321 2.54 -6.73 -6.31
N PRO B 322 3.46 -6.38 -7.21
CA PRO B 322 4.83 -6.91 -7.10
C PRO B 322 5.56 -6.50 -5.83
N ASP B 323 5.45 -5.24 -5.40
CA ASP B 323 6.12 -4.83 -4.17
C ASP B 323 5.60 -5.61 -2.96
N ASP B 324 4.30 -5.92 -2.96
CA ASP B 324 3.74 -6.67 -1.84
C ASP B 324 4.21 -8.12 -1.86
N VAL B 325 4.22 -8.76 -3.04
CA VAL B 325 4.67 -10.14 -3.13
C VAL B 325 6.16 -10.24 -2.82
N LEU B 326 6.95 -9.28 -3.30
CA LEU B 326 8.38 -9.30 -3.00
C LEU B 326 8.64 -9.12 -1.51
N GLU B 327 7.85 -8.27 -0.84
CA GLU B 327 7.98 -8.12 0.60
C GLU B 327 7.63 -9.42 1.33
N PHE B 328 6.60 -10.13 0.86
CA PHE B 328 6.32 -11.43 1.45
C PHE B 328 7.46 -12.41 1.21
N LEU B 329 8.01 -12.42 0.00
CA LEU B 329 9.09 -13.37 -0.30
C LEU B 329 10.34 -13.08 0.53
N LYS B 330 10.58 -11.81 0.85
CA LYS B 330 11.71 -11.46 1.71
C LYS B 330 11.56 -12.07 3.10
N VAL B 331 10.36 -11.98 3.68
CA VAL B 331 10.07 -12.57 4.98
C VAL B 331 10.19 -14.09 4.90
N TYR B 332 9.68 -14.69 3.82
CA TYR B 332 9.77 -16.13 3.64
C TYR B 332 11.23 -16.58 3.60
N GLU B 333 12.09 -15.79 2.95
CA GLU B 333 13.52 -16.08 2.88
C GLU B 333 14.17 -16.06 4.25
N LYS B 334 13.81 -15.07 5.08
CA LYS B 334 14.35 -14.95 6.44
C LYS B 334 14.09 -16.21 7.25
N HIS B 335 12.93 -16.83 7.04
CA HIS B 335 12.57 -18.02 7.79
C HIS B 335 13.06 -19.29 7.11
N SER B 336 14.12 -19.18 6.31
CA SER B 336 14.72 -20.25 5.51
C SER B 336 13.75 -21.30 5.00
N ASP C 10 -45.77 13.17 -12.55
CA ASP C 10 -45.26 12.07 -11.74
C ASP C 10 -45.41 10.73 -12.44
N VAL C 11 -44.33 9.94 -12.42
CA VAL C 11 -44.38 8.61 -13.01
C VAL C 11 -45.43 7.77 -12.27
N ASN C 12 -46.06 6.86 -13.01
CA ASN C 12 -47.05 5.97 -12.43
C ASN C 12 -46.86 4.59 -13.02
N THR C 13 -47.14 3.56 -12.22
CA THR C 13 -47.07 2.17 -12.62
C THR C 13 -48.46 1.55 -12.53
N LEU C 14 -48.62 0.37 -13.15
CA LEU C 14 -49.90 -0.34 -13.11
C LEU C 14 -50.32 -0.64 -11.67
N THR C 15 -49.40 -1.19 -10.88
CA THR C 15 -49.76 -1.57 -9.51
C THR C 15 -50.19 -0.35 -8.71
N ARG C 16 -49.42 0.72 -8.79
CA ARG C 16 -49.73 1.92 -8.02
C ARG C 16 -51.01 2.59 -8.51
N PHE C 17 -51.24 2.58 -9.84
CA PHE C 17 -52.46 3.12 -10.39
C PHE C 17 -53.68 2.36 -9.89
N VAL C 18 -53.62 1.01 -9.91
CA VAL C 18 -54.78 0.23 -9.50
C VAL C 18 -55.04 0.42 -8.01
N MET C 19 -53.98 0.40 -7.19
CA MET C 19 -54.15 0.62 -5.75
C MET C 19 -54.82 1.96 -5.46
N GLU C 20 -54.36 3.03 -6.13
CA GLU C 20 -54.95 4.34 -5.89
C GLU C 20 -56.42 4.37 -6.26
N GLU C 21 -56.79 3.77 -7.39
CA GLU C 21 -58.19 3.73 -7.76
C GLU C 21 -59.00 2.90 -6.77
N GLY C 22 -58.43 1.81 -6.26
CA GLY C 22 -59.13 0.99 -5.29
C GLY C 22 -59.33 1.72 -3.97
N ARG C 23 -58.33 2.50 -3.56
CA ARG C 23 -58.44 3.30 -2.34
C ARG C 23 -59.52 4.36 -2.46
N LYS C 24 -59.57 5.05 -3.62
CA LYS C 24 -60.65 6.00 -3.88
C LYS C 24 -62.02 5.33 -3.71
N ALA C 25 -62.21 4.16 -4.33
CA ALA C 25 -63.48 3.45 -4.25
C ALA C 25 -63.69 2.78 -2.89
N ARG C 26 -62.64 2.71 -2.06
CA ARG C 26 -62.72 2.18 -0.70
C ARG C 26 -63.21 0.73 -0.70
N GLY C 27 -62.79 -0.05 -1.69
CA GLY C 27 -63.13 -1.46 -1.77
C GLY C 27 -62.29 -2.30 -0.83
N THR C 28 -62.58 -3.61 -0.85
CA THR C 28 -61.92 -4.56 0.05
C THR C 28 -60.52 -4.97 -0.39
N GLY C 29 -60.14 -4.75 -1.66
CA GLY C 29 -58.85 -5.13 -2.15
C GLY C 29 -58.83 -6.38 -3.04
N GLU C 30 -59.94 -7.11 -3.15
CA GLU C 30 -59.93 -8.33 -3.95
C GLU C 30 -59.64 -8.04 -5.42
N LEU C 31 -60.26 -7.00 -5.99
CA LEU C 31 -60.01 -6.69 -7.39
C LEU C 31 -58.56 -6.27 -7.61
N THR C 32 -57.98 -5.52 -6.67
CA THR C 32 -56.56 -5.16 -6.79
C THR C 32 -55.67 -6.40 -6.75
N GLN C 33 -55.98 -7.36 -5.87
CA GLN C 33 -55.19 -8.58 -5.83
C GLN C 33 -55.34 -9.38 -7.13
N LEU C 34 -56.54 -9.42 -7.68
CA LEU C 34 -56.77 -10.07 -8.97
C LEU C 34 -55.94 -9.43 -10.07
N LEU C 35 -56.02 -8.10 -10.20
CA LEU C 35 -55.31 -7.41 -11.26
C LEU C 35 -53.81 -7.51 -11.07
N ASN C 36 -53.34 -7.46 -9.83
CA ASN C 36 -51.91 -7.64 -9.60
C ASN C 36 -51.48 -9.04 -10.01
N SER C 37 -52.31 -10.04 -9.72
CA SER C 37 -51.97 -11.41 -10.11
C SER C 37 -51.93 -11.55 -11.64
N LEU C 38 -52.90 -10.95 -12.33
CA LEU C 38 -52.93 -11.00 -13.80
C LEU C 38 -51.74 -10.26 -14.39
N CYS C 39 -51.34 -9.15 -13.77
CA CYS C 39 -50.18 -8.42 -14.23
C CYS C 39 -48.93 -9.30 -14.19
N THR C 40 -48.76 -10.05 -13.09
CA THR C 40 -47.63 -10.97 -12.98
C THR C 40 -47.67 -12.05 -14.06
N ALA C 41 -48.86 -12.60 -14.33
CA ALA C 41 -48.97 -13.59 -15.40
C ALA C 41 -48.59 -12.98 -16.76
N VAL C 42 -49.03 -11.75 -17.03
CA VAL C 42 -48.74 -11.12 -18.32
C VAL C 42 -47.24 -10.91 -18.49
N LYS C 43 -46.53 -10.55 -17.43
CA LYS C 43 -45.08 -10.39 -17.56
C LYS C 43 -44.40 -11.73 -17.83
N ALA C 44 -44.89 -12.80 -17.19
CA ALA C 44 -44.34 -14.12 -17.44
C ALA C 44 -44.67 -14.61 -18.84
N ILE C 45 -45.86 -14.29 -19.35
CA ILE C 45 -46.19 -14.66 -20.72
C ILE C 45 -45.30 -13.91 -21.70
N SER C 46 -45.14 -12.59 -21.50
CA SER C 46 -44.28 -11.79 -22.38
C SER C 46 -42.87 -12.36 -22.44
N SER C 47 -42.31 -12.75 -21.28
CA SER C 47 -40.99 -13.35 -21.26
C SER C 47 -40.94 -14.62 -22.12
N ALA C 48 -41.96 -15.49 -22.00
CA ALA C 48 -41.96 -16.71 -22.80
C ALA C 48 -42.20 -16.41 -24.29
N VAL C 49 -43.06 -15.44 -24.60
CA VAL C 49 -43.34 -15.15 -26.00
C VAL C 49 -42.09 -14.61 -26.68
N ARG C 50 -41.30 -13.81 -25.96
CA ARG C 50 -40.05 -13.31 -26.52
C ARG C 50 -38.93 -14.36 -26.52
N LYS C 51 -39.21 -15.59 -26.08
CA LYS C 51 -38.34 -16.77 -26.20
C LYS C 51 -37.15 -16.77 -25.24
N ALA C 52 -37.33 -16.15 -24.08
CA ALA C 52 -36.31 -16.28 -23.04
C ALA C 52 -36.10 -17.76 -22.69
N GLY C 53 -34.84 -18.19 -22.68
CA GLY C 53 -34.53 -19.57 -22.36
C GLY C 53 -34.59 -20.53 -23.53
N ILE C 54 -34.87 -20.06 -24.75
CA ILE C 54 -34.97 -20.96 -25.88
C ILE C 54 -33.64 -21.66 -26.14
N ALA C 55 -32.52 -21.08 -25.74
CA ALA C 55 -31.22 -21.77 -25.94
C ALA C 55 -31.18 -23.10 -25.19
N HIS C 56 -31.83 -23.20 -24.03
CA HIS C 56 -31.82 -24.47 -23.31
C HIS C 56 -32.61 -25.55 -24.03
N LEU C 57 -33.67 -25.16 -24.74
CA LEU C 57 -34.43 -26.15 -25.50
C LEU C 57 -33.63 -26.69 -26.69
N TYR C 58 -32.67 -25.92 -27.20
CA TYR C 58 -31.90 -26.34 -28.37
C TYR C 58 -30.54 -26.89 -27.99
N GLY C 59 -30.32 -27.19 -26.73
CA GLY C 59 -29.20 -27.99 -26.31
C GLY C 59 -27.97 -27.23 -25.85
N ILE C 60 -28.12 -25.99 -25.38
CA ILE C 60 -26.93 -25.23 -24.96
C ILE C 60 -26.25 -25.93 -23.79
N ALA C 61 -27.00 -26.63 -22.94
CA ALA C 61 -26.45 -27.38 -21.82
C ALA C 61 -26.33 -28.87 -22.11
N GLY C 62 -26.33 -29.27 -23.38
CA GLY C 62 -26.23 -30.67 -23.76
C GLY C 62 -27.55 -31.38 -23.97
N LYS C 73 -45.97 -26.36 -24.71
CA LYS C 73 -46.32 -25.44 -25.78
C LYS C 73 -46.71 -24.09 -25.17
N LEU C 74 -46.53 -23.03 -25.97
CA LEU C 74 -46.69 -21.66 -25.48
C LEU C 74 -48.11 -21.36 -25.03
N ASP C 75 -49.11 -21.77 -25.80
CA ASP C 75 -50.48 -21.45 -25.39
C ASP C 75 -50.89 -22.24 -24.15
N VAL C 76 -50.37 -23.46 -24.00
CA VAL C 76 -50.64 -24.22 -22.78
C VAL C 76 -49.95 -23.57 -21.57
N LEU C 77 -48.68 -23.20 -21.73
CA LEU C 77 -47.99 -22.50 -20.64
C LEU C 77 -48.69 -21.19 -20.29
N SER C 78 -49.13 -20.44 -21.29
CA SER C 78 -49.82 -19.18 -21.03
C SER C 78 -51.09 -19.41 -20.23
N ASN C 79 -51.88 -20.42 -20.61
CA ASN C 79 -53.08 -20.75 -19.84
C ASN C 79 -52.74 -21.13 -18.41
N ASP C 80 -51.70 -21.93 -18.22
CA ASP C 80 -51.31 -22.35 -16.88
C ASP C 80 -50.88 -21.17 -16.03
N LEU C 81 -50.19 -20.21 -16.63
CA LEU C 81 -49.78 -19.03 -15.87
C LEU C 81 -50.98 -18.24 -15.38
N VAL C 82 -51.92 -17.94 -16.29
CA VAL C 82 -53.07 -17.15 -15.91
C VAL C 82 -53.94 -17.91 -14.90
N MET C 83 -54.22 -19.18 -15.17
CA MET C 83 -55.02 -19.99 -14.26
C MET C 83 -54.42 -20.05 -12.86
N ASN C 84 -53.10 -20.30 -12.77
CA ASN C 84 -52.52 -20.46 -11.44
C ASN C 84 -52.46 -19.15 -10.69
N MET C 85 -52.11 -18.06 -11.37
CA MET C 85 -52.04 -16.77 -10.69
C MET C 85 -53.44 -16.29 -10.27
N LEU C 86 -54.46 -16.57 -11.09
CA LEU C 86 -55.81 -16.15 -10.71
C LEU C 86 -56.36 -17.00 -9.56
N LYS C 87 -56.18 -18.34 -9.63
CA LYS C 87 -56.60 -19.19 -8.52
C LYS C 87 -55.94 -18.77 -7.22
N SER C 88 -54.63 -18.51 -7.27
CA SER C 88 -53.90 -18.19 -6.07
C SER C 88 -54.13 -16.77 -5.59
N SER C 89 -54.87 -15.96 -6.32
CA SER C 89 -55.16 -14.61 -5.84
C SER C 89 -56.20 -14.60 -4.74
N PHE C 90 -56.96 -15.69 -4.58
CA PHE C 90 -58.11 -15.75 -3.68
C PHE C 90 -59.21 -14.78 -4.07
N ALA C 91 -59.23 -14.32 -5.32
CA ALA C 91 -60.21 -13.33 -5.72
C ALA C 91 -61.23 -13.83 -6.75
N THR C 92 -61.13 -15.09 -7.18
CA THR C 92 -61.96 -15.56 -8.27
C THR C 92 -62.71 -16.81 -7.83
N CYS C 93 -63.83 -17.10 -8.53
CA CYS C 93 -64.56 -18.32 -8.22
C CYS C 93 -64.84 -19.13 -9.48
N VAL C 94 -64.93 -18.47 -10.64
CA VAL C 94 -65.18 -19.15 -11.91
C VAL C 94 -64.25 -18.57 -12.96
N LEU C 95 -63.59 -19.45 -13.72
CA LEU C 95 -62.62 -19.07 -14.73
C LEU C 95 -63.02 -19.70 -16.08
N VAL C 96 -63.13 -18.88 -17.12
CA VAL C 96 -63.42 -19.36 -18.47
C VAL C 96 -62.21 -19.04 -19.34
N SER C 97 -61.65 -20.05 -19.99
CA SER C 97 -60.49 -19.85 -20.84
C SER C 97 -60.76 -20.41 -22.23
N GLU C 98 -60.25 -19.70 -23.25
CA GLU C 98 -60.26 -20.25 -24.59
C GLU C 98 -59.68 -21.66 -24.62
N GLU C 99 -58.73 -21.96 -23.74
CA GLU C 99 -58.02 -23.24 -23.79
C GLU C 99 -58.76 -24.38 -23.11
N ASP C 100 -59.85 -24.11 -22.38
CA ASP C 100 -60.53 -25.13 -21.58
C ASP C 100 -61.96 -25.30 -22.05
N LYS C 101 -62.36 -26.55 -22.30
CA LYS C 101 -63.69 -26.82 -22.83
C LYS C 101 -64.77 -26.41 -21.83
N HIS C 102 -64.53 -26.64 -20.54
CA HIS C 102 -65.51 -26.30 -19.51
C HIS C 102 -65.01 -25.16 -18.64
N ALA C 103 -65.94 -24.45 -18.00
CA ALA C 103 -65.53 -23.46 -17.01
C ALA C 103 -64.80 -24.16 -15.87
N ILE C 104 -63.77 -23.50 -15.35
CA ILE C 104 -63.02 -23.98 -14.20
C ILE C 104 -63.65 -23.39 -12.94
N ILE C 105 -63.98 -24.26 -11.99
CA ILE C 105 -64.55 -23.85 -10.71
C ILE C 105 -63.44 -23.84 -9.67
N VAL C 106 -63.16 -22.67 -9.12
CA VAL C 106 -62.08 -22.57 -8.14
C VAL C 106 -62.46 -23.34 -6.88
N GLU C 107 -61.48 -24.04 -6.29
CA GLU C 107 -61.75 -24.84 -5.12
C GLU C 107 -62.18 -23.97 -3.95
N PRO C 108 -63.00 -24.51 -3.03
CA PRO C 108 -63.69 -23.64 -2.06
C PRO C 108 -62.75 -22.78 -1.22
N GLU C 109 -61.62 -23.31 -0.79
CA GLU C 109 -60.76 -22.54 0.10
C GLU C 109 -60.05 -21.38 -0.60
N LYS C 110 -60.08 -21.31 -1.93
CA LYS C 110 -59.45 -20.22 -2.66
C LYS C 110 -60.48 -19.29 -3.33
N ARG C 111 -61.77 -19.45 -3.02
CA ARG C 111 -62.79 -18.74 -3.78
C ARG C 111 -62.94 -17.27 -3.38
N GLY C 112 -63.00 -16.40 -4.38
CA GLY C 112 -63.35 -15.00 -4.20
C GLY C 112 -64.57 -14.64 -5.04
N LYS C 113 -64.83 -13.34 -5.23
CA LYS C 113 -66.11 -12.89 -5.75
C LYS C 113 -66.14 -12.60 -7.25
N TYR C 114 -65.02 -12.75 -7.97
CA TYR C 114 -64.95 -12.34 -9.37
C TYR C 114 -64.94 -13.54 -10.32
N VAL C 115 -65.51 -13.33 -11.51
CA VAL C 115 -65.51 -14.28 -12.62
C VAL C 115 -64.63 -13.69 -13.71
N VAL C 116 -63.68 -14.47 -14.23
CA VAL C 116 -62.74 -13.97 -15.24
C VAL C 116 -62.84 -14.82 -16.49
N CYS C 117 -63.05 -14.18 -17.64
CA CYS C 117 -63.03 -14.84 -18.94
C CYS C 117 -61.80 -14.36 -19.69
N PHE C 118 -61.04 -15.29 -20.27
CA PHE C 118 -59.79 -14.82 -20.88
C PHE C 118 -59.37 -15.72 -22.04
N ASP C 119 -58.58 -15.13 -22.93
CA ASP C 119 -57.88 -15.84 -23.99
C ASP C 119 -56.42 -15.66 -23.67
N PRO C 120 -55.70 -16.69 -23.20
CA PRO C 120 -54.35 -16.46 -22.68
C PRO C 120 -53.33 -16.12 -23.75
N LEU C 121 -53.52 -16.57 -24.98
CA LEU C 121 -52.55 -16.22 -26.03
C LEU C 121 -53.31 -16.16 -27.35
N ASP C 122 -54.01 -15.05 -27.56
CA ASP C 122 -54.78 -14.87 -28.77
C ASP C 122 -53.86 -14.64 -29.96
N GLY C 123 -54.18 -15.27 -31.08
CA GLY C 123 -53.40 -15.22 -32.30
C GLY C 123 -52.28 -16.24 -32.38
N SER C 124 -52.13 -17.09 -31.36
CA SER C 124 -50.99 -17.99 -31.30
C SER C 124 -51.03 -19.08 -32.37
N SER C 125 -52.16 -19.24 -33.07
CA SER C 125 -52.17 -20.20 -34.17
C SER C 125 -51.16 -19.82 -35.25
N ASN C 126 -50.92 -18.52 -35.45
CA ASN C 126 -49.97 -18.04 -36.44
C ASN C 126 -48.66 -17.54 -35.82
N ILE C 127 -48.37 -17.94 -34.57
CA ILE C 127 -47.14 -17.48 -33.90
C ILE C 127 -45.89 -18.02 -34.58
N ASP C 128 -46.02 -19.02 -35.46
CA ASP C 128 -44.89 -19.54 -36.21
C ASP C 128 -44.23 -18.47 -37.07
N CYS C 129 -44.97 -17.44 -37.48
CA CYS C 129 -44.37 -16.36 -38.27
C CYS C 129 -44.08 -15.12 -37.43
N LEU C 130 -44.14 -15.22 -36.10
CA LEU C 130 -43.76 -14.14 -35.18
C LEU C 130 -44.70 -12.95 -35.25
N VAL C 131 -45.94 -13.18 -35.69
CA VAL C 131 -46.97 -12.17 -35.67
C VAL C 131 -47.24 -11.76 -34.22
N SER C 132 -47.62 -10.49 -34.03
CA SER C 132 -48.05 -10.03 -32.72
C SER C 132 -49.11 -10.96 -32.16
N VAL C 133 -49.03 -11.23 -30.88
CA VAL C 133 -50.05 -12.00 -30.17
C VAL C 133 -50.40 -11.24 -28.91
N GLY C 134 -51.42 -11.73 -28.21
CA GLY C 134 -51.85 -10.99 -27.04
C GLY C 134 -52.68 -11.83 -26.09
N THR C 135 -52.96 -11.22 -24.93
CA THR C 135 -53.81 -11.81 -23.90
C THR C 135 -55.02 -10.90 -23.74
N ILE C 136 -56.23 -11.48 -23.71
CA ILE C 136 -57.45 -10.69 -23.58
C ILE C 136 -58.19 -11.16 -22.32
N PHE C 137 -58.74 -10.23 -21.54
CA PHE C 137 -59.44 -10.63 -20.31
C PHE C 137 -60.64 -9.72 -20.05
N GLY C 138 -61.66 -10.31 -19.43
CA GLY C 138 -62.81 -9.57 -18.94
C GLY C 138 -63.18 -10.07 -17.56
N ILE C 139 -63.51 -9.16 -16.63
CA ILE C 139 -63.71 -9.49 -15.22
C ILE C 139 -65.12 -9.07 -14.82
N TYR C 140 -65.87 -10.01 -14.25
CA TYR C 140 -67.21 -9.75 -13.72
C TYR C 140 -67.26 -10.04 -12.22
N ARG C 141 -68.09 -9.28 -11.50
CA ARG C 141 -68.49 -9.70 -10.17
C ARG C 141 -69.50 -10.82 -10.33
N LYS C 142 -69.31 -11.93 -9.60
CA LYS C 142 -70.32 -12.98 -9.61
C LYS C 142 -71.65 -12.36 -9.21
N LYS C 143 -72.69 -12.61 -10.01
CA LYS C 143 -73.98 -11.96 -9.83
C LYS C 143 -74.99 -12.83 -9.08
N SER C 144 -74.93 -14.14 -9.26
CA SER C 144 -75.90 -15.01 -8.64
C SER C 144 -75.38 -15.47 -7.29
N THR C 145 -76.31 -15.79 -6.39
CA THR C 145 -75.96 -16.34 -5.09
C THR C 145 -75.95 -17.86 -5.10
N ASP C 146 -76.14 -18.47 -6.28
CA ASP C 146 -76.04 -19.92 -6.39
C ASP C 146 -74.58 -20.34 -6.22
N GLU C 147 -74.39 -21.61 -5.87
CA GLU C 147 -73.08 -22.23 -5.90
C GLU C 147 -72.38 -21.90 -7.23
N PRO C 148 -71.08 -21.57 -7.22
CA PRO C 148 -70.44 -21.17 -8.49
C PRO C 148 -70.51 -22.26 -9.54
N SER C 149 -70.77 -21.83 -10.79
CA SER C 149 -70.91 -22.74 -11.91
C SER C 149 -70.66 -21.97 -13.21
N GLU C 150 -70.67 -22.72 -14.31
CA GLU C 150 -70.49 -22.14 -15.64
C GLU C 150 -71.46 -20.99 -15.90
N LYS C 151 -72.66 -21.05 -15.31
CA LYS C 151 -73.68 -20.02 -15.52
C LYS C 151 -73.21 -18.64 -15.07
N ASP C 152 -72.34 -18.58 -14.07
CA ASP C 152 -71.86 -17.28 -13.58
C ASP C 152 -71.04 -16.52 -14.61
N ALA C 153 -70.56 -17.21 -15.65
CA ALA C 153 -69.81 -16.56 -16.72
C ALA C 153 -70.70 -16.05 -17.85
N LEU C 154 -72.00 -16.35 -17.80
CA LEU C 154 -72.91 -16.00 -18.89
C LEU C 154 -73.60 -14.65 -18.62
N GLN C 155 -72.78 -13.63 -18.45
CA GLN C 155 -73.33 -12.30 -18.24
C GLN C 155 -73.10 -11.47 -19.49
N PRO C 156 -73.97 -10.50 -19.78
CA PRO C 156 -73.70 -9.58 -20.89
C PRO C 156 -72.50 -8.70 -20.60
N GLY C 157 -71.79 -8.31 -21.67
CA GLY C 157 -70.60 -7.50 -21.52
C GLY C 157 -70.84 -6.20 -20.77
N ARG C 158 -72.08 -5.69 -20.79
CA ARG C 158 -72.45 -4.52 -20.01
C ARG C 158 -72.15 -4.69 -18.52
N ASN C 159 -72.06 -5.91 -18.01
CA ASN C 159 -71.81 -6.12 -16.60
C ASN C 159 -70.34 -6.09 -16.23
N LEU C 160 -69.43 -5.90 -17.20
CA LEU C 160 -68.00 -5.96 -16.92
C LEU C 160 -67.57 -4.93 -15.89
N VAL C 161 -66.71 -5.35 -14.98
CA VAL C 161 -66.10 -4.45 -13.99
C VAL C 161 -64.78 -3.89 -14.50
N ALA C 162 -64.01 -4.69 -15.22
CA ALA C 162 -62.75 -4.28 -15.83
C ALA C 162 -62.48 -5.22 -16.99
N ALA C 163 -61.73 -4.73 -17.97
CA ALA C 163 -61.38 -5.56 -19.11
C ALA C 163 -60.16 -4.94 -19.77
N GLY C 164 -59.50 -5.73 -20.60
CA GLY C 164 -58.39 -5.19 -21.35
C GLY C 164 -57.60 -6.29 -22.03
N TYR C 165 -56.39 -5.94 -22.44
CA TYR C 165 -55.56 -6.86 -23.17
C TYR C 165 -54.10 -6.46 -22.97
N ALA C 166 -53.23 -7.44 -23.14
CA ALA C 166 -51.81 -7.23 -23.26
C ALA C 166 -51.45 -7.57 -24.70
N LEU C 167 -50.70 -6.70 -25.36
CA LEU C 167 -50.27 -6.90 -26.74
C LEU C 167 -48.78 -7.20 -26.70
N TYR C 168 -48.39 -8.38 -27.19
CA TYR C 168 -46.96 -8.73 -27.30
C TYR C 168 -46.54 -8.44 -28.74
N GLY C 169 -46.27 -7.15 -28.99
CA GLY C 169 -45.96 -6.67 -30.33
C GLY C 169 -44.50 -6.27 -30.41
N SER C 170 -44.19 -5.18 -31.10
CA SER C 170 -42.81 -4.71 -31.09
C SER C 170 -42.36 -4.37 -29.67
N ALA C 171 -43.29 -3.91 -28.83
CA ALA C 171 -43.13 -3.84 -27.37
C ALA C 171 -44.35 -4.48 -26.73
N THR C 172 -44.31 -4.65 -25.41
CA THR C 172 -45.44 -5.21 -24.69
C THR C 172 -46.20 -4.08 -24.00
N MET C 173 -47.51 -4.01 -24.25
CA MET C 173 -48.35 -2.98 -23.67
C MET C 173 -49.59 -3.61 -23.07
N LEU C 174 -50.00 -3.11 -21.91
CA LEU C 174 -51.23 -3.52 -21.27
C LEU C 174 -52.23 -2.38 -21.37
N VAL C 175 -53.40 -2.66 -21.92
CA VAL C 175 -54.47 -1.69 -22.01
C VAL C 175 -55.56 -2.11 -21.03
N LEU C 176 -55.90 -1.23 -20.08
CA LEU C 176 -56.84 -1.54 -19.00
C LEU C 176 -58.01 -0.56 -19.06
N ALA C 177 -59.23 -1.08 -19.16
CA ALA C 177 -60.43 -0.25 -19.19
C ALA C 177 -61.25 -0.50 -17.92
N MET C 178 -61.69 0.58 -17.30
CA MET C 178 -62.58 0.52 -16.15
C MET C 178 -63.54 1.70 -16.28
N ASP C 179 -64.39 1.89 -15.27
CA ASP C 179 -65.31 3.04 -15.29
C ASP C 179 -64.54 4.35 -15.41
N CYS C 180 -63.34 4.43 -14.85
CA CYS C 180 -62.54 5.65 -14.97
C CYS C 180 -61.95 5.87 -16.35
N GLY C 181 -62.17 4.98 -17.31
CA GLY C 181 -61.65 5.16 -18.66
C GLY C 181 -60.59 4.13 -19.03
N VAL C 182 -59.89 4.40 -20.12
CA VAL C 182 -58.93 3.46 -20.70
C VAL C 182 -57.53 4.03 -20.48
N ASN C 183 -56.62 3.19 -19.96
CA ASN C 183 -55.25 3.59 -19.68
C ASN C 183 -54.27 2.55 -20.20
N CYS C 184 -53.16 3.02 -20.75
CA CYS C 184 -52.18 2.18 -21.46
C CYS C 184 -50.84 2.20 -20.73
N PHE C 185 -50.29 1.01 -20.48
CA PHE C 185 -49.08 0.84 -19.71
C PHE C 185 -48.07 0.08 -20.56
N MET C 186 -46.85 0.62 -20.67
CA MET C 186 -45.79 -0.05 -21.41
C MET C 186 -44.96 -0.87 -20.43
N LEU C 187 -44.76 -2.15 -20.74
CA LEU C 187 -43.85 -2.96 -19.94
C LEU C 187 -42.39 -2.54 -20.23
N ASP C 188 -41.67 -2.10 -19.20
CA ASP C 188 -40.24 -1.87 -19.31
C ASP C 188 -39.53 -3.16 -18.93
N PRO C 189 -38.97 -3.91 -19.88
CA PRO C 189 -38.38 -5.21 -19.53
C PRO C 189 -37.09 -5.08 -18.72
N ALA C 190 -36.44 -3.91 -18.68
CA ALA C 190 -35.25 -3.79 -17.86
C ALA C 190 -35.58 -3.94 -16.37
N ILE C 191 -36.76 -3.49 -15.94
CA ILE C 191 -37.12 -3.53 -14.54
C ILE C 191 -38.39 -4.33 -14.28
N GLY C 192 -39.02 -4.87 -15.33
CA GLY C 192 -40.21 -5.67 -15.15
C GLY C 192 -41.35 -4.89 -14.53
N GLU C 193 -41.59 -3.68 -15.01
CA GLU C 193 -42.66 -2.84 -14.50
C GLU C 193 -43.46 -2.26 -15.66
N PHE C 194 -44.79 -2.24 -15.49
CA PHE C 194 -45.71 -1.61 -16.42
C PHE C 194 -45.82 -0.12 -16.10
N ILE C 195 -45.41 0.73 -17.04
CA ILE C 195 -45.34 2.17 -16.84
C ILE C 195 -46.53 2.83 -17.54
N LEU C 196 -47.26 3.68 -16.81
CA LEU C 196 -48.36 4.41 -17.42
C LEU C 196 -47.85 5.38 -18.47
N VAL C 197 -48.21 5.18 -19.75
CA VAL C 197 -47.73 6.05 -20.81
C VAL C 197 -48.83 6.78 -21.57
N ASP C 198 -50.09 6.33 -21.54
CA ASP C 198 -51.17 7.05 -22.21
C ASP C 198 -52.40 7.01 -21.31
N LYS C 199 -52.85 8.20 -20.87
CA LYS C 199 -53.90 8.34 -19.87
C LYS C 199 -55.25 8.67 -20.49
N ASP C 200 -56.31 8.03 -19.99
CA ASP C 200 -57.70 8.35 -20.33
C ASP C 200 -57.86 8.45 -21.85
N VAL C 201 -57.48 7.37 -22.52
CA VAL C 201 -57.38 7.39 -23.98
C VAL C 201 -58.76 7.45 -24.62
N LYS C 202 -58.89 8.25 -25.69
CA LYS C 202 -60.11 8.32 -26.49
C LYS C 202 -59.78 8.04 -27.95
N ILE C 203 -60.67 7.32 -28.61
CA ILE C 203 -60.46 6.97 -30.01
C ILE C 203 -60.86 8.17 -30.88
N LYS C 204 -60.20 8.30 -32.02
CA LYS C 204 -60.55 9.32 -33.00
C LYS C 204 -61.99 9.14 -33.45
N LYS C 205 -62.67 10.25 -33.70
CA LYS C 205 -64.08 10.20 -34.11
C LYS C 205 -64.24 9.52 -35.47
N LYS C 206 -63.27 9.66 -36.36
CA LYS C 206 -63.33 9.05 -37.67
C LYS C 206 -61.91 8.73 -38.08
N GLY C 207 -61.69 7.53 -38.61
CA GLY C 207 -60.39 7.07 -39.02
C GLY C 207 -60.24 6.99 -40.53
N LYS C 208 -59.12 6.38 -40.96
CA LYS C 208 -58.79 6.27 -42.38
C LYS C 208 -58.28 4.88 -42.77
N ILE C 209 -58.51 3.87 -41.95
CA ILE C 209 -58.06 2.50 -42.19
C ILE C 209 -59.26 1.60 -41.94
N TYR C 210 -59.49 0.62 -42.81
CA TYR C 210 -60.47 -0.43 -42.51
C TYR C 210 -59.73 -1.75 -42.43
N SER C 211 -60.22 -2.65 -41.59
CA SER C 211 -59.47 -3.87 -41.26
C SER C 211 -60.42 -5.06 -41.26
N LEU C 212 -60.24 -5.96 -42.23
CA LEU C 212 -60.97 -7.22 -42.28
C LEU C 212 -60.29 -8.14 -43.27
N ASN C 213 -60.59 -9.45 -43.16
CA ASN C 213 -60.07 -10.47 -44.09
C ASN C 213 -60.94 -10.44 -45.33
N GLU C 214 -60.47 -9.78 -46.37
CA GLU C 214 -61.20 -9.70 -47.63
C GLU C 214 -61.14 -11.00 -48.44
N GLY C 215 -60.40 -12.01 -47.95
CA GLY C 215 -60.44 -13.33 -48.57
C GLY C 215 -61.81 -13.98 -48.55
N TYR C 216 -62.69 -13.55 -47.63
CA TYR C 216 -64.06 -14.03 -47.56
C TYR C 216 -65.02 -13.18 -48.38
N ALA C 217 -64.51 -12.40 -49.34
CA ALA C 217 -65.38 -11.50 -50.09
C ALA C 217 -66.55 -12.25 -50.74
N LYS C 218 -66.30 -13.48 -51.20
CA LYS C 218 -67.34 -14.28 -51.87
C LYS C 218 -68.49 -14.57 -50.93
N ASP C 219 -68.23 -14.62 -49.62
CA ASP C 219 -69.24 -14.95 -48.62
C ASP C 219 -69.86 -13.74 -47.93
N PHE C 220 -69.42 -12.52 -48.24
CA PHE C 220 -69.90 -11.35 -47.51
C PHE C 220 -71.38 -11.11 -47.80
N ASP C 221 -72.12 -10.69 -46.77
CA ASP C 221 -73.45 -10.16 -46.97
C ASP C 221 -73.41 -8.83 -47.72
N PRO C 222 -74.48 -8.47 -48.43
CA PRO C 222 -74.48 -7.21 -49.19
C PRO C 222 -74.13 -5.94 -48.41
N ALA C 223 -74.49 -5.83 -47.12
CA ALA C 223 -74.13 -4.62 -46.37
C ALA C 223 -72.62 -4.46 -46.25
N VAL C 224 -71.92 -5.55 -45.90
CA VAL C 224 -70.46 -5.51 -45.84
C VAL C 224 -69.86 -5.21 -47.21
N THR C 225 -70.39 -5.87 -48.25
CA THR C 225 -69.89 -5.62 -49.61
C THR C 225 -69.99 -4.14 -49.98
N GLU C 226 -71.15 -3.54 -49.74
CA GLU C 226 -71.31 -2.14 -50.11
C GLU C 226 -70.42 -1.24 -49.28
N TYR C 227 -70.30 -1.53 -47.97
CA TYR C 227 -69.50 -0.68 -47.11
C TYR C 227 -68.05 -0.67 -47.53
N ILE C 228 -67.46 -1.83 -47.79
CA ILE C 228 -66.06 -1.91 -48.19
C ILE C 228 -65.86 -1.23 -49.54
N GLN C 229 -66.84 -1.35 -50.43
CA GLN C 229 -66.81 -0.66 -51.71
C GLN C 229 -66.73 0.85 -51.52
N ARG C 230 -67.48 1.39 -50.54
CA ARG C 230 -67.43 2.83 -50.24
C ARG C 230 -66.06 3.25 -49.71
N LYS C 231 -65.35 2.36 -49.03
CA LYS C 231 -64.03 2.73 -48.51
C LYS C 231 -63.02 2.87 -49.63
N LYS C 232 -63.10 2.00 -50.64
CA LYS C 232 -62.16 2.01 -51.75
C LYS C 232 -62.56 3.01 -52.83
N PHE C 233 -63.88 3.22 -53.03
CA PHE C 233 -64.41 4.11 -54.06
C PHE C 233 -65.39 5.08 -53.42
N PRO C 234 -64.89 6.10 -52.72
CA PRO C 234 -65.79 7.00 -52.00
C PRO C 234 -66.67 7.78 -52.96
N PRO C 235 -67.96 7.89 -52.66
CA PRO C 235 -68.85 8.65 -53.54
C PRO C 235 -68.58 10.15 -53.52
N ASP C 236 -67.96 10.67 -52.47
CA ASP C 236 -67.75 12.10 -52.29
C ASP C 236 -66.35 12.56 -52.70
N ASN C 237 -65.65 11.77 -53.51
CA ASN C 237 -64.32 12.09 -54.02
C ASN C 237 -63.31 12.36 -52.90
N SER C 238 -63.58 11.88 -51.70
CA SER C 238 -62.59 11.88 -50.64
C SER C 238 -61.56 10.78 -50.90
N ALA C 239 -60.47 10.81 -50.13
CA ALA C 239 -59.41 9.82 -50.33
C ALA C 239 -59.88 8.45 -49.85
N PRO C 240 -59.56 7.38 -50.60
CA PRO C 240 -59.89 6.03 -50.12
C PRO C 240 -59.17 5.69 -48.82
N TYR C 241 -59.80 4.83 -48.01
CA TYR C 241 -59.17 4.32 -46.81
C TYR C 241 -58.02 3.37 -47.16
N GLY C 242 -57.00 3.34 -46.29
CA GLY C 242 -56.01 2.27 -46.37
C GLY C 242 -56.54 1.00 -45.71
N ALA C 243 -55.97 -0.13 -46.09
CA ALA C 243 -56.37 -1.41 -45.51
C ALA C 243 -55.21 -1.98 -44.71
N ARG C 244 -55.52 -2.55 -43.54
CA ARG C 244 -54.54 -3.28 -42.75
C ARG C 244 -55.27 -4.47 -42.14
N TYR C 245 -54.65 -5.66 -42.18
CA TYR C 245 -55.25 -6.81 -41.49
C TYR C 245 -54.10 -7.72 -41.06
N VAL C 246 -53.72 -7.62 -39.79
CA VAL C 246 -52.66 -8.46 -39.24
C VAL C 246 -53.10 -9.92 -39.14
N GLY C 247 -54.39 -10.17 -38.86
CA GLY C 247 -54.87 -11.51 -38.60
C GLY C 247 -54.75 -11.92 -37.14
N SER C 248 -54.36 -11.01 -36.27
CA SER C 248 -54.30 -11.22 -34.84
C SER C 248 -55.15 -10.13 -34.22
N MET C 249 -56.24 -10.53 -33.54
CA MET C 249 -57.27 -9.57 -33.16
C MET C 249 -56.72 -8.48 -32.25
N VAL C 250 -55.85 -8.83 -31.31
CA VAL C 250 -55.34 -7.81 -30.38
C VAL C 250 -54.53 -6.77 -31.13
N ALA C 251 -53.74 -7.20 -32.11
CA ALA C 251 -52.98 -6.23 -32.89
C ALA C 251 -53.91 -5.34 -33.70
N ASP C 252 -54.91 -5.93 -34.37
CA ASP C 252 -55.78 -5.14 -35.23
C ASP C 252 -56.63 -4.17 -34.41
N VAL C 253 -57.13 -4.61 -33.26
CA VAL C 253 -57.94 -3.72 -32.43
C VAL C 253 -57.06 -2.63 -31.83
N HIS C 254 -55.84 -2.96 -31.41
CA HIS C 254 -55.00 -1.92 -30.82
C HIS C 254 -54.68 -0.82 -31.82
N ARG C 255 -54.38 -1.19 -33.08
CA ARG C 255 -54.19 -0.16 -34.09
C ARG C 255 -55.45 0.67 -34.26
N THR C 256 -56.62 0.02 -34.24
CA THR C 256 -57.87 0.77 -34.35
C THR C 256 -57.99 1.78 -33.21
N LEU C 257 -57.65 1.36 -32.00
CA LEU C 257 -57.70 2.28 -30.86
C LEU C 257 -56.74 3.43 -31.06
N VAL C 258 -55.51 3.13 -31.48
CA VAL C 258 -54.44 4.14 -31.55
C VAL C 258 -54.64 5.06 -32.74
N TYR C 259 -55.01 4.52 -33.90
CA TYR C 259 -55.07 5.32 -35.12
C TYR C 259 -56.48 5.67 -35.55
N GLY C 260 -57.50 5.08 -34.95
CA GLY C 260 -58.85 5.22 -35.44
C GLY C 260 -59.11 4.29 -36.61
N GLY C 261 -60.35 4.28 -37.07
CA GLY C 261 -60.75 3.43 -38.17
C GLY C 261 -61.75 2.39 -37.74
N ILE C 262 -61.83 1.28 -38.47
CA ILE C 262 -62.88 0.30 -38.25
C ILE C 262 -62.29 -1.09 -38.43
N PHE C 263 -62.72 -2.02 -37.60
CA PHE C 263 -62.32 -3.42 -37.67
C PHE C 263 -63.56 -4.29 -37.83
N LEU C 264 -63.52 -5.24 -38.76
CA LEU C 264 -64.68 -6.08 -39.05
C LEU C 264 -64.30 -7.54 -39.02
N TYR C 265 -65.11 -8.35 -38.33
CA TYR C 265 -65.12 -9.80 -38.53
C TYR C 265 -66.57 -10.28 -38.64
N PRO C 266 -67.15 -10.19 -39.83
CA PRO C 266 -68.56 -10.56 -39.98
C PRO C 266 -68.68 -12.08 -40.15
N ALA C 267 -69.93 -12.54 -40.09
CA ALA C 267 -70.19 -13.95 -40.34
C ALA C 267 -69.89 -14.29 -41.79
N ASN C 268 -69.51 -15.55 -42.03
CA ASN C 268 -69.31 -16.10 -43.38
C ASN C 268 -69.83 -17.54 -43.39
N LYS C 269 -69.62 -18.26 -44.50
CA LYS C 269 -70.20 -19.60 -44.65
C LYS C 269 -69.54 -20.59 -43.71
N LYS C 270 -68.24 -20.46 -43.49
CA LYS C 270 -67.55 -21.28 -42.51
C LYS C 270 -67.99 -20.93 -41.09
N SER C 271 -68.36 -19.66 -40.86
CA SER C 271 -68.70 -19.13 -39.53
C SER C 271 -70.03 -18.38 -39.55
N PRO C 272 -71.17 -19.08 -39.62
CA PRO C 272 -72.45 -18.37 -39.75
C PRO C 272 -72.87 -17.58 -38.52
N ASN C 273 -72.30 -17.83 -37.35
CA ASN C 273 -72.54 -17.03 -36.14
C ASN C 273 -71.36 -16.11 -35.83
N GLY C 274 -70.52 -15.84 -36.84
CA GLY C 274 -69.27 -15.13 -36.65
C GLY C 274 -68.17 -16.09 -36.22
N LYS C 275 -66.96 -15.56 -36.10
CA LYS C 275 -65.81 -16.38 -35.76
C LYS C 275 -65.22 -16.07 -34.40
N LEU C 276 -65.18 -14.81 -34.02
CA LEU C 276 -64.57 -14.43 -32.75
C LEU C 276 -65.46 -14.85 -31.59
N ARG C 277 -64.85 -15.11 -30.45
CA ARG C 277 -65.59 -15.61 -29.28
C ARG C 277 -66.16 -14.44 -28.50
N LEU C 278 -67.44 -14.54 -28.13
CA LEU C 278 -68.10 -13.42 -27.48
C LEU C 278 -67.49 -13.12 -26.11
N LEU C 279 -67.24 -14.16 -25.30
CA LEU C 279 -66.98 -13.93 -23.88
C LEU C 279 -65.61 -13.33 -23.63
N TYR C 280 -64.58 -13.81 -24.34
CA TYR C 280 -63.20 -13.43 -24.00
C TYR C 280 -62.45 -12.88 -25.20
N GLU C 281 -63.15 -12.57 -26.30
CA GLU C 281 -62.61 -11.76 -27.36
C GLU C 281 -63.52 -10.56 -27.63
N CYS C 282 -64.78 -10.77 -28.01
CA CYS C 282 -65.63 -9.65 -28.41
C CYS C 282 -65.96 -8.73 -27.24
N ASN C 283 -66.47 -9.28 -26.13
CA ASN C 283 -66.89 -8.41 -25.03
C ASN C 283 -65.76 -7.60 -24.45
N PRO C 284 -64.61 -8.16 -24.08
CA PRO C 284 -63.55 -7.30 -23.55
C PRO C 284 -63.14 -6.20 -24.52
N MET C 285 -63.04 -6.52 -25.82
CA MET C 285 -62.64 -5.50 -26.77
C MET C 285 -63.72 -4.45 -26.96
N ALA C 286 -64.99 -4.87 -26.92
CA ALA C 286 -66.10 -3.91 -27.04
C ALA C 286 -66.13 -2.98 -25.84
N TYR C 287 -65.79 -3.51 -24.67
CA TYR C 287 -65.79 -2.69 -23.47
C TYR C 287 -64.71 -1.60 -23.55
N VAL C 288 -63.49 -1.99 -23.94
CA VAL C 288 -62.42 -1.02 -24.16
C VAL C 288 -62.85 0.04 -25.18
N MET C 289 -63.44 -0.39 -26.30
CA MET C 289 -63.84 0.55 -27.35
C MET C 289 -64.87 1.55 -26.83
N GLU C 290 -65.88 1.08 -26.11
CA GLU C 290 -66.91 2.00 -25.63
C GLU C 290 -66.37 2.92 -24.54
N LYS C 291 -65.52 2.42 -23.64
CA LYS C 291 -64.91 3.32 -22.66
C LYS C 291 -63.96 4.33 -23.32
N ALA C 292 -63.43 4.04 -24.51
CA ALA C 292 -62.60 4.96 -25.26
C ALA C 292 -63.42 5.87 -26.16
N GLY C 293 -64.75 5.81 -26.07
CA GLY C 293 -65.61 6.60 -26.90
C GLY C 293 -65.87 6.02 -28.27
N GLY C 294 -65.55 4.74 -28.48
CA GLY C 294 -65.83 4.08 -29.74
C GLY C 294 -67.12 3.30 -29.68
N MET C 295 -67.32 2.44 -30.69
CA MET C 295 -68.54 1.66 -30.81
C MET C 295 -68.18 0.22 -31.16
N ALA C 296 -69.09 -0.69 -30.82
CA ALA C 296 -68.89 -2.10 -31.14
C ALA C 296 -70.25 -2.74 -31.34
N THR C 297 -70.51 -3.23 -32.54
CA THR C 297 -71.83 -3.75 -32.89
C THR C 297 -71.69 -5.13 -33.53
N THR C 298 -72.74 -5.95 -33.38
CA THR C 298 -72.86 -7.18 -34.15
C THR C 298 -73.49 -6.96 -35.51
N GLY C 299 -73.98 -5.75 -35.78
CA GLY C 299 -74.86 -5.46 -36.89
C GLY C 299 -76.29 -5.22 -36.43
N LYS C 300 -76.79 -6.09 -35.57
CA LYS C 300 -78.16 -6.00 -35.05
C LYS C 300 -78.26 -5.33 -33.68
N GLU C 301 -77.21 -5.39 -32.87
CA GLU C 301 -77.26 -4.85 -31.51
C GLU C 301 -75.85 -4.61 -31.04
N ALA C 302 -75.73 -3.87 -29.94
CA ALA C 302 -74.42 -3.67 -29.32
C ALA C 302 -73.88 -5.00 -28.81
N VAL C 303 -72.58 -5.23 -29.05
CA VAL C 303 -71.91 -6.43 -28.56
C VAL C 303 -72.13 -6.60 -27.07
N LEU C 304 -72.03 -5.51 -26.30
CA LEU C 304 -72.15 -5.60 -24.86
C LEU C 304 -73.57 -5.93 -24.40
N ASP C 305 -74.56 -5.86 -25.30
CA ASP C 305 -75.94 -6.20 -24.94
C ASP C 305 -76.32 -7.63 -25.25
N VAL C 306 -75.47 -8.39 -25.97
CA VAL C 306 -75.78 -9.79 -26.24
C VAL C 306 -75.79 -10.55 -24.91
N ILE C 307 -76.84 -11.33 -24.69
CA ILE C 307 -76.90 -12.21 -23.51
C ILE C 307 -76.41 -13.59 -23.96
N PRO C 308 -75.25 -14.03 -23.48
CA PRO C 308 -74.71 -15.32 -23.94
C PRO C 308 -75.43 -16.48 -23.28
N THR C 309 -75.45 -17.60 -23.99
CA THR C 309 -75.97 -18.86 -23.49
C THR C 309 -74.93 -19.98 -23.42
N ASP C 310 -73.77 -19.79 -24.05
CA ASP C 310 -72.71 -20.79 -24.11
C ASP C 310 -71.37 -20.07 -24.01
N ILE C 311 -70.46 -20.62 -23.19
CA ILE C 311 -69.26 -19.88 -22.87
C ILE C 311 -68.30 -19.73 -24.05
N HIS C 312 -68.38 -20.59 -25.05
CA HIS C 312 -67.50 -20.50 -26.22
C HIS C 312 -68.23 -20.03 -27.46
N GLN C 313 -69.40 -19.40 -27.31
CA GLN C 313 -70.19 -18.99 -28.46
C GLN C 313 -69.51 -17.84 -29.21
N ARG C 314 -69.80 -17.78 -30.52
CA ARG C 314 -69.19 -16.80 -31.42
C ARG C 314 -70.12 -15.63 -31.65
N ALA C 315 -69.54 -14.53 -32.16
CA ALA C 315 -70.31 -13.36 -32.51
C ALA C 315 -69.66 -12.65 -33.69
N PRO C 316 -70.46 -12.11 -34.62
CA PRO C 316 -69.92 -11.16 -35.59
C PRO C 316 -69.63 -9.84 -34.88
N VAL C 317 -68.63 -9.11 -35.37
CA VAL C 317 -68.28 -7.88 -34.67
C VAL C 317 -67.79 -6.84 -35.68
N ILE C 318 -68.26 -5.61 -35.47
CA ILE C 318 -67.75 -4.45 -36.17
C ILE C 318 -67.49 -3.40 -35.10
N LEU C 319 -66.26 -2.90 -35.02
CA LEU C 319 -65.94 -1.96 -33.94
C LEU C 319 -64.95 -0.90 -34.41
N GLY C 320 -64.85 0.18 -33.64
CA GLY C 320 -63.89 1.23 -33.94
C GLY C 320 -64.43 2.63 -33.73
N SER C 321 -63.93 3.56 -34.53
CA SER C 321 -64.32 4.97 -34.43
C SER C 321 -65.83 5.12 -34.63
N PRO C 322 -66.49 5.97 -33.85
CA PRO C 322 -67.97 6.02 -33.91
C PRO C 322 -68.51 6.44 -35.26
N ASP C 323 -67.90 7.41 -35.95
CA ASP C 323 -68.41 7.83 -37.24
C ASP C 323 -68.32 6.71 -38.28
N ASP C 324 -67.27 5.88 -38.21
CA ASP C 324 -67.15 4.77 -39.14
C ASP C 324 -68.15 3.67 -38.82
N VAL C 325 -68.34 3.36 -37.54
CA VAL C 325 -69.33 2.33 -37.19
C VAL C 325 -70.74 2.82 -37.52
N LEU C 326 -71.02 4.09 -37.30
CA LEU C 326 -72.32 4.63 -37.65
C LEU C 326 -72.56 4.59 -39.15
N GLU C 327 -71.51 4.86 -39.95
CA GLU C 327 -71.68 4.77 -41.40
C GLU C 327 -71.98 3.34 -41.83
N PHE C 328 -71.30 2.36 -41.23
CA PHE C 328 -71.63 0.96 -41.54
C PHE C 328 -73.06 0.63 -41.16
N LEU C 329 -73.50 1.06 -39.98
CA LEU C 329 -74.86 0.74 -39.55
C LEU C 329 -75.90 1.37 -40.48
N LYS C 330 -75.57 2.54 -41.04
CA LYS C 330 -76.44 3.16 -42.03
C LYS C 330 -76.61 2.26 -43.26
N VAL C 331 -75.49 1.72 -43.77
CA VAL C 331 -75.58 0.79 -44.89
C VAL C 331 -76.33 -0.48 -44.46
N TYR C 332 -76.06 -0.97 -43.26
CA TYR C 332 -76.73 -2.18 -42.78
C TYR C 332 -78.24 -1.98 -42.73
N GLU C 333 -78.68 -0.80 -42.28
CA GLU C 333 -80.11 -0.49 -42.24
C GLU C 333 -80.72 -0.53 -43.63
N LYS C 334 -79.99 0.00 -44.61
CA LYS C 334 -80.48 0.06 -45.99
C LYS C 334 -80.82 -1.34 -46.51
N HIS C 335 -80.06 -2.35 -46.11
CA HIS C 335 -80.33 -3.72 -46.54
C HIS C 335 -81.23 -4.47 -45.58
N SER C 336 -82.03 -3.75 -44.80
CA SER C 336 -82.97 -4.30 -43.80
C SER C 336 -82.23 -5.04 -42.70
N ASP D 10 -26.37 -30.69 -32.39
CA ASP D 10 -25.51 -29.74 -31.70
C ASP D 10 -26.10 -28.34 -31.75
N VAL D 11 -26.15 -27.66 -30.60
CA VAL D 11 -26.62 -26.28 -30.58
C VAL D 11 -25.70 -25.43 -31.45
N ASN D 12 -26.27 -24.44 -32.13
CA ASN D 12 -25.47 -23.54 -32.95
C ASN D 12 -25.98 -22.12 -32.77
N THR D 13 -25.05 -21.18 -32.88
CA THR D 13 -25.37 -19.77 -32.76
C THR D 13 -25.02 -19.09 -34.07
N LEU D 14 -25.50 -17.86 -34.22
CA LEU D 14 -25.19 -17.09 -35.41
C LEU D 14 -23.68 -16.91 -35.57
N THR D 15 -23.00 -16.47 -34.51
CA THR D 15 -21.57 -16.22 -34.61
C THR D 15 -20.81 -17.49 -34.96
N ARG D 16 -21.14 -18.58 -34.27
CA ARG D 16 -20.44 -19.81 -34.53
C ARG D 16 -20.75 -20.33 -35.94
N PHE D 17 -22.00 -20.17 -36.39
CA PHE D 17 -22.39 -20.59 -37.74
C PHE D 17 -21.63 -19.82 -38.81
N VAL D 18 -21.57 -18.50 -38.69
CA VAL D 18 -20.90 -17.69 -39.71
C VAL D 18 -19.41 -18.04 -39.77
N MET D 19 -18.76 -18.15 -38.60
CA MET D 19 -17.36 -18.53 -38.53
C MET D 19 -17.08 -19.85 -39.22
N GLU D 20 -17.94 -20.85 -39.00
CA GLU D 20 -17.73 -22.15 -39.62
C GLU D 20 -17.84 -22.05 -41.13
N GLU D 21 -18.80 -21.27 -41.64
CA GLU D 21 -18.91 -21.07 -43.08
C GLU D 21 -17.69 -20.33 -43.62
N GLY D 22 -17.18 -19.37 -42.86
CA GLY D 22 -15.99 -18.65 -43.29
C GLY D 22 -14.76 -19.53 -43.33
N ARG D 23 -14.61 -20.41 -42.33
CA ARG D 23 -13.46 -21.32 -42.32
C ARG D 23 -13.50 -22.28 -43.50
N LYS D 24 -14.67 -22.85 -43.80
CA LYS D 24 -14.81 -23.67 -45.00
C LYS D 24 -14.38 -22.90 -46.24
N ALA D 25 -14.86 -21.66 -46.39
CA ALA D 25 -14.49 -20.87 -47.55
C ALA D 25 -13.06 -20.35 -47.49
N ARG D 26 -12.42 -20.42 -46.33
CA ARG D 26 -11.04 -19.96 -46.13
C ARG D 26 -10.87 -18.49 -46.51
N GLY D 27 -11.87 -17.67 -46.20
CA GLY D 27 -11.77 -16.24 -46.43
C GLY D 27 -10.92 -15.56 -45.37
N THR D 28 -10.75 -14.24 -45.56
CA THR D 28 -9.88 -13.46 -44.68
C THR D 28 -10.53 -13.10 -43.35
N GLY D 29 -11.85 -13.23 -43.24
CA GLY D 29 -12.54 -12.92 -42.00
C GLY D 29 -13.29 -11.60 -41.99
N GLU D 30 -13.13 -10.74 -43.01
CA GLU D 30 -13.82 -9.44 -43.01
C GLU D 30 -15.33 -9.63 -43.02
N LEU D 31 -15.84 -10.54 -43.84
CA LEU D 31 -17.29 -10.74 -43.90
C LEU D 31 -17.82 -11.23 -42.56
N THR D 32 -17.06 -12.10 -41.87
CA THR D 32 -17.47 -12.56 -40.54
C THR D 32 -17.48 -11.41 -39.54
N GLN D 33 -16.46 -10.53 -39.57
CA GLN D 33 -16.45 -9.38 -38.68
C GLN D 33 -17.63 -8.45 -38.96
N LEU D 34 -17.95 -8.25 -40.25
CA LEU D 34 -19.11 -7.43 -40.61
C LEU D 34 -20.39 -8.00 -40.02
N LEU D 35 -20.63 -9.29 -40.24
CA LEU D 35 -21.89 -9.88 -39.77
C LEU D 35 -21.96 -9.87 -38.25
N ASN D 36 -20.83 -10.10 -37.58
CA ASN D 36 -20.86 -10.03 -36.12
C ASN D 36 -21.19 -8.63 -35.64
N SER D 37 -20.64 -7.61 -36.31
CA SER D 37 -20.95 -6.24 -35.92
C SER D 37 -22.42 -5.91 -36.14
N LEU D 38 -22.98 -6.37 -37.27
CA LEU D 38 -24.40 -6.17 -37.54
C LEU D 38 -25.26 -6.89 -36.52
N CYS D 39 -24.85 -8.08 -36.09
CA CYS D 39 -25.57 -8.84 -35.08
C CYS D 39 -25.63 -8.08 -33.75
N THR D 40 -24.51 -7.46 -33.33
CA THR D 40 -24.52 -6.62 -32.15
C THR D 40 -25.48 -5.44 -32.31
N ALA D 41 -25.48 -4.80 -33.47
CA ALA D 41 -26.41 -3.69 -33.71
C ALA D 41 -27.87 -4.15 -33.60
N VAL D 42 -28.19 -5.32 -34.16
CA VAL D 42 -29.56 -5.83 -34.14
C VAL D 42 -30.03 -6.10 -32.70
N LYS D 43 -29.14 -6.64 -31.87
CA LYS D 43 -29.51 -6.85 -30.48
C LYS D 43 -29.78 -5.52 -29.77
N ALA D 44 -29.01 -4.49 -30.09
CA ALA D 44 -29.24 -3.18 -29.48
C ALA D 44 -30.53 -2.56 -29.99
N ILE D 45 -30.84 -2.74 -31.27
CA ILE D 45 -32.12 -2.23 -31.79
C ILE D 45 -33.28 -2.96 -31.13
N SER D 46 -33.18 -4.30 -31.04
CA SER D 46 -34.25 -5.07 -30.42
C SER D 46 -34.52 -4.59 -29.01
N SER D 47 -33.46 -4.34 -28.25
CA SER D 47 -33.59 -3.86 -26.89
C SER D 47 -34.34 -2.52 -26.85
N ALA D 48 -34.02 -1.61 -27.76
CA ALA D 48 -34.68 -0.31 -27.77
C ALA D 48 -36.12 -0.42 -28.25
N VAL D 49 -36.36 -1.30 -29.22
CA VAL D 49 -37.71 -1.45 -29.77
C VAL D 49 -38.65 -2.01 -28.72
N ARG D 50 -38.17 -2.95 -27.91
CA ARG D 50 -38.97 -3.52 -26.84
C ARG D 50 -39.08 -2.57 -25.63
N LYS D 51 -38.50 -1.37 -25.72
CA LYS D 51 -38.69 -0.27 -24.77
C LYS D 51 -37.96 -0.47 -23.45
N ALA D 52 -36.84 -1.18 -23.44
CA ALA D 52 -36.02 -1.21 -22.24
C ALA D 52 -35.63 0.22 -21.87
N GLY D 53 -35.80 0.57 -20.59
CA GLY D 53 -35.44 1.90 -20.13
C GLY D 53 -36.50 2.97 -20.29
N ILE D 54 -37.70 2.63 -20.78
CA ILE D 54 -38.72 3.63 -20.99
C ILE D 54 -39.14 4.25 -19.66
N ALA D 55 -38.95 3.53 -18.55
CA ALA D 55 -39.27 4.09 -17.24
C ALA D 55 -38.50 5.37 -16.97
N HIS D 56 -37.26 5.46 -17.46
CA HIS D 56 -36.48 6.67 -17.21
C HIS D 56 -37.00 7.85 -18.01
N LEU D 57 -37.55 7.60 -19.20
CA LEU D 57 -38.18 8.66 -19.99
C LEU D 57 -39.45 9.17 -19.36
N TYR D 58 -40.12 8.37 -18.54
CA TYR D 58 -41.35 8.80 -17.91
C TYR D 58 -41.13 9.25 -16.47
N GLY D 59 -39.87 9.47 -16.08
CA GLY D 59 -39.58 10.18 -14.87
C GLY D 59 -39.37 9.35 -13.64
N ILE D 60 -38.98 8.07 -13.79
CA ILE D 60 -38.85 7.20 -12.62
C ILE D 60 -37.83 7.76 -11.63
N ALA D 61 -36.78 8.44 -12.12
CA ALA D 61 -35.78 9.02 -11.25
C ALA D 61 -35.95 10.53 -11.09
N GLY D 62 -37.14 11.06 -11.35
CA GLY D 62 -37.39 12.48 -11.16
C GLY D 62 -37.16 13.35 -12.38
N LYS D 72 -33.99 10.54 -28.11
CA LYS D 72 -33.61 10.15 -29.47
C LYS D 72 -34.57 9.11 -30.06
N LYS D 73 -35.18 9.46 -31.19
CA LYS D 73 -36.23 8.65 -31.77
C LYS D 73 -35.66 7.30 -32.22
N LEU D 74 -36.55 6.30 -32.32
CA LEU D 74 -36.11 4.93 -32.59
C LEU D 74 -35.45 4.81 -33.97
N ASP D 75 -35.98 5.47 -34.98
CA ASP D 75 -35.37 5.29 -36.29
C ASP D 75 -34.01 5.98 -36.38
N VAL D 76 -33.85 7.10 -35.67
CA VAL D 76 -32.56 7.78 -35.64
C VAL D 76 -31.54 6.94 -34.86
N LEU D 77 -31.95 6.42 -33.70
CA LEU D 77 -31.06 5.56 -32.91
C LEU D 77 -30.67 4.30 -33.68
N SER D 78 -31.65 3.67 -34.34
CA SER D 78 -31.36 2.46 -35.11
C SER D 78 -30.33 2.72 -36.21
N ASN D 79 -30.49 3.83 -36.94
CA ASN D 79 -29.51 4.20 -37.96
C ASN D 79 -28.12 4.42 -37.36
N ASP D 80 -28.04 5.08 -36.20
CA ASP D 80 -26.73 5.33 -35.57
C ASP D 80 -26.07 4.02 -35.13
N LEU D 81 -26.86 3.08 -34.63
CA LEU D 81 -26.29 1.80 -34.20
C LEU D 81 -25.71 1.04 -35.37
N VAL D 82 -26.48 0.91 -36.46
CA VAL D 82 -25.96 0.17 -37.61
C VAL D 82 -24.76 0.89 -38.20
N MET D 83 -24.88 2.21 -38.42
CA MET D 83 -23.76 2.98 -38.98
C MET D 83 -22.51 2.82 -38.14
N ASN D 84 -22.65 2.98 -36.83
CA ASN D 84 -21.46 2.96 -35.98
C ASN D 84 -20.88 1.55 -35.86
N MET D 85 -21.72 0.53 -35.77
CA MET D 85 -21.18 -0.82 -35.68
C MET D 85 -20.52 -1.23 -37.00
N LEU D 86 -21.09 -0.81 -38.13
CA LEU D 86 -20.48 -1.14 -39.43
C LEU D 86 -19.20 -0.34 -39.69
N LYS D 87 -19.20 0.95 -39.39
CA LYS D 87 -17.98 1.73 -39.56
C LYS D 87 -16.82 1.15 -38.76
N SER D 88 -17.06 0.80 -37.50
CA SER D 88 -16.03 0.32 -36.60
C SER D 88 -15.68 -1.15 -36.84
N SER D 89 -16.34 -1.83 -37.80
CA SER D 89 -16.00 -3.21 -38.10
C SER D 89 -14.72 -3.35 -38.90
N PHE D 90 -14.26 -2.27 -39.52
CA PHE D 90 -13.14 -2.26 -40.47
C PHE D 90 -13.45 -3.11 -41.71
N ALA D 91 -14.72 -3.38 -42.00
CA ALA D 91 -15.08 -4.25 -43.13
C ALA D 91 -15.86 -3.57 -44.24
N THR D 92 -16.16 -2.27 -44.12
CA THR D 92 -17.03 -1.60 -45.07
C THR D 92 -16.35 -0.35 -45.61
N CYS D 93 -16.80 0.09 -46.78
CA CYS D 93 -16.24 1.30 -47.34
C CYS D 93 -17.34 2.25 -47.75
N VAL D 94 -18.52 1.72 -48.07
CA VAL D 94 -19.66 2.55 -48.49
C VAL D 94 -20.92 2.05 -47.81
N LEU D 95 -21.69 2.97 -47.23
CA LEU D 95 -22.91 2.62 -46.52
C LEU D 95 -24.06 3.44 -47.10
N VAL D 96 -25.11 2.74 -47.55
CA VAL D 96 -26.32 3.39 -48.04
C VAL D 96 -27.44 3.06 -47.05
N SER D 97 -28.10 4.09 -46.55
CA SER D 97 -29.17 3.93 -45.58
C SER D 97 -30.42 4.64 -46.06
N GLU D 98 -31.58 4.00 -45.79
CA GLU D 98 -32.88 4.67 -45.95
C GLU D 98 -32.90 6.04 -45.27
N GLU D 99 -32.13 6.22 -44.20
CA GLU D 99 -32.17 7.43 -43.39
C GLU D 99 -31.30 8.57 -43.91
N ASP D 100 -30.43 8.33 -44.90
CA ASP D 100 -29.43 9.31 -45.33
C ASP D 100 -29.53 9.61 -46.82
N LYS D 101 -29.54 10.91 -47.16
CA LYS D 101 -29.73 11.29 -48.56
C LYS D 101 -28.60 10.78 -49.44
N HIS D 102 -27.37 10.89 -48.97
CA HIS D 102 -26.21 10.47 -49.75
C HIS D 102 -25.58 9.23 -49.15
N ALA D 103 -24.86 8.48 -49.99
CA ALA D 103 -24.09 7.37 -49.47
C ALA D 103 -23.06 7.89 -48.47
N ILE D 104 -22.82 7.13 -47.43
CA ILE D 104 -21.81 7.46 -46.44
C ILE D 104 -20.52 6.76 -46.85
N ILE D 105 -19.42 7.51 -46.92
CA ILE D 105 -18.11 6.95 -47.27
C ILE D 105 -17.32 6.77 -45.99
N VAL D 106 -16.91 5.54 -45.70
CA VAL D 106 -16.18 5.27 -44.47
C VAL D 106 -14.81 5.94 -44.54
N GLU D 107 -14.38 6.54 -43.43
CA GLU D 107 -13.11 7.26 -43.46
C GLU D 107 -11.97 6.28 -43.74
N PRO D 108 -10.88 6.76 -44.37
CA PRO D 108 -9.88 5.83 -44.93
C PRO D 108 -9.34 4.81 -43.95
N GLU D 109 -9.13 5.18 -42.69
CA GLU D 109 -8.50 4.27 -41.74
C GLU D 109 -9.41 3.11 -41.34
N LYS D 110 -10.70 3.19 -41.63
CA LYS D 110 -11.62 2.14 -41.24
C LYS D 110 -12.16 1.35 -42.43
N ARG D 111 -11.61 1.55 -43.62
CA ARG D 111 -12.18 0.97 -44.83
C ARG D 111 -11.89 -0.51 -44.92
N GLY D 112 -12.92 -1.27 -45.27
CA GLY D 112 -12.83 -2.67 -45.62
C GLY D 112 -13.42 -2.86 -47.00
N LYS D 113 -13.74 -4.09 -47.37
CA LYS D 113 -14.03 -4.36 -48.77
C LYS D 113 -15.52 -4.38 -49.13
N TYR D 114 -16.44 -4.18 -48.18
CA TYR D 114 -17.84 -4.40 -48.49
C TYR D 114 -18.65 -3.10 -48.57
N VAL D 115 -19.70 -3.14 -49.38
CA VAL D 115 -20.70 -2.09 -49.49
C VAL D 115 -21.97 -2.62 -48.85
N VAL D 116 -22.58 -1.87 -47.93
CA VAL D 116 -23.76 -2.35 -47.21
C VAL D 116 -24.93 -1.39 -47.44
N CYS D 117 -26.07 -1.93 -47.88
CA CYS D 117 -27.30 -1.17 -48.02
C CYS D 117 -28.30 -1.64 -46.96
N PHE D 118 -28.91 -0.72 -46.25
CA PHE D 118 -29.79 -1.19 -45.19
C PHE D 118 -30.90 -0.19 -44.90
N ASP D 119 -32.01 -0.72 -44.35
CA ASP D 119 -33.10 0.05 -43.79
C ASP D 119 -33.08 -0.25 -42.30
N PRO D 120 -32.64 0.67 -41.44
CA PRO D 120 -32.37 0.30 -40.04
C PRO D 120 -33.61 -0.01 -39.26
N LEU D 121 -34.76 0.59 -39.59
CA LEU D 121 -35.99 0.28 -38.85
C LEU D 121 -37.17 0.43 -39.82
N ASP D 122 -37.40 -0.62 -40.59
CA ASP D 122 -38.50 -0.68 -41.55
C ASP D 122 -39.82 -0.84 -40.83
N GLY D 123 -40.84 -0.10 -41.30
CA GLY D 123 -42.14 -0.14 -40.70
C GLY D 123 -42.32 0.80 -39.53
N SER D 124 -41.30 1.60 -39.21
CA SER D 124 -41.33 2.40 -37.98
C SER D 124 -42.32 3.57 -38.05
N SER D 125 -42.84 3.89 -39.24
CA SER D 125 -43.85 4.94 -39.33
C SER D 125 -45.09 4.60 -38.51
N ASN D 126 -45.41 3.32 -38.39
CA ASN D 126 -46.57 2.87 -37.64
C ASN D 126 -46.19 2.21 -36.33
N ILE D 127 -44.97 2.46 -35.82
CA ILE D 127 -44.54 1.83 -34.59
C ILE D 127 -45.34 2.30 -33.37
N ASP D 128 -46.09 3.40 -33.48
CA ASP D 128 -46.94 3.88 -32.38
C ASP D 128 -48.01 2.85 -32.01
N CYS D 129 -48.39 1.96 -32.92
CA CYS D 129 -49.37 0.94 -32.59
C CYS D 129 -48.70 -0.40 -32.27
N LEU D 130 -47.38 -0.42 -32.09
CA LEU D 130 -46.64 -1.59 -31.67
C LEU D 130 -46.70 -2.72 -32.71
N VAL D 131 -46.94 -2.35 -33.97
CA VAL D 131 -46.84 -3.27 -35.10
C VAL D 131 -45.41 -3.79 -35.20
N SER D 132 -45.26 -5.02 -35.70
CA SER D 132 -43.93 -5.54 -36.00
C SER D 132 -43.15 -4.57 -36.86
N VAL D 133 -41.85 -4.41 -36.54
CA VAL D 133 -40.92 -3.62 -37.33
C VAL D 133 -39.69 -4.48 -37.56
N GLY D 134 -38.75 -3.97 -38.39
CA GLY D 134 -37.59 -4.77 -38.73
C GLY D 134 -36.46 -3.97 -39.32
N THR D 135 -35.33 -4.65 -39.48
CA THR D 135 -34.12 -4.14 -40.10
C THR D 135 -33.81 -5.00 -41.32
N ILE D 136 -33.49 -4.38 -42.44
CA ILE D 136 -33.20 -5.08 -43.69
C ILE D 136 -31.78 -4.71 -44.11
N PHE D 137 -31.02 -5.69 -44.61
CA PHE D 137 -29.65 -5.38 -45.05
C PHE D 137 -29.26 -6.20 -46.28
N GLY D 138 -28.40 -5.63 -47.10
CA GLY D 138 -27.81 -6.33 -48.23
C GLY D 138 -26.34 -5.98 -48.32
N ILE D 139 -25.48 -6.96 -48.57
CA ILE D 139 -24.03 -6.78 -48.50
C ILE D 139 -23.44 -7.11 -49.88
N TYR D 140 -22.71 -6.17 -50.45
CA TYR D 140 -22.05 -6.33 -51.74
C TYR D 140 -20.54 -6.20 -51.59
N ARG D 141 -19.80 -6.84 -52.46
CA ARG D 141 -18.37 -6.59 -52.50
C ARG D 141 -18.11 -5.37 -53.38
N LYS D 142 -17.24 -4.46 -52.92
CA LYS D 142 -16.87 -3.33 -53.76
C LYS D 142 -16.11 -3.88 -54.97
N LYS D 143 -16.50 -3.44 -56.17
CA LYS D 143 -16.04 -4.11 -57.39
C LYS D 143 -14.77 -3.50 -57.99
N SER D 144 -14.56 -2.20 -57.84
CA SER D 144 -13.38 -1.54 -58.39
C SER D 144 -12.45 -1.09 -57.27
N THR D 145 -11.22 -0.80 -57.68
CA THR D 145 -10.23 -0.19 -56.80
C THR D 145 -10.33 1.34 -56.81
N ASP D 146 -11.33 1.92 -57.49
CA ASP D 146 -11.48 3.37 -57.46
C ASP D 146 -11.72 3.87 -56.02
N GLU D 147 -11.40 5.14 -55.79
CA GLU D 147 -11.85 5.83 -54.58
C GLU D 147 -13.33 5.52 -54.33
N PRO D 148 -13.70 5.01 -53.15
CA PRO D 148 -15.10 4.66 -52.91
C PRO D 148 -16.02 5.86 -53.10
N SER D 149 -17.20 5.60 -53.67
CA SER D 149 -18.16 6.65 -53.96
C SER D 149 -19.54 6.00 -54.02
N GLU D 150 -20.55 6.86 -54.17
CA GLU D 150 -21.94 6.42 -54.27
C GLU D 150 -22.13 5.41 -55.40
N LYS D 151 -21.34 5.51 -56.47
CA LYS D 151 -21.50 4.58 -57.59
C LYS D 151 -21.23 3.15 -57.19
N ASP D 152 -20.42 2.91 -56.16
CA ASP D 152 -20.12 1.54 -55.73
C ASP D 152 -21.34 0.82 -55.20
N ALA D 153 -22.39 1.54 -54.84
CA ALA D 153 -23.61 0.90 -54.37
C ALA D 153 -24.58 0.56 -55.49
N LEU D 154 -24.28 0.99 -56.73
CA LEU D 154 -25.21 0.82 -57.83
C LEU D 154 -24.98 -0.51 -58.54
N GLN D 155 -25.12 -1.61 -57.77
CA GLN D 155 -24.98 -2.96 -58.31
C GLN D 155 -26.33 -3.66 -58.34
N PRO D 156 -26.58 -4.52 -59.33
CA PRO D 156 -27.82 -5.31 -59.30
C PRO D 156 -27.79 -6.30 -58.15
N GLY D 157 -28.99 -6.63 -57.66
CA GLY D 157 -29.12 -7.55 -56.55
C GLY D 157 -28.47 -8.90 -56.79
N ARG D 158 -28.31 -9.30 -58.06
CA ARG D 158 -27.59 -10.53 -58.37
C ARG D 158 -26.18 -10.55 -57.80
N ASN D 159 -25.60 -9.38 -57.54
CA ASN D 159 -24.24 -9.28 -57.01
C ASN D 159 -24.17 -9.43 -55.48
N LEU D 160 -25.30 -9.63 -54.81
CA LEU D 160 -25.27 -9.71 -53.35
C LEU D 160 -24.42 -10.88 -52.89
N VAL D 161 -23.64 -10.64 -51.85
CA VAL D 161 -22.88 -11.69 -51.18
C VAL D 161 -23.67 -12.27 -50.01
N ALA D 162 -24.45 -11.45 -49.32
CA ALA D 162 -25.29 -11.90 -48.22
C ALA D 162 -26.39 -10.87 -48.05
N ALA D 163 -27.53 -11.32 -47.53
CA ALA D 163 -28.61 -10.39 -47.26
C ALA D 163 -29.56 -11.02 -46.25
N GLY D 164 -30.39 -10.20 -45.65
CA GLY D 164 -31.36 -10.74 -44.72
C GLY D 164 -32.09 -9.66 -43.98
N TYR D 165 -32.69 -10.07 -42.87
CA TYR D 165 -33.48 -9.12 -42.10
C TYR D 165 -33.58 -9.61 -40.68
N ALA D 166 -33.82 -8.64 -39.80
CA ALA D 166 -34.22 -8.89 -38.43
C ALA D 166 -35.65 -8.43 -38.27
N LEU D 167 -36.49 -9.30 -37.72
CA LEU D 167 -37.88 -9.02 -37.46
C LEU D 167 -38.06 -8.90 -35.94
N TYR D 168 -38.52 -7.73 -35.49
CA TYR D 168 -38.83 -7.51 -34.07
C TYR D 168 -40.34 -7.71 -33.91
N GLY D 169 -40.72 -8.97 -33.80
CA GLY D 169 -42.13 -9.32 -33.72
C GLY D 169 -42.46 -9.81 -32.34
N SER D 170 -43.31 -10.85 -32.22
CA SER D 170 -43.54 -11.42 -30.88
C SER D 170 -42.24 -11.91 -30.26
N ALA D 171 -41.31 -12.37 -31.08
CA ALA D 171 -39.91 -12.55 -30.69
C ALA D 171 -39.03 -11.89 -31.76
N THR D 172 -37.74 -11.83 -31.49
CA THR D 172 -36.78 -11.28 -32.45
C THR D 172 -36.08 -12.42 -33.19
N MET D 173 -36.09 -12.36 -34.52
CA MET D 173 -35.46 -13.37 -35.33
C MET D 173 -34.63 -12.71 -36.42
N LEU D 174 -33.45 -13.27 -36.68
CA LEU D 174 -32.60 -12.83 -37.77
C LEU D 174 -32.63 -13.89 -38.86
N VAL D 175 -32.98 -13.48 -40.09
CA VAL D 175 -32.97 -14.39 -41.23
C VAL D 175 -31.79 -13.97 -42.11
N LEU D 176 -30.89 -14.91 -42.36
CA LEU D 176 -29.65 -14.65 -43.08
C LEU D 176 -29.59 -15.52 -44.33
N ALA D 177 -29.44 -14.90 -45.49
CA ALA D 177 -29.34 -15.61 -46.76
C ALA D 177 -27.94 -15.44 -47.32
N MET D 178 -27.34 -16.56 -47.76
CA MET D 178 -26.04 -16.58 -48.43
C MET D 178 -26.10 -17.65 -49.51
N ASP D 179 -24.96 -17.89 -50.17
CA ASP D 179 -24.93 -18.92 -51.19
C ASP D 179 -25.35 -20.27 -50.62
N CYS D 180 -25.02 -20.54 -49.36
CA CYS D 180 -25.38 -21.81 -48.74
C CYS D 180 -26.87 -21.94 -48.42
N GLY D 181 -27.69 -20.93 -48.70
CA GLY D 181 -29.11 -21.01 -48.40
C GLY D 181 -29.53 -20.01 -47.33
N VAL D 182 -30.73 -20.22 -46.81
CA VAL D 182 -31.37 -19.31 -45.87
C VAL D 182 -31.43 -20.00 -44.52
N ASN D 183 -31.00 -19.30 -43.47
CA ASN D 183 -31.03 -19.86 -42.11
C ASN D 183 -31.62 -18.85 -41.15
N CYS D 184 -32.41 -19.32 -40.19
CA CYS D 184 -33.17 -18.48 -39.26
C CYS D 184 -32.69 -18.67 -37.83
N PHE D 185 -32.41 -17.56 -37.15
CA PHE D 185 -31.83 -17.55 -35.81
C PHE D 185 -32.76 -16.78 -34.88
N MET D 186 -33.11 -17.38 -33.75
CA MET D 186 -33.95 -16.74 -32.74
C MET D 186 -33.09 -16.09 -31.65
N LEU D 187 -33.33 -14.82 -31.38
CA LEU D 187 -32.63 -14.16 -30.29
C LEU D 187 -33.16 -14.66 -28.95
N ASP D 188 -32.28 -15.26 -28.13
CA ASP D 188 -32.63 -15.58 -26.76
C ASP D 188 -32.27 -14.38 -25.89
N PRO D 189 -33.24 -13.57 -25.46
CA PRO D 189 -32.90 -12.34 -24.73
C PRO D 189 -32.36 -12.61 -23.33
N ALA D 190 -32.52 -13.83 -22.81
CA ALA D 190 -31.95 -14.16 -21.52
C ALA D 190 -30.42 -14.13 -21.56
N ILE D 191 -29.82 -14.50 -22.69
CA ILE D 191 -28.37 -14.59 -22.82
C ILE D 191 -27.83 -13.74 -23.97
N GLY D 192 -28.68 -13.07 -24.73
CA GLY D 192 -28.20 -12.25 -25.83
C GLY D 192 -27.48 -13.03 -26.92
N GLU D 193 -28.04 -14.17 -27.34
CA GLU D 193 -27.45 -14.97 -28.40
C GLU D 193 -28.52 -15.34 -29.41
N PHE D 194 -28.17 -15.30 -30.69
CA PHE D 194 -29.03 -15.78 -31.75
C PHE D 194 -28.85 -17.28 -31.91
N ILE D 195 -29.93 -18.03 -31.70
CA ILE D 195 -29.88 -19.50 -31.73
C ILE D 195 -30.41 -19.97 -33.08
N LEU D 196 -29.64 -20.82 -33.75
CA LEU D 196 -30.11 -21.38 -35.01
C LEU D 196 -31.30 -22.30 -34.76
N VAL D 197 -32.47 -21.93 -35.29
CA VAL D 197 -33.68 -22.72 -35.08
C VAL D 197 -34.30 -23.26 -36.36
N ASP D 198 -33.99 -22.70 -37.53
CA ASP D 198 -34.52 -23.23 -38.80
C ASP D 198 -33.41 -23.24 -39.83
N LYS D 199 -33.02 -24.43 -40.28
CA LYS D 199 -31.88 -24.60 -41.18
C LYS D 199 -32.33 -24.79 -42.62
N ASP D 200 -31.66 -24.09 -43.53
CA ASP D 200 -31.80 -24.26 -44.98
C ASP D 200 -33.27 -24.26 -45.40
N VAL D 201 -33.95 -23.17 -45.02
CA VAL D 201 -35.40 -23.10 -45.20
C VAL D 201 -35.74 -22.91 -46.67
N LYS D 202 -36.83 -23.53 -47.11
CA LYS D 202 -37.35 -23.38 -48.46
C LYS D 202 -38.81 -22.98 -48.40
N ILE D 203 -39.23 -22.14 -49.33
CA ILE D 203 -40.61 -21.70 -49.35
C ILE D 203 -41.46 -22.75 -50.04
N LYS D 204 -42.73 -22.84 -49.62
CA LYS D 204 -43.69 -23.70 -50.31
C LYS D 204 -43.82 -23.35 -51.78
N LYS D 205 -44.06 -24.38 -52.59
CA LYS D 205 -44.25 -24.20 -54.02
C LYS D 205 -45.45 -23.32 -54.32
N LYS D 206 -46.51 -23.42 -53.53
CA LYS D 206 -47.74 -22.66 -53.75
C LYS D 206 -48.38 -22.37 -52.40
N GLY D 207 -48.87 -21.14 -52.23
CA GLY D 207 -49.44 -20.72 -50.98
C GLY D 207 -50.95 -20.58 -51.01
N LYS D 208 -51.48 -20.00 -49.93
CA LYS D 208 -52.91 -19.79 -49.74
C LYS D 208 -53.20 -18.41 -49.18
N ILE D 209 -52.24 -17.49 -49.23
CA ILE D 209 -52.38 -16.13 -48.70
C ILE D 209 -51.88 -15.14 -49.74
N TYR D 210 -52.63 -14.06 -49.94
CA TYR D 210 -52.14 -12.92 -50.71
C TYR D 210 -52.06 -11.69 -49.81
N SER D 211 -51.09 -10.81 -50.10
CA SER D 211 -50.78 -9.69 -49.20
C SER D 211 -50.51 -8.41 -50.01
N LEU D 212 -51.41 -7.44 -49.91
CA LEU D 212 -51.21 -6.11 -50.51
C LEU D 212 -52.25 -5.16 -49.89
N ASN D 213 -52.04 -3.87 -50.11
CA ASN D 213 -52.96 -2.86 -49.60
C ASN D 213 -54.13 -2.71 -50.56
N GLU D 214 -55.23 -3.40 -50.27
CA GLU D 214 -56.39 -3.31 -51.16
C GLU D 214 -57.17 -2.02 -51.01
N GLY D 215 -56.85 -1.18 -50.03
CA GLY D 215 -57.50 0.12 -49.93
C GLY D 215 -57.24 1.03 -51.12
N TYR D 216 -56.15 0.80 -51.84
CA TYR D 216 -55.81 1.59 -53.02
C TYR D 216 -56.31 0.95 -54.32
N ALA D 217 -57.36 0.12 -54.24
CA ALA D 217 -57.86 -0.61 -55.40
C ALA D 217 -58.27 0.31 -56.55
N LYS D 218 -58.76 1.51 -56.26
CA LYS D 218 -59.17 2.42 -57.32
C LYS D 218 -57.99 2.80 -58.22
N ASP D 219 -56.76 2.72 -57.69
CA ASP D 219 -55.56 3.06 -58.46
C ASP D 219 -54.88 1.84 -59.06
N PHE D 220 -55.41 0.64 -58.83
CA PHE D 220 -54.73 -0.57 -59.29
C PHE D 220 -54.53 -0.58 -60.79
N ASP D 221 -53.40 -1.14 -61.19
CA ASP D 221 -53.22 -1.55 -62.58
C ASP D 221 -54.25 -2.63 -62.91
N PRO D 222 -54.79 -2.66 -64.14
CA PRO D 222 -55.81 -3.68 -64.48
C PRO D 222 -55.36 -5.11 -64.23
N ALA D 223 -54.07 -5.40 -64.39
CA ALA D 223 -53.56 -6.75 -64.12
C ALA D 223 -53.65 -7.10 -62.64
N VAL D 224 -53.34 -6.16 -61.74
CA VAL D 224 -53.42 -6.44 -60.31
C VAL D 224 -54.86 -6.69 -59.89
N THR D 225 -55.80 -5.89 -60.43
CA THR D 225 -57.22 -6.06 -60.15
C THR D 225 -57.70 -7.46 -60.51
N GLU D 226 -57.33 -7.93 -61.71
CA GLU D 226 -57.79 -9.23 -62.18
C GLU D 226 -57.15 -10.35 -61.36
N TYR D 227 -55.86 -10.24 -61.06
CA TYR D 227 -55.21 -11.27 -60.27
C TYR D 227 -55.85 -11.39 -58.89
N ILE D 228 -56.09 -10.26 -58.23
CA ILE D 228 -56.68 -10.30 -56.89
C ILE D 228 -58.10 -10.86 -56.95
N GLN D 229 -58.85 -10.54 -58.01
CA GLN D 229 -60.19 -11.10 -58.17
C GLN D 229 -60.17 -12.62 -58.27
N ARG D 230 -59.19 -13.18 -58.98
CA ARG D 230 -59.07 -14.63 -59.07
C ARG D 230 -58.73 -15.27 -57.73
N LYS D 231 -58.03 -14.54 -56.86
CA LYS D 231 -57.72 -15.10 -55.53
C LYS D 231 -58.98 -15.14 -54.67
N LYS D 232 -59.85 -14.15 -54.79
CA LYS D 232 -61.07 -14.10 -53.99
C LYS D 232 -62.21 -14.91 -54.59
N PHE D 233 -62.25 -14.99 -55.93
CA PHE D 233 -63.31 -15.68 -56.66
C PHE D 233 -62.67 -16.65 -57.64
N PRO D 234 -62.15 -17.77 -57.16
CA PRO D 234 -61.43 -18.69 -58.05
C PRO D 234 -62.36 -19.23 -59.11
N PRO D 235 -61.90 -19.35 -60.36
CA PRO D 235 -62.77 -19.83 -61.43
C PRO D 235 -63.18 -21.28 -61.26
N ASP D 236 -62.40 -22.09 -60.54
CA ASP D 236 -62.71 -23.50 -60.34
C ASP D 236 -63.37 -23.71 -58.97
N ASN D 237 -63.14 -24.86 -58.34
CA ASN D 237 -63.71 -25.12 -57.02
C ASN D 237 -62.67 -25.08 -55.90
N SER D 238 -61.51 -24.47 -56.14
CA SER D 238 -60.59 -24.33 -55.03
C SER D 238 -61.05 -23.24 -54.08
N ALA D 239 -60.54 -23.30 -52.86
CA ALA D 239 -60.90 -22.33 -51.84
C ALA D 239 -60.25 -20.98 -52.16
N PRO D 240 -60.98 -19.89 -51.95
CA PRO D 240 -60.34 -18.58 -52.10
C PRO D 240 -59.18 -18.43 -51.12
N TYR D 241 -58.18 -17.65 -51.50
CA TYR D 241 -57.06 -17.39 -50.60
C TYR D 241 -57.49 -16.50 -49.43
N GLY D 242 -56.81 -16.67 -48.30
CA GLY D 242 -56.91 -15.70 -47.22
C GLY D 242 -56.06 -14.46 -47.50
N ALA D 243 -56.42 -13.35 -46.84
CA ALA D 243 -55.74 -12.07 -47.01
C ALA D 243 -55.07 -11.67 -45.70
N ARG D 244 -53.85 -11.13 -45.81
CA ARG D 244 -53.13 -10.58 -44.66
C ARG D 244 -52.33 -9.37 -45.15
N TYR D 245 -52.36 -8.28 -44.39
CA TYR D 245 -51.47 -7.16 -44.73
C TYR D 245 -51.16 -6.40 -43.45
N VAL D 246 -50.02 -6.71 -42.85
CA VAL D 246 -49.56 -6.03 -41.64
C VAL D 246 -49.22 -4.56 -41.96
N GLY D 247 -48.72 -4.29 -43.16
CA GLY D 247 -48.27 -2.95 -43.49
C GLY D 247 -46.85 -2.68 -43.12
N SER D 248 -46.12 -3.70 -42.70
CA SER D 248 -44.71 -3.64 -42.38
C SER D 248 -44.02 -4.67 -43.24
N MET D 249 -43.12 -4.23 -44.13
CA MET D 249 -42.66 -5.13 -45.18
C MET D 249 -41.99 -6.36 -44.59
N VAL D 250 -41.18 -6.19 -43.54
CA VAL D 250 -40.45 -7.32 -42.97
C VAL D 250 -41.41 -8.37 -42.42
N ALA D 251 -42.49 -7.95 -41.76
CA ALA D 251 -43.47 -8.90 -41.21
C ALA D 251 -44.21 -9.64 -42.31
N ASP D 252 -44.65 -8.93 -43.35
CA ASP D 252 -45.39 -9.56 -44.45
C ASP D 252 -44.50 -10.51 -45.25
N VAL D 253 -43.24 -10.14 -45.48
CA VAL D 253 -42.36 -11.02 -46.23
C VAL D 253 -42.01 -12.25 -45.41
N HIS D 254 -41.76 -12.06 -44.10
CA HIS D 254 -41.43 -13.23 -43.28
C HIS D 254 -42.58 -14.22 -43.20
N ARG D 255 -43.81 -13.72 -43.04
CA ARG D 255 -44.97 -14.61 -43.10
C ARG D 255 -45.03 -15.33 -44.45
N THR D 256 -44.74 -14.60 -45.53
CA THR D 256 -44.73 -15.22 -46.85
C THR D 256 -43.70 -16.34 -46.94
N LEU D 257 -42.51 -16.13 -46.37
CA LEU D 257 -41.49 -17.17 -46.35
C LEU D 257 -41.94 -18.38 -45.55
N VAL D 258 -42.51 -18.17 -44.36
CA VAL D 258 -42.84 -19.26 -43.45
C VAL D 258 -44.07 -20.04 -43.95
N TYR D 259 -45.08 -19.33 -44.45
CA TYR D 259 -46.35 -19.97 -44.81
C TYR D 259 -46.57 -20.14 -46.31
N GLY D 260 -45.76 -19.51 -47.15
CA GLY D 260 -46.02 -19.48 -48.58
C GLY D 260 -47.03 -18.40 -48.93
N GLY D 261 -47.24 -18.23 -50.23
CA GLY D 261 -48.16 -17.22 -50.73
C GLY D 261 -47.47 -16.12 -51.52
N ILE D 262 -48.12 -14.96 -51.57
CA ILE D 262 -47.64 -13.88 -52.44
C ILE D 262 -47.80 -12.53 -51.74
N PHE D 263 -46.78 -11.68 -51.90
CA PHE D 263 -46.76 -10.32 -51.38
C PHE D 263 -46.58 -9.35 -52.56
N LEU D 264 -47.40 -8.32 -52.62
CA LEU D 264 -47.33 -7.40 -53.75
C LEU D 264 -47.25 -5.96 -53.29
N TYR D 265 -46.29 -5.22 -53.85
CA TYR D 265 -46.31 -3.76 -53.83
C TYR D 265 -46.03 -3.35 -55.27
N PRO D 266 -47.03 -3.45 -56.14
CA PRO D 266 -46.81 -3.30 -57.58
C PRO D 266 -46.89 -1.85 -58.05
N ALA D 267 -46.45 -1.66 -59.29
CA ALA D 267 -46.59 -0.37 -59.98
C ALA D 267 -48.05 -0.10 -60.36
N ASN D 268 -48.38 1.19 -60.47
CA ASN D 268 -49.62 1.66 -61.08
C ASN D 268 -49.27 2.90 -61.87
N LYS D 269 -50.26 3.58 -62.47
CA LYS D 269 -49.91 4.74 -63.29
C LYS D 269 -49.48 5.93 -62.44
N LYS D 270 -50.06 6.11 -61.25
CA LYS D 270 -49.56 7.17 -60.38
C LYS D 270 -48.12 6.91 -59.94
N SER D 271 -47.77 5.64 -59.74
CA SER D 271 -46.46 5.24 -59.23
C SER D 271 -45.88 4.22 -60.20
N PRO D 272 -45.36 4.66 -61.35
CA PRO D 272 -44.95 3.70 -62.39
C PRO D 272 -43.77 2.83 -62.00
N ASN D 273 -42.99 3.23 -60.99
CA ASN D 273 -41.89 2.42 -60.50
C ASN D 273 -42.15 1.84 -59.11
N GLY D 274 -43.39 1.78 -58.67
CA GLY D 274 -43.64 1.25 -57.34
C GLY D 274 -43.30 2.25 -56.25
N LYS D 275 -43.35 1.78 -55.01
CA LYS D 275 -43.03 2.62 -53.86
C LYS D 275 -41.83 2.17 -53.04
N LEU D 276 -41.59 0.86 -52.93
CA LEU D 276 -40.49 0.36 -52.11
C LEU D 276 -39.16 0.68 -52.80
N ARG D 277 -38.11 0.81 -51.99
CA ARG D 277 -36.79 1.19 -52.49
C ARG D 277 -36.01 -0.03 -52.94
N LEU D 278 -35.38 0.06 -54.11
CA LEU D 278 -34.71 -1.09 -54.70
C LEU D 278 -33.53 -1.58 -53.85
N LEU D 279 -32.66 -0.66 -53.41
CA LEU D 279 -31.37 -1.08 -52.88
C LEU D 279 -31.49 -1.75 -51.51
N TYR D 280 -32.35 -1.24 -50.64
CA TYR D 280 -32.34 -1.72 -49.26
C TYR D 280 -33.69 -2.24 -48.80
N GLU D 281 -34.65 -2.42 -49.70
CA GLU D 281 -35.87 -3.15 -49.38
C GLU D 281 -36.08 -4.30 -50.37
N CYS D 282 -36.22 -3.99 -51.65
CA CYS D 282 -36.59 -5.02 -52.62
C CYS D 282 -35.48 -6.05 -52.81
N ASN D 283 -34.26 -5.59 -53.07
CA ASN D 283 -33.17 -6.50 -53.39
C ASN D 283 -32.86 -7.47 -52.27
N PRO D 284 -32.68 -7.04 -51.00
CA PRO D 284 -32.44 -8.04 -49.96
C PRO D 284 -33.57 -9.05 -49.85
N MET D 285 -34.83 -8.63 -49.95
CA MET D 285 -35.95 -9.56 -49.83
C MET D 285 -36.04 -10.47 -51.06
N ALA D 286 -35.74 -9.93 -52.24
CA ALA D 286 -35.72 -10.75 -53.44
C ALA D 286 -34.64 -11.82 -53.36
N TYR D 287 -33.50 -11.46 -52.78
CA TYR D 287 -32.39 -12.41 -52.62
C TYR D 287 -32.74 -13.51 -51.62
N VAL D 288 -33.30 -13.14 -50.46
CA VAL D 288 -33.78 -14.15 -49.52
C VAL D 288 -34.77 -15.08 -50.22
N MET D 289 -35.71 -14.50 -50.97
CA MET D 289 -36.72 -15.31 -51.64
C MET D 289 -36.08 -16.28 -52.62
N GLU D 290 -35.14 -15.80 -53.44
CA GLU D 290 -34.57 -16.69 -54.43
C GLU D 290 -33.74 -17.78 -53.78
N LYS D 291 -32.99 -17.47 -52.72
CA LYS D 291 -32.25 -18.52 -52.02
C LYS D 291 -33.16 -19.53 -51.31
N ALA D 292 -34.41 -19.16 -51.02
CA ALA D 292 -35.38 -20.09 -50.45
C ALA D 292 -36.20 -20.80 -51.51
N GLY D 293 -35.87 -20.63 -52.79
CA GLY D 293 -36.64 -21.25 -53.84
C GLY D 293 -37.88 -20.48 -54.26
N GLY D 294 -38.00 -19.23 -53.85
CA GLY D 294 -39.10 -18.39 -54.27
C GLY D 294 -38.72 -17.51 -55.44
N MET D 295 -39.59 -16.57 -55.75
CA MET D 295 -39.38 -15.68 -56.89
C MET D 295 -39.66 -14.24 -56.48
N ALA D 296 -39.08 -13.31 -57.23
CA ALA D 296 -39.33 -11.89 -56.98
C ALA D 296 -39.21 -11.13 -58.30
N THR D 297 -40.32 -10.51 -58.72
CA THR D 297 -40.38 -9.87 -60.02
C THR D 297 -40.87 -8.44 -59.87
N THR D 298 -40.44 -7.59 -60.81
CA THR D 298 -41.06 -6.27 -60.97
C THR D 298 -42.30 -6.32 -61.83
N GLY D 299 -42.60 -7.47 -62.42
CA GLY D 299 -43.60 -7.53 -63.47
C GLY D 299 -42.93 -7.68 -64.82
N LYS D 300 -41.88 -6.90 -65.06
CA LYS D 300 -41.15 -6.92 -66.32
C LYS D 300 -39.88 -7.76 -66.26
N GLU D 301 -39.26 -7.90 -65.10
CA GLU D 301 -38.01 -8.62 -64.98
C GLU D 301 -37.82 -8.99 -63.51
N ALA D 302 -36.86 -9.87 -63.26
CA ALA D 302 -36.52 -10.18 -61.86
C ALA D 302 -35.98 -8.94 -61.17
N VAL D 303 -36.40 -8.76 -59.91
CA VAL D 303 -35.89 -7.67 -59.09
C VAL D 303 -34.36 -7.68 -59.07
N LEU D 304 -33.76 -8.87 -58.93
CA LEU D 304 -32.31 -8.94 -58.80
C LEU D 304 -31.57 -8.55 -60.07
N ASP D 305 -32.26 -8.45 -61.22
CA ASP D 305 -31.60 -8.07 -62.47
C ASP D 305 -31.67 -6.58 -62.78
N VAL D 306 -32.45 -5.79 -62.03
CA VAL D 306 -32.51 -4.35 -62.27
C VAL D 306 -31.16 -3.73 -61.95
N ILE D 307 -30.63 -2.92 -62.89
CA ILE D 307 -29.40 -2.18 -62.66
C ILE D 307 -29.77 -0.80 -62.15
N PRO D 308 -29.48 -0.45 -60.91
CA PRO D 308 -29.91 0.85 -60.38
C PRO D 308 -29.05 1.97 -60.95
N THR D 309 -29.67 3.14 -61.08
CA THR D 309 -28.95 4.37 -61.41
C THR D 309 -29.01 5.39 -60.29
N ASP D 310 -29.80 5.15 -59.25
CA ASP D 310 -29.91 6.07 -58.12
C ASP D 310 -30.05 5.23 -56.86
N ILE D 311 -29.30 5.59 -55.81
CA ILE D 311 -29.29 4.74 -54.63
C ILE D 311 -30.65 4.69 -53.92
N HIS D 312 -31.53 5.67 -54.15
CA HIS D 312 -32.84 5.66 -53.53
C HIS D 312 -33.96 5.37 -54.53
N GLN D 313 -33.64 4.79 -55.67
CA GLN D 313 -34.69 4.58 -56.68
C GLN D 313 -35.66 3.51 -56.20
N ARG D 314 -36.89 3.61 -56.69
CA ARG D 314 -37.95 2.69 -56.30
C ARG D 314 -38.08 1.56 -57.32
N ALA D 315 -38.75 0.49 -56.88
CA ALA D 315 -39.05 -0.63 -57.77
C ALA D 315 -40.37 -1.27 -57.35
N PRO D 316 -41.18 -1.73 -58.31
CA PRO D 316 -42.30 -2.60 -57.96
C PRO D 316 -41.79 -3.95 -57.52
N VAL D 317 -42.55 -4.61 -56.66
CA VAL D 317 -42.11 -5.94 -56.21
C VAL D 317 -43.33 -6.83 -56.01
N ILE D 318 -43.24 -8.05 -56.55
CA ILE D 318 -44.19 -9.13 -56.35
C ILE D 318 -43.33 -10.35 -56.01
N LEU D 319 -43.53 -10.94 -54.84
CA LEU D 319 -42.62 -12.00 -54.44
C LEU D 319 -43.34 -13.09 -53.66
N GLY D 320 -42.67 -14.22 -53.56
CA GLY D 320 -43.24 -15.30 -52.77
C GLY D 320 -43.10 -16.64 -53.46
N SER D 321 -44.08 -17.50 -53.22
CA SER D 321 -44.09 -18.87 -53.74
C SER D 321 -44.03 -18.85 -55.26
N PRO D 322 -43.23 -19.73 -55.87
CA PRO D 322 -43.03 -19.65 -57.33
C PRO D 322 -44.31 -19.86 -58.13
N ASP D 323 -45.17 -20.81 -57.74
CA ASP D 323 -46.41 -21.02 -58.48
C ASP D 323 -47.30 -19.78 -58.44
N ASP D 324 -47.33 -19.09 -57.30
CA ASP D 324 -48.16 -17.89 -57.21
C ASP D 324 -47.54 -16.73 -57.99
N VAL D 325 -46.22 -16.56 -57.92
CA VAL D 325 -45.60 -15.48 -58.67
C VAL D 325 -45.75 -15.73 -60.18
N LEU D 326 -45.62 -16.98 -60.61
CA LEU D 326 -45.76 -17.25 -62.05
C LEU D 326 -47.19 -17.00 -62.51
N GLU D 327 -48.19 -17.31 -61.67
CA GLU D 327 -49.57 -17.02 -62.01
C GLU D 327 -49.81 -15.51 -62.13
N PHE D 328 -49.21 -14.71 -61.24
CA PHE D 328 -49.33 -13.26 -61.39
C PHE D 328 -48.74 -12.81 -62.72
N LEU D 329 -47.57 -13.36 -63.09
CA LEU D 329 -46.93 -12.97 -64.35
C LEU D 329 -47.78 -13.37 -65.55
N LYS D 330 -48.54 -14.46 -65.46
CA LYS D 330 -49.48 -14.80 -66.53
C LYS D 330 -50.54 -13.72 -66.70
N VAL D 331 -51.13 -13.24 -65.59
CA VAL D 331 -52.14 -12.19 -65.68
C VAL D 331 -51.51 -10.88 -66.13
N TYR D 332 -50.31 -10.59 -65.64
CA TYR D 332 -49.63 -9.36 -66.01
C TYR D 332 -49.38 -9.32 -67.51
N GLU D 333 -48.94 -10.44 -68.08
CA GLU D 333 -48.71 -10.51 -69.53
C GLU D 333 -50.00 -10.29 -70.31
N LYS D 334 -51.11 -10.84 -69.80
CA LYS D 334 -52.39 -10.72 -70.47
C LYS D 334 -52.76 -9.26 -70.72
N HIS D 335 -52.41 -8.37 -69.80
CA HIS D 335 -52.68 -6.94 -69.94
C HIS D 335 -51.51 -6.15 -70.50
N SER D 336 -50.54 -6.81 -71.13
CA SER D 336 -49.38 -6.09 -71.63
C SER D 336 -49.39 -5.94 -73.15
N ASP E 10 58.11 4.89 11.75
CA ASP E 10 57.29 6.08 11.54
C ASP E 10 55.82 5.73 11.31
N VAL E 11 54.92 6.47 11.98
CA VAL E 11 53.50 6.24 11.80
C VAL E 11 53.08 6.48 10.35
N ASN E 12 52.08 5.73 9.90
CA ASN E 12 51.55 5.91 8.55
C ASN E 12 50.04 5.76 8.62
N THR E 13 49.34 6.49 7.74
CA THR E 13 47.90 6.43 7.59
C THR E 13 47.54 5.96 6.18
N LEU E 14 46.28 5.56 6.00
CA LEU E 14 45.81 5.14 4.69
C LEU E 14 46.00 6.25 3.66
N THR E 15 45.56 7.46 3.99
CA THR E 15 45.66 8.56 3.03
C THR E 15 47.10 8.82 2.65
N ARG E 16 47.97 8.89 3.65
CA ARG E 16 49.38 9.16 3.40
C ARG E 16 50.05 8.01 2.64
N PHE E 17 49.68 6.76 2.95
CA PHE E 17 50.22 5.63 2.23
C PHE E 17 49.83 5.68 0.76
N VAL E 18 48.54 5.94 0.49
CA VAL E 18 48.06 5.95 -0.89
C VAL E 18 48.71 7.08 -1.68
N MET E 19 48.79 8.27 -1.08
CA MET E 19 49.44 9.41 -1.72
C MET E 19 50.88 9.11 -2.08
N GLU E 20 51.62 8.49 -1.16
CA GLU E 20 53.01 8.17 -1.41
C GLU E 20 53.17 7.18 -2.55
N GLU E 21 52.32 6.14 -2.58
CA GLU E 21 52.37 5.19 -3.70
C GLU E 21 51.98 5.87 -5.00
N GLY E 22 51.02 6.80 -4.95
CA GLY E 22 50.65 7.52 -6.16
C GLY E 22 51.77 8.40 -6.68
N ARG E 23 52.50 9.07 -5.79
CA ARG E 23 53.63 9.90 -6.23
C ARG E 23 54.72 9.07 -6.87
N LYS E 24 55.06 7.93 -6.26
CA LYS E 24 56.04 7.04 -6.88
C LYS E 24 55.62 6.70 -8.30
N ALA E 25 54.37 6.33 -8.49
CA ALA E 25 53.87 5.98 -9.82
C ALA E 25 53.65 7.19 -10.72
N ARG E 26 53.66 8.39 -10.14
CA ARG E 26 53.50 9.62 -10.92
C ARG E 26 52.21 9.61 -11.74
N GLY E 27 51.13 9.11 -11.13
CA GLY E 27 49.83 9.14 -11.75
C GLY E 27 49.20 10.53 -11.67
N THR E 28 48.00 10.64 -12.25
CA THR E 28 47.27 11.90 -12.29
C THR E 28 46.57 12.24 -10.97
N GLY E 29 46.37 11.26 -10.09
CA GLY E 29 45.67 11.48 -8.85
C GLY E 29 44.25 10.94 -8.82
N GLU E 30 43.69 10.49 -9.95
CA GLU E 30 42.32 9.99 -9.95
C GLU E 30 42.14 8.80 -9.02
N LEU E 31 43.09 7.87 -9.01
CA LEU E 31 42.95 6.69 -8.17
C LEU E 31 43.03 7.05 -6.69
N THR E 32 43.91 7.98 -6.33
CA THR E 32 44.01 8.43 -4.94
C THR E 32 42.70 9.07 -4.49
N GLN E 33 42.11 9.89 -5.35
CA GLN E 33 40.81 10.50 -5.02
C GLN E 33 39.73 9.44 -4.86
N LEU E 34 39.75 8.42 -5.73
CA LEU E 34 38.81 7.31 -5.58
C LEU E 34 38.95 6.64 -4.22
N LEU E 35 40.19 6.28 -3.86
CA LEU E 35 40.39 5.53 -2.62
C LEU E 35 40.10 6.38 -1.39
N ASN E 36 40.44 7.67 -1.44
CA ASN E 36 40.12 8.53 -0.31
C ASN E 36 38.62 8.67 -0.13
N SER E 37 37.87 8.75 -1.23
CA SER E 37 36.42 8.80 -1.16
C SER E 37 35.84 7.51 -0.57
N LEU E 38 36.39 6.36 -0.98
CA LEU E 38 35.95 5.09 -0.43
C LEU E 38 36.22 4.99 1.06
N CYS E 39 37.40 5.48 1.48
CA CYS E 39 37.77 5.44 2.89
C CYS E 39 36.81 6.27 3.74
N THR E 40 36.36 7.41 3.23
CA THR E 40 35.35 8.20 3.94
C THR E 40 34.05 7.43 4.07
N ALA E 41 33.62 6.75 3.00
CA ALA E 41 32.40 5.95 3.06
C ALA E 41 32.52 4.86 4.09
N VAL E 42 33.68 4.20 4.15
CA VAL E 42 33.89 3.10 5.09
C VAL E 42 33.80 3.59 6.53
N LYS E 43 34.36 4.77 6.81
CA LYS E 43 34.26 5.31 8.16
C LYS E 43 32.81 5.66 8.51
N ALA E 44 32.05 6.16 7.53
CA ALA E 44 30.64 6.46 7.79
C ALA E 44 29.82 5.19 7.97
N ILE E 45 30.15 4.13 7.20
CA ILE E 45 29.46 2.86 7.39
C ILE E 45 29.79 2.29 8.77
N SER E 46 31.07 2.33 9.13
CA SER E 46 31.47 1.82 10.43
C SER E 46 30.70 2.52 11.55
N SER E 47 30.56 3.84 11.46
CA SER E 47 29.80 4.58 12.47
C SER E 47 28.36 4.07 12.56
N ALA E 48 27.71 3.84 11.41
CA ALA E 48 26.33 3.39 11.44
C ALA E 48 26.22 1.95 11.93
N VAL E 49 27.17 1.10 11.55
CA VAL E 49 27.14 -0.31 11.96
C VAL E 49 27.28 -0.42 13.48
N ARG E 50 28.14 0.43 14.09
CA ARG E 50 28.27 0.45 15.54
C ARG E 50 27.12 1.17 16.24
N LYS E 51 26.13 1.65 15.50
CA LYS E 51 24.86 2.18 16.00
C LYS E 51 24.99 3.56 16.63
N ALA E 52 25.94 4.37 16.15
CA ALA E 52 25.98 5.76 16.61
C ALA E 52 24.66 6.45 16.27
N GLY E 53 24.06 7.11 17.26
CA GLY E 53 22.80 7.79 17.04
C GLY E 53 21.56 6.93 17.23
N ILE E 54 21.71 5.68 17.65
CA ILE E 54 20.53 4.83 17.80
C ILE E 54 19.57 5.36 18.85
N ALA E 55 20.06 6.15 19.81
CA ALA E 55 19.16 6.73 20.82
C ALA E 55 18.09 7.60 20.18
N HIS E 56 18.42 8.27 19.07
CA HIS E 56 17.41 9.11 18.41
C HIS E 56 16.32 8.25 17.77
N LEU E 57 16.66 7.04 17.32
CA LEU E 57 15.65 6.14 16.76
C LEU E 57 14.70 5.62 17.82
N TYR E 58 15.13 5.55 19.07
CA TYR E 58 14.31 5.02 20.14
C TYR E 58 13.70 6.12 21.00
N GLY E 59 13.70 7.36 20.53
CA GLY E 59 12.89 8.40 21.13
C GLY E 59 13.54 9.25 22.19
N ILE E 60 14.87 9.36 22.19
CA ILE E 60 15.51 10.12 23.25
C ILE E 60 15.08 11.59 23.22
N ALA E 61 14.77 12.13 22.03
CA ALA E 61 14.33 13.51 21.93
C ALA E 61 12.82 13.61 21.73
N GLY E 62 12.08 12.56 22.05
CA GLY E 62 10.63 12.55 21.90
C GLY E 62 10.16 11.97 20.58
N VAL E 71 14.07 5.91 8.47
CA VAL E 71 13.88 4.48 8.66
C VAL E 71 14.73 3.73 7.62
N LYS E 72 15.83 4.36 7.21
CA LYS E 72 16.69 3.78 6.19
C LYS E 72 17.49 2.63 6.78
N LYS E 73 17.44 1.47 6.13
CA LYS E 73 18.09 0.31 6.69
C LYS E 73 19.60 0.42 6.50
N LEU E 74 20.35 -0.47 7.18
CA LEU E 74 21.81 -0.35 7.14
C LEU E 74 22.37 -0.61 5.75
N ASP E 75 21.86 -1.65 5.06
CA ASP E 75 22.45 -1.95 3.76
C ASP E 75 22.09 -0.89 2.72
N VAL E 76 20.89 -0.30 2.82
CA VAL E 76 20.52 0.79 1.92
C VAL E 76 21.40 2.02 2.18
N LEU E 77 21.57 2.37 3.44
CA LEU E 77 22.45 3.49 3.78
C LEU E 77 23.88 3.24 3.30
N SER E 78 24.38 2.03 3.54
CA SER E 78 25.75 1.70 3.13
C SER E 78 25.91 1.86 1.62
N ASN E 79 24.94 1.36 0.84
CA ASN E 79 24.98 1.53 -0.61
C ASN E 79 24.95 3.01 -0.99
N ASP E 80 24.12 3.80 -0.32
CA ASP E 80 24.03 5.22 -0.65
C ASP E 80 25.34 5.94 -0.38
N LEU E 81 26.02 5.59 0.72
CA LEU E 81 27.30 6.21 1.06
C LEU E 81 28.37 5.89 0.03
N VAL E 82 28.49 4.61 -0.34
CA VAL E 82 29.51 4.25 -1.31
C VAL E 82 29.20 4.88 -2.67
N MET E 83 27.95 4.77 -3.12
CA MET E 83 27.55 5.34 -4.40
C MET E 83 27.83 6.84 -4.45
N ASN E 84 27.41 7.57 -3.42
CA ASN E 84 27.56 9.02 -3.48
C ASN E 84 29.02 9.43 -3.38
N MET E 85 29.81 8.75 -2.54
CA MET E 85 31.21 9.13 -2.42
C MET E 85 31.98 8.79 -3.69
N LEU E 86 31.69 7.65 -4.32
CA LEU E 86 32.39 7.31 -5.56
C LEU E 86 31.98 8.24 -6.70
N LYS E 87 30.68 8.51 -6.83
CA LYS E 87 30.23 9.47 -7.83
C LYS E 87 30.94 10.82 -7.66
N SER E 88 30.95 11.34 -6.42
CA SER E 88 31.48 12.68 -6.22
C SER E 88 33.00 12.73 -6.29
N SER E 89 33.68 11.59 -6.44
CA SER E 89 35.13 11.60 -6.57
C SER E 89 35.59 12.07 -7.94
N PHE E 90 34.69 12.06 -8.93
CA PHE E 90 35.02 12.33 -10.34
C PHE E 90 35.99 11.33 -10.94
N ALA E 91 36.11 10.15 -10.34
CA ALA E 91 37.09 9.15 -10.76
C ALA E 91 36.47 7.89 -11.35
N THR E 92 35.15 7.79 -11.41
CA THR E 92 34.48 6.55 -11.78
C THR E 92 33.52 6.80 -12.95
N CYS E 93 33.22 5.74 -13.68
CA CYS E 93 32.24 5.84 -14.77
C CYS E 93 31.17 4.75 -14.68
N VAL E 94 31.51 3.59 -14.10
CA VAL E 94 30.57 2.48 -13.96
C VAL E 94 30.71 1.89 -12.55
N LEU E 95 29.57 1.69 -11.89
CA LEU E 95 29.51 1.15 -10.55
C LEU E 95 28.59 -0.05 -10.53
N VAL E 96 29.10 -1.18 -10.04
CA VAL E 96 28.32 -2.38 -9.86
C VAL E 96 28.21 -2.65 -8.37
N SER E 97 26.97 -2.79 -7.89
CA SER E 97 26.71 -3.01 -6.47
C SER E 97 25.84 -4.24 -6.32
N GLU E 98 26.12 -5.03 -5.28
CA GLU E 98 25.24 -6.12 -4.89
C GLU E 98 23.79 -5.67 -4.76
N GLU E 99 23.58 -4.40 -4.41
CA GLU E 99 22.26 -3.85 -4.13
C GLU E 99 21.46 -3.40 -5.36
N ASP E 100 22.08 -3.31 -6.53
CA ASP E 100 21.44 -2.72 -7.72
C ASP E 100 21.39 -3.75 -8.85
N LYS E 101 20.22 -3.90 -9.46
CA LYS E 101 20.05 -4.91 -10.51
C LYS E 101 20.94 -4.61 -11.72
N HIS E 102 21.00 -3.35 -12.13
CA HIS E 102 21.82 -2.98 -13.27
C HIS E 102 22.99 -2.13 -12.84
N ALA E 103 24.02 -2.12 -13.68
CA ALA E 103 25.16 -1.24 -13.45
C ALA E 103 24.70 0.21 -13.48
N ILE E 104 25.26 1.03 -12.61
CA ILE E 104 24.99 2.47 -12.60
C ILE E 104 26.05 3.15 -13.46
N ILE E 105 25.61 3.97 -14.40
CA ILE E 105 26.49 4.74 -15.26
C ILE E 105 26.55 6.15 -14.71
N VAL E 106 27.75 6.59 -14.34
CA VAL E 106 27.92 7.92 -13.76
C VAL E 106 27.61 8.98 -14.81
N GLU E 107 26.96 10.06 -14.37
CA GLU E 107 26.57 11.12 -15.29
C GLU E 107 27.79 11.81 -15.89
N PRO E 108 27.66 12.35 -17.11
CA PRO E 108 28.85 12.79 -17.86
C PRO E 108 29.73 13.78 -17.10
N GLU E 109 29.14 14.71 -16.34
CA GLU E 109 29.96 15.72 -15.69
C GLU E 109 30.79 15.16 -14.53
N LYS E 110 30.53 13.93 -14.08
CA LYS E 110 31.28 13.35 -12.98
C LYS E 110 32.12 12.14 -13.38
N ARG E 111 32.24 11.84 -14.67
CA ARG E 111 32.87 10.60 -15.09
C ARG E 111 34.38 10.64 -14.98
N GLY E 112 34.95 9.56 -14.45
CA GLY E 112 36.39 9.33 -14.46
C GLY E 112 36.66 8.02 -15.16
N LYS E 113 37.86 7.45 -14.98
CA LYS E 113 38.30 6.34 -15.80
C LYS E 113 38.13 4.97 -15.14
N TYR E 114 37.65 4.90 -13.90
CA TYR E 114 37.67 3.63 -13.18
C TYR E 114 36.28 3.02 -13.07
N VAL E 115 36.27 1.68 -13.01
CA VAL E 115 35.09 0.87 -12.79
C VAL E 115 35.22 0.23 -11.42
N VAL E 116 34.18 0.34 -10.59
CA VAL E 116 34.24 -0.19 -9.22
C VAL E 116 33.08 -1.15 -8.99
N CYS E 117 33.40 -2.37 -8.55
CA CYS E 117 32.40 -3.35 -8.16
C CYS E 117 32.48 -3.52 -6.64
N PHE E 118 31.34 -3.48 -5.96
CA PHE E 118 31.41 -3.51 -4.51
C PHE E 118 30.17 -4.15 -3.91
N ASP E 119 30.36 -4.71 -2.72
CA ASP E 119 29.29 -5.18 -1.86
C ASP E 119 29.29 -4.28 -0.63
N PRO E 120 28.34 -3.35 -0.47
CA PRO E 120 28.49 -2.31 0.57
C PRO E 120 28.38 -2.84 1.99
N LEU E 121 27.63 -3.91 2.22
CA LEU E 121 27.56 -4.44 3.59
C LEU E 121 27.43 -5.96 3.47
N ASP E 122 28.55 -6.62 3.24
CA ASP E 122 28.56 -8.07 3.11
C ASP E 122 28.23 -8.73 4.44
N GLY E 123 27.38 -9.75 4.38
CA GLY E 123 26.96 -10.44 5.58
C GLY E 123 25.78 -9.81 6.31
N SER E 124 25.19 -8.75 5.75
CA SER E 124 24.20 -7.95 6.48
C SER E 124 22.90 -8.70 6.75
N SER E 125 22.67 -9.85 6.12
CA SER E 125 21.47 -10.62 6.44
C SER E 125 21.46 -11.05 7.90
N ASN E 126 22.64 -11.32 8.46
CA ASN E 126 22.76 -11.77 9.84
C ASN E 126 23.24 -10.68 10.77
N ILE E 127 23.13 -9.40 10.36
CA ILE E 127 23.54 -8.32 11.23
C ILE E 127 22.60 -8.18 12.44
N ASP E 128 21.44 -8.84 12.40
CA ASP E 128 20.52 -8.87 13.54
C ASP E 128 21.12 -9.55 14.75
N CYS E 129 22.10 -10.43 14.55
CA CYS E 129 22.78 -11.10 15.66
C CYS E 129 24.14 -10.48 15.97
N LEU E 130 24.44 -9.31 15.42
CA LEU E 130 25.65 -8.53 15.71
C LEU E 130 26.94 -9.24 15.29
N VAL E 131 26.82 -10.20 14.38
CA VAL E 131 27.99 -10.84 13.80
C VAL E 131 28.77 -9.81 12.98
N SER E 132 30.09 -10.04 12.88
CA SER E 132 30.93 -9.23 12.00
C SER E 132 30.34 -9.13 10.60
N VAL E 133 30.40 -7.92 10.03
CA VAL E 133 30.00 -7.63 8.67
C VAL E 133 31.13 -6.84 8.01
N GLY E 134 30.97 -6.55 6.72
CA GLY E 134 32.06 -5.88 6.01
C GLY E 134 31.63 -5.26 4.70
N THR E 135 32.58 -4.56 4.09
CA THR E 135 32.44 -3.97 2.76
C THR E 135 33.52 -4.56 1.86
N ILE E 136 33.16 -4.94 0.63
CA ILE E 136 34.12 -5.49 -0.33
C ILE E 136 34.15 -4.63 -1.59
N PHE E 137 35.34 -4.40 -2.14
CA PHE E 137 35.44 -3.61 -3.36
C PHE E 137 36.53 -4.14 -4.28
N GLY E 138 36.30 -3.93 -5.58
CA GLY E 138 37.29 -4.19 -6.61
C GLY E 138 37.30 -3.06 -7.61
N ILE E 139 38.49 -2.60 -8.01
CA ILE E 139 38.63 -1.42 -8.85
C ILE E 139 39.30 -1.82 -10.14
N TYR E 140 38.65 -1.52 -11.27
CA TYR E 140 39.17 -1.75 -12.61
C TYR E 140 39.32 -0.44 -13.38
N ARG E 141 40.24 -0.46 -14.34
CA ARG E 141 40.40 0.62 -15.30
C ARG E 141 39.55 0.31 -16.53
N LYS E 142 38.72 1.27 -16.95
CA LYS E 142 37.92 1.10 -18.15
C LYS E 142 38.84 0.85 -19.35
N LYS E 143 38.48 -0.14 -20.18
CA LYS E 143 39.41 -0.61 -21.20
C LYS E 143 39.22 0.05 -22.57
N SER E 144 37.99 0.40 -22.92
CA SER E 144 37.70 1.02 -24.20
C SER E 144 37.42 2.51 -24.02
N THR E 145 37.48 3.24 -25.13
CA THR E 145 37.06 4.64 -25.15
C THR E 145 35.60 4.79 -25.60
N ASP E 146 34.85 3.70 -25.72
CA ASP E 146 33.44 3.80 -26.05
C ASP E 146 32.64 4.22 -24.81
N GLU E 147 31.45 4.80 -25.05
CA GLU E 147 30.41 5.04 -24.05
C GLU E 147 30.40 4.02 -22.91
N PRO E 148 30.54 4.46 -21.67
CA PRO E 148 30.52 3.53 -20.54
C PRO E 148 29.20 2.76 -20.48
N SER E 149 29.28 1.49 -20.11
CA SER E 149 28.10 0.64 -20.02
C SER E 149 28.43 -0.53 -19.11
N GLU E 150 27.42 -1.36 -18.86
CA GLU E 150 27.56 -2.53 -18.00
C GLU E 150 28.72 -3.43 -18.48
N LYS E 151 28.98 -3.45 -19.79
CA LYS E 151 30.02 -4.31 -20.33
C LYS E 151 31.40 -4.00 -19.78
N ASP E 152 31.65 -2.73 -19.41
CA ASP E 152 32.95 -2.34 -18.88
C ASP E 152 33.27 -3.01 -17.55
N ALA E 153 32.25 -3.53 -16.85
CA ALA E 153 32.46 -4.25 -15.61
C ALA E 153 32.73 -5.74 -15.80
N LEU E 154 32.58 -6.27 -17.02
CA LEU E 154 32.73 -7.71 -17.26
C LEU E 154 34.18 -8.04 -17.59
N GLN E 155 35.06 -7.75 -16.62
CA GLN E 155 36.46 -8.04 -16.76
C GLN E 155 36.89 -9.17 -15.84
N PRO E 156 37.87 -9.98 -16.24
CA PRO E 156 38.44 -10.98 -15.33
C PRO E 156 39.20 -10.31 -14.19
N GLY E 157 39.24 -11.00 -13.04
CA GLY E 157 39.89 -10.46 -11.86
C GLY E 157 41.36 -10.12 -12.05
N ARG E 158 42.01 -10.80 -13.01
CA ARG E 158 43.39 -10.46 -13.34
C ARG E 158 43.57 -9.01 -13.74
N ASN E 159 42.50 -8.34 -14.19
CA ASN E 159 42.57 -6.95 -14.60
C ASN E 159 42.46 -5.97 -13.44
N LEU E 160 42.28 -6.45 -12.21
CA LEU E 160 42.09 -5.55 -11.08
C LEU E 160 43.31 -4.66 -10.85
N VAL E 161 43.04 -3.39 -10.57
CA VAL E 161 44.05 -2.40 -10.22
C VAL E 161 44.27 -2.31 -8.71
N ALA E 162 43.19 -2.45 -7.95
CA ALA E 162 43.23 -2.46 -6.50
C ALA E 162 41.97 -3.16 -6.03
N ALA E 163 42.04 -3.76 -4.84
CA ALA E 163 40.87 -4.39 -4.25
C ALA E 163 41.11 -4.53 -2.75
N GLY E 164 40.04 -4.81 -2.03
CA GLY E 164 40.18 -5.03 -0.60
C GLY E 164 38.82 -5.07 0.07
N TYR E 165 38.84 -4.90 1.39
CA TYR E 165 37.62 -5.00 2.15
C TYR E 165 37.79 -4.23 3.45
N ALA E 166 36.67 -3.84 4.04
CA ALA E 166 36.63 -3.36 5.40
C ALA E 166 35.90 -4.39 6.23
N LEU E 167 36.44 -4.71 7.40
CA LEU E 167 35.81 -5.63 8.32
C LEU E 167 35.31 -4.81 9.52
N TYR E 168 34.00 -4.85 9.77
CA TYR E 168 33.43 -4.21 10.96
C TYR E 168 33.25 -5.30 12.00
N GLY E 169 34.35 -5.62 12.66
CA GLY E 169 34.37 -6.68 13.64
C GLY E 169 34.52 -6.13 15.05
N SER E 170 35.30 -6.81 15.88
CA SER E 170 35.57 -6.27 17.21
C SER E 170 36.24 -4.90 17.12
N ALA E 171 37.07 -4.69 16.10
CA ALA E 171 37.47 -3.35 15.68
C ALA E 171 37.22 -3.27 14.18
N THR E 172 37.41 -2.10 13.60
CA THR E 172 37.26 -1.90 12.17
C THR E 172 38.62 -1.86 11.49
N MET E 173 38.78 -2.68 10.46
CA MET E 173 40.05 -2.75 9.75
C MET E 173 39.80 -2.69 8.26
N LEU E 174 40.65 -1.96 7.54
CA LEU E 174 40.61 -1.90 6.09
C LEU E 174 41.83 -2.64 5.55
N VAL E 175 41.59 -3.60 4.67
CA VAL E 175 42.67 -4.37 4.03
C VAL E 175 42.70 -3.96 2.57
N LEU E 176 43.84 -3.44 2.11
CA LEU E 176 43.96 -2.89 0.76
C LEU E 176 45.06 -3.64 0.03
N ALA E 177 44.73 -4.19 -1.14
CA ALA E 177 45.66 -4.94 -1.95
C ALA E 177 45.92 -4.21 -3.26
N MET E 178 47.19 -4.06 -3.62
CA MET E 178 47.60 -3.48 -4.90
C MET E 178 48.80 -4.25 -5.40
N ASP E 179 49.38 -3.78 -6.52
CA ASP E 179 50.59 -4.41 -7.02
C ASP E 179 51.70 -4.41 -5.97
N CYS E 180 51.75 -3.40 -5.12
CA CYS E 180 52.80 -3.37 -4.11
C CYS E 180 52.57 -4.36 -2.97
N GLY E 181 51.49 -5.13 -2.97
CA GLY E 181 51.22 -6.07 -1.91
C GLY E 181 49.97 -5.69 -1.12
N VAL E 182 49.83 -6.32 0.05
CA VAL E 182 48.65 -6.20 0.90
C VAL E 182 49.02 -5.49 2.20
N ASN E 183 48.23 -4.48 2.56
CA ASN E 183 48.49 -3.68 3.76
C ASN E 183 47.20 -3.56 4.56
N CYS E 184 47.34 -3.59 5.89
CA CYS E 184 46.20 -3.60 6.80
C CYS E 184 46.18 -2.34 7.65
N PHE E 185 45.03 -1.67 7.71
CA PHE E 185 44.87 -0.40 8.39
C PHE E 185 43.80 -0.53 9.46
N MET E 186 44.12 -0.13 10.69
CA MET E 186 43.15 -0.17 11.78
C MET E 186 42.51 1.19 11.93
N LEU E 187 41.18 1.24 11.95
CA LEU E 187 40.49 2.50 12.18
C LEU E 187 40.59 2.84 13.67
N ASP E 188 41.19 3.99 13.99
CA ASP E 188 41.20 4.55 15.35
C ASP E 188 39.95 5.42 15.48
N PRO E 189 38.90 4.96 16.17
CA PRO E 189 37.67 5.76 16.24
C PRO E 189 37.82 7.04 17.07
N ALA E 190 38.87 7.17 17.90
CA ALA E 190 39.07 8.43 18.60
C ALA E 190 39.40 9.57 17.65
N ILE E 191 40.06 9.29 16.53
CA ILE E 191 40.48 10.33 15.60
C ILE E 191 39.97 10.11 14.18
N GLY E 192 39.30 8.99 13.91
CA GLY E 192 38.79 8.77 12.56
C GLY E 192 39.86 8.72 11.49
N GLU E 193 40.95 8.01 11.74
CA GLU E 193 42.06 7.79 10.83
C GLU E 193 42.37 6.30 10.82
N PHE E 194 42.65 5.78 9.64
CA PHE E 194 43.10 4.40 9.47
C PHE E 194 44.62 4.35 9.65
N ILE E 195 45.09 3.61 10.64
CA ILE E 195 46.50 3.54 10.98
C ILE E 195 47.08 2.29 10.37
N LEU E 196 48.20 2.43 9.66
CA LEU E 196 48.86 1.25 9.10
C LEU E 196 49.44 0.42 10.24
N VAL E 197 48.95 -0.82 10.41
CA VAL E 197 49.41 -1.67 11.49
C VAL E 197 50.06 -2.96 11.00
N ASP E 198 49.81 -3.39 9.75
CA ASP E 198 50.46 -4.58 9.20
C ASP E 198 50.85 -4.32 7.74
N LYS E 199 52.15 -4.35 7.46
CA LYS E 199 52.72 -3.99 6.16
C LYS E 199 53.07 -5.23 5.37
N ASP E 200 52.75 -5.22 4.07
CA ASP E 200 53.17 -6.25 3.12
C ASP E 200 52.88 -7.66 3.65
N VAL E 201 51.60 -7.89 3.93
CA VAL E 201 51.16 -9.09 4.63
C VAL E 201 51.26 -10.32 3.71
N LYS E 202 51.69 -11.44 4.29
CA LYS E 202 51.73 -12.74 3.59
C LYS E 202 51.00 -13.80 4.41
N ILE E 203 50.27 -14.70 3.72
CA ILE E 203 49.54 -15.76 4.39
C ILE E 203 50.50 -16.91 4.72
N LYS E 204 50.22 -17.62 5.82
CA LYS E 204 50.99 -18.82 6.14
C LYS E 204 50.96 -19.82 5.00
N LYS E 205 52.06 -20.55 4.82
CA LYS E 205 52.13 -21.53 3.74
C LYS E 205 51.10 -22.65 3.94
N LYS E 206 50.81 -22.99 5.20
CA LYS E 206 49.86 -24.02 5.54
C LYS E 206 49.17 -23.63 6.83
N GLY E 207 47.85 -23.85 6.89
CA GLY E 207 47.06 -23.50 8.05
C GLY E 207 46.62 -24.73 8.82
N LYS E 208 45.74 -24.49 9.80
CA LYS E 208 45.24 -25.56 10.66
C LYS E 208 43.74 -25.40 10.94
N ILE E 209 43.06 -24.61 10.12
CA ILE E 209 41.63 -24.31 10.23
C ILE E 209 41.01 -24.48 8.84
N TYR E 210 39.85 -25.13 8.78
CA TYR E 210 39.03 -25.16 7.58
C TYR E 210 37.70 -24.50 7.88
N SER E 211 37.12 -23.86 6.86
CA SER E 211 35.96 -23.00 7.08
C SER E 211 34.95 -23.27 5.99
N LEU E 212 33.81 -23.87 6.35
CA LEU E 212 32.70 -23.99 5.43
C LEU E 212 31.44 -24.35 6.21
N ASN E 213 30.31 -24.18 5.54
CA ASN E 213 28.99 -24.51 6.08
C ASN E 213 28.77 -26.01 5.91
N GLU E 214 29.05 -26.79 6.95
CA GLU E 214 28.88 -28.24 6.83
C GLU E 214 27.41 -28.66 6.83
N GLY E 215 26.48 -27.73 7.02
CA GLY E 215 25.08 -28.08 6.91
C GLY E 215 24.67 -28.58 5.53
N TYR E 216 25.41 -28.20 4.50
CA TYR E 216 25.11 -28.64 3.14
C TYR E 216 25.85 -29.93 2.77
N ALA E 217 26.29 -30.70 3.77
CA ALA E 217 27.07 -31.91 3.50
C ALA E 217 26.33 -32.90 2.61
N LYS E 218 25.00 -32.97 2.72
CA LYS E 218 24.24 -33.88 1.88
C LYS E 218 24.37 -33.53 0.40
N ASP E 219 24.68 -32.28 0.06
CA ASP E 219 24.82 -31.84 -1.33
C ASP E 219 26.27 -31.76 -1.79
N PHE E 220 27.23 -32.05 -0.93
CA PHE E 220 28.63 -31.86 -1.28
C PHE E 220 29.05 -32.75 -2.45
N ASP E 221 29.94 -32.20 -3.27
CA ASP E 221 30.67 -33.01 -4.23
C ASP E 221 31.54 -34.01 -3.47
N PRO E 222 31.71 -35.24 -3.98
CA PRO E 222 32.54 -36.22 -3.27
C PRO E 222 33.94 -35.74 -2.93
N ALA E 223 34.54 -34.90 -3.78
CA ALA E 223 35.87 -34.36 -3.46
C ALA E 223 35.82 -33.48 -2.23
N VAL E 224 34.77 -32.65 -2.11
CA VAL E 224 34.62 -31.83 -0.92
C VAL E 224 34.45 -32.72 0.30
N THR E 225 33.63 -33.76 0.17
CA THR E 225 33.44 -34.71 1.28
C THR E 225 34.76 -35.37 1.66
N GLU E 226 35.55 -35.83 0.66
CA GLU E 226 36.81 -36.51 0.97
C GLU E 226 37.84 -35.56 1.57
N TYR E 227 37.92 -34.33 1.04
CA TYR E 227 38.87 -33.38 1.59
C TYR E 227 38.54 -33.06 3.04
N ILE E 228 37.26 -32.83 3.33
CA ILE E 228 36.87 -32.50 4.70
C ILE E 228 37.16 -33.67 5.64
N GLN E 229 36.95 -34.89 5.16
CA GLN E 229 37.25 -36.06 5.97
C GLN E 229 38.74 -36.14 6.30
N ARG E 230 39.61 -35.78 5.35
CA ARG E 230 41.04 -35.77 5.63
C ARG E 230 41.41 -34.73 6.69
N LYS E 231 40.65 -33.63 6.78
CA LYS E 231 40.93 -32.63 7.80
C LYS E 231 40.51 -33.12 9.19
N LYS E 232 39.39 -33.85 9.28
CA LYS E 232 38.90 -34.33 10.58
C LYS E 232 39.56 -35.63 11.00
N PHE E 233 39.91 -36.49 10.04
CA PHE E 233 40.55 -37.77 10.31
C PHE E 233 41.79 -37.84 9.45
N PRO E 234 42.88 -37.19 9.85
CA PRO E 234 44.07 -37.15 9.00
C PRO E 234 44.64 -38.55 8.80
N PRO E 235 44.98 -38.91 7.56
CA PRO E 235 45.55 -40.25 7.32
C PRO E 235 46.94 -40.43 7.89
N ASP E 236 47.69 -39.35 8.08
CA ASP E 236 49.09 -39.39 8.48
C ASP E 236 49.30 -39.14 9.97
N ASN E 237 48.26 -39.30 10.78
CA ASN E 237 48.32 -39.10 12.23
C ASN E 237 48.72 -37.67 12.61
N SER E 238 48.55 -36.71 11.70
CA SER E 238 48.71 -35.33 12.07
C SER E 238 47.49 -34.87 12.88
N ALA E 239 47.59 -33.70 13.48
CA ALA E 239 46.48 -33.23 14.30
C ALA E 239 45.30 -32.86 13.40
N PRO E 240 44.08 -33.23 13.79
CA PRO E 240 42.91 -32.78 13.02
C PRO E 240 42.84 -31.26 13.04
N TYR E 241 42.33 -30.70 11.94
CA TYR E 241 42.13 -29.27 11.84
C TYR E 241 40.98 -28.81 12.72
N GLY E 242 41.08 -27.57 13.23
CA GLY E 242 39.93 -26.94 13.81
C GLY E 242 39.01 -26.38 12.76
N ALA E 243 37.74 -26.19 13.13
CA ALA E 243 36.73 -25.66 12.24
C ALA E 243 36.22 -24.32 12.76
N ARG E 244 36.05 -23.37 11.84
CA ARG E 244 35.43 -22.08 12.13
C ARG E 244 34.54 -21.70 10.96
N TYR E 245 33.35 -21.18 11.25
CA TYR E 245 32.51 -20.67 10.16
C TYR E 245 31.61 -19.55 10.70
N VAL E 246 32.05 -18.31 10.48
CA VAL E 246 31.26 -17.17 10.92
C VAL E 246 29.98 -17.03 10.11
N GLY E 247 30.02 -17.37 8.82
CA GLY E 247 28.91 -17.12 7.94
C GLY E 247 28.91 -15.75 7.33
N SER E 248 29.96 -14.97 7.55
CA SER E 248 30.13 -13.67 6.93
C SER E 248 31.47 -13.72 6.19
N MET E 249 31.43 -13.54 4.86
CA MET E 249 32.60 -13.87 4.05
C MET E 249 33.81 -13.03 4.46
N VAL E 250 33.60 -11.75 4.75
CA VAL E 250 34.72 -10.89 5.12
C VAL E 250 35.38 -11.39 6.39
N ALA E 251 34.59 -11.80 7.38
CA ALA E 251 35.18 -12.28 8.63
C ALA E 251 35.95 -13.57 8.40
N ASP E 252 35.38 -14.52 7.66
CA ASP E 252 36.05 -15.79 7.46
C ASP E 252 37.31 -15.64 6.62
N VAL E 253 37.26 -14.80 5.58
CA VAL E 253 38.44 -14.59 4.76
C VAL E 253 39.52 -13.88 5.55
N HIS E 254 39.15 -12.88 6.37
CA HIS E 254 40.18 -12.20 7.14
C HIS E 254 40.86 -13.12 8.13
N ARG E 255 40.09 -13.99 8.81
CA ARG E 255 40.71 -14.97 9.69
C ARG E 255 41.65 -15.88 8.91
N THR E 256 41.24 -16.28 7.70
CA THR E 256 42.11 -17.10 6.85
C THR E 256 43.41 -16.37 6.55
N LEU E 257 43.33 -15.08 6.23
CA LEU E 257 44.54 -14.30 5.97
C LEU E 257 45.43 -14.22 7.21
N VAL E 258 44.83 -14.00 8.38
CA VAL E 258 45.59 -13.78 9.61
C VAL E 258 46.15 -15.08 10.15
N TYR E 259 45.38 -16.15 10.14
CA TYR E 259 45.78 -17.40 10.77
C TYR E 259 46.19 -18.48 9.78
N GLY E 260 45.92 -18.31 8.49
CA GLY E 260 46.15 -19.36 7.52
C GLY E 260 45.01 -20.37 7.54
N GLY E 261 45.07 -21.31 6.60
CA GLY E 261 44.04 -22.31 6.46
C GLY E 261 43.32 -22.19 5.13
N ILE E 262 42.08 -22.64 5.10
CA ILE E 262 41.31 -22.75 3.87
C ILE E 262 39.85 -22.35 4.14
N PHE E 263 39.25 -21.64 3.17
CA PHE E 263 37.84 -21.25 3.19
C PHE E 263 37.18 -21.79 1.93
N LEU E 264 36.03 -22.45 2.08
CA LEU E 264 35.33 -23.06 0.97
C LEU E 264 33.87 -22.64 0.96
N TYR E 265 33.40 -22.21 -0.21
CA TYR E 265 31.96 -22.17 -0.51
C TYR E 265 31.84 -22.87 -1.86
N PRO E 266 31.84 -24.19 -1.86
CA PRO E 266 31.95 -24.94 -3.11
C PRO E 266 30.60 -25.08 -3.79
N ALA E 267 30.67 -25.51 -5.05
CA ALA E 267 29.46 -25.86 -5.77
C ALA E 267 28.86 -27.14 -5.21
N ASN E 268 27.54 -27.27 -5.38
CA ASN E 268 26.82 -28.49 -5.08
C ASN E 268 25.82 -28.72 -6.21
N LYS E 269 25.00 -29.76 -6.07
CA LYS E 269 24.05 -30.04 -7.14
C LYS E 269 22.92 -29.02 -7.18
N LYS E 270 22.52 -28.48 -6.02
CA LYS E 270 21.51 -27.43 -6.00
C LYS E 270 22.02 -26.14 -6.65
N SER E 271 23.29 -25.80 -6.44
CA SER E 271 23.89 -24.55 -6.92
C SER E 271 25.17 -24.88 -7.66
N PRO E 272 25.07 -25.33 -8.91
CA PRO E 272 26.27 -25.84 -9.62
C PRO E 272 27.33 -24.80 -9.88
N ASN E 273 27.02 -23.50 -9.75
CA ASN E 273 28.00 -22.45 -9.90
C ASN E 273 28.32 -21.75 -8.58
N GLY E 274 28.03 -22.39 -7.45
CA GLY E 274 28.29 -21.78 -6.17
C GLY E 274 27.24 -20.75 -5.78
N LYS E 275 27.50 -20.07 -4.66
CA LYS E 275 26.61 -19.03 -4.14
C LYS E 275 27.22 -17.63 -4.18
N LEU E 276 28.52 -17.50 -3.91
CA LEU E 276 29.10 -16.17 -3.80
C LEU E 276 29.21 -15.50 -5.18
N ARG E 277 29.16 -14.18 -5.20
CA ARG E 277 29.14 -13.42 -6.43
C ARG E 277 30.56 -13.15 -6.93
N LEU E 278 30.78 -13.35 -8.23
CA LEU E 278 32.12 -13.26 -8.78
C LEU E 278 32.69 -11.85 -8.72
N LEU E 279 31.89 -10.85 -9.12
CA LEU E 279 32.44 -9.52 -9.39
C LEU E 279 32.82 -8.79 -8.12
N TYR E 280 31.99 -8.87 -7.09
CA TYR E 280 32.17 -8.05 -5.90
C TYR E 280 32.27 -8.87 -4.62
N GLU E 281 32.42 -10.19 -4.73
CA GLU E 281 32.81 -11.00 -3.60
C GLU E 281 34.04 -11.84 -3.93
N CYS E 282 33.95 -12.70 -4.95
CA CYS E 282 35.04 -13.65 -5.21
C CYS E 282 36.30 -12.96 -5.73
N ASN E 283 36.16 -12.13 -6.76
CA ASN E 283 37.34 -11.54 -7.37
C ASN E 283 38.14 -10.67 -6.40
N PRO E 284 37.54 -9.73 -5.66
CA PRO E 284 38.36 -8.95 -4.71
C PRO E 284 39.06 -9.82 -3.68
N MET E 285 38.39 -10.83 -3.14
CA MET E 285 39.02 -11.69 -2.14
C MET E 285 40.09 -12.58 -2.76
N ALA E 286 39.87 -13.04 -3.99
CA ALA E 286 40.90 -13.80 -4.69
C ALA E 286 42.11 -12.95 -4.97
N TYR E 287 41.89 -11.68 -5.29
CA TYR E 287 43.00 -10.76 -5.54
C TYR E 287 43.80 -10.50 -4.26
N VAL E 288 43.12 -10.22 -3.15
CA VAL E 288 43.83 -10.05 -1.89
C VAL E 288 44.64 -11.30 -1.56
N MET E 289 44.01 -12.48 -1.70
CA MET E 289 44.69 -13.72 -1.38
C MET E 289 45.95 -13.91 -2.22
N GLU E 290 45.85 -13.70 -3.53
CA GLU E 290 47.00 -13.95 -4.39
C GLU E 290 48.12 -12.94 -4.12
N LYS E 291 47.77 -11.68 -3.84
CA LYS E 291 48.79 -10.70 -3.50
C LYS E 291 49.44 -10.98 -2.15
N ALA E 292 48.78 -11.72 -1.25
CA ALA E 292 49.36 -12.11 0.02
C ALA E 292 50.09 -13.47 -0.06
N GLY E 293 50.26 -14.01 -1.25
CA GLY E 293 50.90 -15.30 -1.40
C GLY E 293 50.00 -16.50 -1.22
N GLY E 294 48.68 -16.31 -1.23
CA GLY E 294 47.74 -17.41 -1.15
C GLY E 294 47.23 -17.81 -2.53
N MET E 295 46.19 -18.64 -2.52
CA MET E 295 45.59 -19.14 -3.74
C MET E 295 44.07 -19.02 -3.66
N ALA E 296 43.44 -18.98 -4.83
CA ALA E 296 41.98 -18.94 -4.90
C ALA E 296 41.52 -19.61 -6.20
N THR E 297 40.78 -20.69 -6.06
CA THR E 297 40.38 -21.51 -7.20
C THR E 297 38.87 -21.74 -7.16
N THR E 298 38.30 -21.96 -8.34
CA THR E 298 36.92 -22.45 -8.44
C THR E 298 36.87 -23.97 -8.37
N GLY E 299 38.02 -24.64 -8.41
CA GLY E 299 38.07 -26.07 -8.65
C GLY E 299 38.60 -26.35 -10.04
N LYS E 300 38.06 -25.66 -11.05
CA LYS E 300 38.51 -25.87 -12.43
C LYS E 300 39.57 -24.88 -12.85
N GLU E 301 39.58 -23.69 -12.26
CA GLU E 301 40.53 -22.67 -12.67
C GLU E 301 40.64 -21.63 -11.56
N ALA E 302 41.65 -20.77 -11.70
CA ALA E 302 41.81 -19.65 -10.78
C ALA E 302 40.63 -18.69 -10.91
N VAL E 303 40.12 -18.23 -9.78
CA VAL E 303 39.00 -17.29 -9.76
C VAL E 303 39.31 -16.07 -10.63
N LEU E 304 40.55 -15.59 -10.58
CA LEU E 304 40.93 -14.38 -11.29
C LEU E 304 40.94 -14.55 -12.81
N ASP E 305 40.90 -15.78 -13.33
CA ASP E 305 40.88 -16.01 -14.77
C ASP E 305 39.48 -16.18 -15.33
N VAL E 306 38.45 -16.28 -14.48
CA VAL E 306 37.08 -16.43 -14.96
C VAL E 306 36.67 -15.17 -15.70
N ILE E 307 36.14 -15.34 -16.91
CA ILE E 307 35.63 -14.25 -17.73
C ILE E 307 34.12 -14.14 -17.49
N PRO E 308 33.64 -13.11 -16.81
CA PRO E 308 32.20 -13.02 -16.51
C PRO E 308 31.38 -12.57 -17.72
N THR E 309 30.13 -13.04 -17.75
CA THR E 309 29.17 -12.60 -18.74
C THR E 309 27.97 -11.90 -18.13
N ASP E 310 27.84 -11.90 -16.81
CA ASP E 310 26.74 -11.24 -16.13
C ASP E 310 27.29 -10.62 -14.85
N ILE E 311 26.91 -9.37 -14.56
CA ILE E 311 27.53 -8.68 -13.43
C ILE E 311 27.16 -9.31 -12.09
N HIS E 312 26.09 -10.11 -12.03
CA HIS E 312 25.68 -10.76 -10.79
C HIS E 312 25.92 -12.27 -10.78
N GLN E 313 26.76 -12.79 -11.67
CA GLN E 313 26.93 -14.24 -11.75
C GLN E 313 27.67 -14.77 -10.53
N ARG E 314 27.41 -16.03 -10.21
CA ARG E 314 27.98 -16.68 -9.04
C ARG E 314 29.19 -17.52 -9.44
N ALA E 315 30.01 -17.85 -8.45
CA ALA E 315 31.18 -18.69 -8.66
C ALA E 315 31.45 -19.51 -7.41
N PRO E 316 31.89 -20.76 -7.56
CA PRO E 316 32.47 -21.48 -6.42
C PRO E 316 33.83 -20.89 -6.07
N VAL E 317 34.20 -21.00 -4.79
CA VAL E 317 35.46 -20.44 -4.35
C VAL E 317 36.09 -21.34 -3.29
N ILE E 318 37.38 -21.60 -3.44
CA ILE E 318 38.21 -22.25 -2.44
C ILE E 318 39.47 -21.43 -2.33
N LEU E 319 39.77 -20.91 -1.14
CA LEU E 319 40.92 -20.02 -1.04
C LEU E 319 41.60 -20.20 0.30
N GLY E 320 42.82 -19.70 0.38
CA GLY E 320 43.59 -19.72 1.61
C GLY E 320 45.04 -20.07 1.40
N SER E 321 45.65 -20.70 2.39
CA SER E 321 47.06 -21.04 2.35
C SER E 321 47.38 -21.93 1.15
N PRO E 322 48.53 -21.73 0.49
CA PRO E 322 48.80 -22.51 -0.73
C PRO E 322 48.85 -24.01 -0.53
N ASP E 323 49.43 -24.49 0.59
CA ASP E 323 49.49 -25.93 0.82
C ASP E 323 48.11 -26.53 1.00
N ASP E 324 47.20 -25.82 1.66
CA ASP E 324 45.86 -26.36 1.87
C ASP E 324 45.06 -26.38 0.57
N VAL E 325 45.17 -25.33 -0.25
CA VAL E 325 44.45 -25.30 -1.52
C VAL E 325 45.02 -26.32 -2.49
N LEU E 326 46.35 -26.49 -2.50
CA LEU E 326 46.95 -27.49 -3.38
C LEU E 326 46.51 -28.89 -2.97
N GLU E 327 46.41 -29.13 -1.66
CA GLU E 327 45.93 -30.43 -1.19
C GLU E 327 44.48 -30.65 -1.63
N PHE E 328 43.64 -29.61 -1.56
CA PHE E 328 42.29 -29.73 -2.07
C PHE E 328 42.30 -30.00 -3.56
N LEU E 329 43.13 -29.28 -4.31
CA LEU E 329 43.19 -29.45 -5.76
C LEU E 329 43.66 -30.85 -6.13
N LYS E 330 44.55 -31.44 -5.33
CA LYS E 330 44.95 -32.83 -5.57
C LYS E 330 43.76 -33.77 -5.44
N VAL E 331 42.96 -33.60 -4.39
CA VAL E 331 41.76 -34.41 -4.20
C VAL E 331 40.77 -34.16 -5.32
N TYR E 332 40.62 -32.89 -5.73
CA TYR E 332 39.71 -32.58 -6.82
C TYR E 332 40.14 -33.28 -8.10
N GLU E 333 41.45 -33.32 -8.36
CA GLU E 333 41.97 -34.00 -9.54
C GLU E 333 41.68 -35.50 -9.51
N LYS E 334 41.80 -36.12 -8.33
CA LYS E 334 41.54 -37.55 -8.19
C LYS E 334 40.13 -37.91 -8.64
N HIS E 335 39.15 -37.05 -8.36
CA HIS E 335 37.76 -37.28 -8.73
C HIS E 335 37.43 -36.71 -10.10
N SER E 336 38.43 -36.52 -10.95
CA SER E 336 38.27 -35.97 -12.29
C SER E 336 37.69 -34.56 -12.26
N ASP F 10 8.24 5.11 25.46
CA ASP F 10 9.24 5.96 26.10
C ASP F 10 10.62 5.29 26.06
N VAL F 11 11.63 6.07 25.66
CA VAL F 11 12.99 5.56 25.65
C VAL F 11 13.40 5.16 27.06
N ASN F 12 14.24 4.14 27.15
CA ASN F 12 14.76 3.68 28.42
C ASN F 12 16.23 3.34 28.27
N THR F 13 16.99 3.53 29.35
CA THR F 13 18.40 3.19 29.40
C THR F 13 18.61 2.06 30.39
N LEU F 14 19.80 1.46 30.35
CA LEU F 14 20.12 0.40 31.30
C LEU F 14 20.03 0.89 32.73
N THR F 15 20.68 2.02 33.03
CA THR F 15 20.69 2.51 34.41
C THR F 15 19.29 2.81 34.92
N ARG F 16 18.47 3.48 34.10
CA ARG F 16 17.13 3.83 34.51
C ARG F 16 16.25 2.59 34.65
N PHE F 17 16.43 1.61 33.77
CA PHE F 17 15.69 0.35 33.84
C PHE F 17 15.99 -0.38 35.14
N VAL F 18 17.27 -0.46 35.50
CA VAL F 18 17.68 -1.16 36.71
C VAL F 18 17.17 -0.41 37.94
N MET F 19 17.31 0.92 37.94
CA MET F 19 16.81 1.74 39.05
C MET F 19 15.31 1.51 39.28
N GLU F 20 14.53 1.49 38.18
CA GLU F 20 13.09 1.28 38.34
C GLU F 20 12.79 -0.08 38.91
N GLU F 21 13.48 -1.12 38.44
CA GLU F 21 13.29 -2.45 38.99
C GLU F 21 13.70 -2.51 40.47
N GLY F 22 14.79 -1.82 40.83
CA GLY F 22 15.22 -1.83 42.22
C GLY F 22 14.23 -1.16 43.16
N ARG F 23 13.64 -0.04 42.72
CA ARG F 23 12.62 0.63 43.51
C ARG F 23 11.36 -0.21 43.66
N LYS F 24 10.91 -0.85 42.58
CA LYS F 24 9.77 -1.77 42.69
C LYS F 24 10.01 -2.79 43.79
N ALA F 25 11.17 -3.45 43.76
CA ALA F 25 11.52 -4.49 44.71
C ALA F 25 11.84 -3.94 46.08
N ARG F 26 11.98 -2.63 46.21
CA ARG F 26 12.28 -1.96 47.49
C ARG F 26 13.59 -2.46 48.11
N GLY F 27 14.59 -2.74 47.27
CA GLY F 27 15.89 -3.16 47.78
C GLY F 27 16.71 -2.01 48.33
N THR F 28 17.88 -2.36 48.87
CA THR F 28 18.75 -1.37 49.49
C THR F 28 19.55 -0.54 48.50
N GLY F 29 19.64 -0.97 47.24
CA GLY F 29 20.39 -0.26 46.23
C GLY F 29 21.74 -0.87 45.89
N GLU F 30 22.22 -1.85 46.67
CA GLU F 30 23.54 -2.41 46.39
C GLU F 30 23.61 -3.04 45.01
N LEU F 31 22.57 -3.80 44.62
CA LEU F 31 22.59 -4.45 43.32
C LEU F 31 22.60 -3.42 42.18
N THR F 32 21.86 -2.33 42.33
CA THR F 32 21.87 -1.28 41.32
C THR F 32 23.24 -0.62 41.19
N GLN F 33 23.91 -0.33 42.31
CA GLN F 33 25.26 0.22 42.25
C GLN F 33 26.23 -0.76 41.61
N LEU F 34 26.09 -2.04 41.94
CA LEU F 34 26.88 -3.09 41.30
C LEU F 34 26.73 -3.06 39.79
N LEU F 35 25.49 -3.08 39.31
CA LEU F 35 25.24 -3.17 37.88
C LEU F 35 25.67 -1.89 37.16
N ASN F 36 25.47 -0.72 37.78
CA ASN F 36 25.94 0.53 37.17
C ASN F 36 27.46 0.54 37.05
N SER F 37 28.17 0.02 38.06
CA SER F 37 29.61 -0.06 37.98
C SER F 37 30.06 -0.96 36.83
N LEU F 38 29.37 -2.10 36.69
CA LEU F 38 29.70 -3.03 35.62
C LEU F 38 29.47 -2.39 34.26
N CYS F 39 28.33 -1.70 34.10
CA CYS F 39 28.05 -0.93 32.89
C CYS F 39 29.23 -0.02 32.51
N THR F 40 29.79 0.68 33.49
CA THR F 40 30.93 1.56 33.21
C THR F 40 32.15 0.77 32.76
N ALA F 41 32.44 -0.36 33.41
CA ALA F 41 33.56 -1.17 32.97
C ALA F 41 33.37 -1.65 31.54
N VAL F 42 32.15 -2.07 31.18
CA VAL F 42 31.85 -2.60 29.85
C VAL F 42 32.04 -1.53 28.79
N LYS F 43 31.64 -0.29 29.08
CA LYS F 43 31.82 0.78 28.10
C LYS F 43 33.30 1.06 27.87
N ALA F 44 34.11 0.99 28.93
CA ALA F 44 35.55 1.16 28.81
C ALA F 44 36.19 -0.02 28.09
N ILE F 45 35.70 -1.25 28.33
CA ILE F 45 36.23 -2.38 27.57
C ILE F 45 35.88 -2.22 26.09
N SER F 46 34.62 -1.85 25.80
CA SER F 46 34.21 -1.68 24.41
C SER F 46 35.09 -0.66 23.69
N SER F 47 35.37 0.47 24.35
CA SER F 47 36.24 1.48 23.77
C SER F 47 37.61 0.91 23.43
N ALA F 48 38.18 0.10 24.34
CA ALA F 48 39.51 -0.47 24.11
C ALA F 48 39.50 -1.55 23.02
N VAL F 49 38.43 -2.35 22.98
CA VAL F 49 38.31 -3.41 21.98
C VAL F 49 38.19 -2.83 20.58
N ARG F 50 37.46 -1.71 20.45
CA ARG F 50 37.37 -1.02 19.15
C ARG F 50 38.63 -0.22 18.82
N LYS F 51 39.66 -0.29 19.69
CA LYS F 51 41.00 0.22 19.42
C LYS F 51 41.07 1.74 19.48
N ALA F 52 40.23 2.37 20.31
CA ALA F 52 40.40 3.79 20.58
C ALA F 52 41.81 4.02 21.12
N GLY F 53 42.52 4.97 20.53
CA GLY F 53 43.87 5.29 20.96
C GLY F 53 44.98 4.48 20.32
N ILE F 54 44.66 3.59 19.36
CA ILE F 54 45.71 2.76 18.76
C ILE F 54 46.75 3.62 18.03
N ALA F 55 46.37 4.81 17.55
CA ALA F 55 47.34 5.68 16.88
C ALA F 55 48.51 6.02 17.78
N HIS F 56 48.27 6.15 19.08
CA HIS F 56 49.37 6.46 20.00
C HIS F 56 50.33 5.30 20.17
N LEU F 57 49.83 4.06 20.10
CA LEU F 57 50.73 2.92 20.15
C LEU F 57 51.62 2.82 18.91
N TYR F 58 51.19 3.39 17.79
CA TYR F 58 51.95 3.27 16.56
C TYR F 58 52.69 4.57 16.23
N GLY F 59 52.80 5.47 17.20
CA GLY F 59 53.74 6.56 17.14
C GLY F 59 53.23 7.88 16.61
N ILE F 60 51.92 8.15 16.66
CA ILE F 60 51.42 9.38 16.07
C ILE F 60 52.05 10.60 16.74
N ALA F 61 52.37 10.52 18.02
CA ALA F 61 53.06 11.61 18.69
C ALA F 61 54.55 11.33 18.90
N GLY F 62 55.13 10.41 18.15
CA GLY F 62 56.55 10.12 18.26
C GLY F 62 56.89 9.00 19.23
N LYS F 73 47.51 -7.99 26.67
CA LYS F 73 47.27 -6.77 27.45
C LYS F 73 45.78 -6.41 27.47
N LEU F 74 45.07 -6.68 26.37
CA LEU F 74 43.64 -6.33 26.33
C LEU F 74 42.87 -7.11 27.38
N ASP F 75 43.17 -8.41 27.52
CA ASP F 75 42.45 -9.19 28.52
C ASP F 75 42.86 -8.80 29.94
N VAL F 76 44.12 -8.38 30.13
CA VAL F 76 44.55 -7.89 31.44
C VAL F 76 43.87 -6.56 31.75
N LEU F 77 43.83 -5.66 30.77
CA LEU F 77 43.14 -4.40 30.98
C LEU F 77 41.66 -4.62 31.31
N SER F 78 41.02 -5.54 30.58
CA SER F 78 39.61 -5.85 30.83
C SER F 78 39.40 -6.35 32.26
N ASN F 79 40.27 -7.25 32.72
CA ASN F 79 40.16 -7.73 34.09
C ASN F 79 40.31 -6.59 35.09
N ASP F 80 41.28 -5.70 34.85
CA ASP F 80 41.52 -4.57 35.76
C ASP F 80 40.33 -3.62 35.78
N LEU F 81 39.68 -3.42 34.63
CA LEU F 81 38.52 -2.53 34.60
C LEU F 81 37.38 -3.11 35.45
N VAL F 82 37.06 -4.39 35.25
CA VAL F 82 35.95 -5.01 35.98
C VAL F 82 36.26 -5.08 37.47
N MET F 83 37.43 -5.61 37.82
CA MET F 83 37.83 -5.73 39.22
C MET F 83 37.76 -4.38 39.92
N ASN F 84 38.31 -3.34 39.30
CA ASN F 84 38.38 -2.06 39.99
C ASN F 84 37.00 -1.42 40.11
N MET F 85 36.16 -1.52 39.08
CA MET F 85 34.84 -0.93 39.19
C MET F 85 33.97 -1.70 40.19
N LEU F 86 34.11 -3.03 40.24
CA LEU F 86 33.33 -3.82 41.19
C LEU F 86 33.79 -3.58 42.63
N LYS F 87 35.11 -3.58 42.88
CA LYS F 87 35.58 -3.29 44.23
C LYS F 87 35.07 -1.95 44.73
N SER F 88 35.19 -0.91 43.91
CA SER F 88 34.83 0.43 44.36
C SER F 88 33.31 0.66 44.36
N SER F 89 32.52 -0.34 43.97
CA SER F 89 31.07 -0.19 44.02
C SER F 89 30.52 -0.29 45.44
N PHE F 90 31.30 -0.83 46.37
CA PHE F 90 30.87 -1.14 47.74
C PHE F 90 29.75 -2.18 47.79
N ALA F 91 29.58 -2.95 46.72
CA ALA F 91 28.47 -3.90 46.63
C ALA F 91 28.92 -5.35 46.63
N THR F 92 30.23 -5.62 46.66
CA THR F 92 30.73 -6.97 46.47
C THR F 92 31.64 -7.36 47.64
N CYS F 93 31.76 -8.68 47.83
CA CYS F 93 32.64 -9.23 48.85
C CYS F 93 33.55 -10.31 48.30
N VAL F 94 33.13 -11.00 47.24
CA VAL F 94 33.92 -12.07 46.63
C VAL F 94 33.85 -11.94 45.11
N LEU F 95 35.01 -11.95 44.46
CA LEU F 95 35.13 -11.80 43.01
C LEU F 95 35.92 -12.98 42.45
N VAL F 96 35.34 -13.66 41.45
CA VAL F 96 36.00 -14.77 40.75
C VAL F 96 36.15 -14.38 39.29
N SER F 97 37.36 -14.45 38.76
CA SER F 97 37.63 -14.09 37.38
C SER F 97 38.39 -15.21 36.67
N GLU F 98 38.07 -15.39 35.39
CA GLU F 98 38.87 -16.27 34.55
C GLU F 98 40.35 -15.95 34.63
N GLU F 99 40.69 -14.68 34.86
CA GLU F 99 42.08 -14.22 34.82
C GLU F 99 42.84 -14.40 36.12
N ASP F 100 42.18 -14.77 37.21
CA ASP F 100 42.79 -14.80 38.54
C ASP F 100 42.73 -16.20 39.11
N LYS F 101 43.87 -16.67 39.63
CA LYS F 101 44.00 -18.05 40.07
C LYS F 101 43.05 -18.37 41.22
N HIS F 102 42.93 -17.48 42.21
CA HIS F 102 42.07 -17.65 43.38
C HIS F 102 40.96 -16.60 43.38
N ALA F 103 39.89 -16.90 44.11
CA ALA F 103 38.85 -15.88 44.34
C ALA F 103 39.45 -14.70 45.08
N ILE F 104 39.00 -13.49 44.72
CA ILE F 104 39.45 -12.27 45.37
C ILE F 104 38.46 -11.92 46.47
N ILE F 105 38.97 -11.70 47.69
CA ILE F 105 38.11 -11.29 48.80
C ILE F 105 38.24 -9.78 48.93
N VAL F 106 37.11 -9.08 48.78
CA VAL F 106 37.14 -7.62 48.82
C VAL F 106 37.52 -7.15 50.22
N GLU F 107 38.31 -6.09 50.31
CA GLU F 107 38.76 -5.59 51.60
C GLU F 107 37.58 -5.08 52.43
N PRO F 108 37.66 -5.18 53.76
CA PRO F 108 36.46 -5.00 54.60
C PRO F 108 35.73 -3.68 54.41
N GLU F 109 36.43 -2.56 54.23
CA GLU F 109 35.75 -1.28 54.14
C GLU F 109 35.00 -1.10 52.82
N LYS F 110 35.21 -1.98 51.84
CA LYS F 110 34.51 -1.90 50.57
C LYS F 110 33.51 -3.04 50.38
N ARG F 111 33.27 -3.86 51.40
CA ARG F 111 32.47 -5.06 51.25
C ARG F 111 30.99 -4.77 51.19
N GLY F 112 30.31 -5.40 50.25
CA GLY F 112 28.86 -5.43 50.17
C GLY F 112 28.45 -6.88 50.15
N LYS F 113 27.21 -7.19 49.77
CA LYS F 113 26.68 -8.52 49.99
C LYS F 113 26.74 -9.45 48.77
N TYR F 114 27.30 -9.02 47.63
CA TYR F 114 27.19 -9.81 46.42
C TYR F 114 28.51 -10.47 46.02
N VAL F 115 28.37 -11.63 45.38
CA VAL F 115 29.46 -12.42 44.79
C VAL F 115 29.32 -12.34 43.28
N VAL F 116 30.41 -11.99 42.58
CA VAL F 116 30.38 -11.86 41.13
C VAL F 116 31.43 -12.78 40.53
N CYS F 117 31.02 -13.62 39.58
CA CYS F 117 31.90 -14.44 38.77
C CYS F 117 31.88 -13.90 37.35
N PHE F 118 33.05 -13.72 36.73
CA PHE F 118 33.04 -13.10 35.42
C PHE F 118 34.21 -13.58 34.56
N ASP F 119 34.01 -13.49 33.24
CA ASP F 119 35.07 -13.65 32.25
C ASP F 119 35.23 -12.31 31.56
N PRO F 120 36.28 -11.54 31.86
CA PRO F 120 36.31 -10.14 31.41
C PRO F 120 36.45 -9.97 29.90
N LEU F 121 37.12 -10.89 29.19
CA LEU F 121 37.21 -10.73 27.73
C LEU F 121 37.23 -12.14 27.12
N ASP F 122 36.05 -12.74 27.05
CA ASP F 122 35.93 -14.07 26.49
C ASP F 122 36.13 -14.02 24.98
N GLY F 123 36.86 -15.01 24.47
CA GLY F 123 37.19 -15.10 23.07
C GLY F 123 38.44 -14.36 22.66
N SER F 124 39.14 -13.73 23.61
CA SER F 124 40.25 -12.86 23.29
C SER F 124 41.48 -13.59 22.77
N SER F 125 41.54 -14.92 22.92
CA SER F 125 42.68 -15.67 22.40
C SER F 125 42.83 -15.50 20.89
N ASN F 126 41.72 -15.36 20.18
CA ASN F 126 41.74 -15.18 18.74
C ASN F 126 41.37 -13.76 18.32
N ILE F 127 41.50 -12.78 19.25
CA ILE F 127 41.17 -11.39 18.93
C ILE F 127 42.08 -10.81 17.87
N ASP F 128 43.17 -11.51 17.54
CA ASP F 128 44.09 -11.08 16.48
C ASP F 128 43.40 -10.99 15.12
N CYS F 129 42.33 -11.76 14.91
CA CYS F 129 41.59 -11.73 13.65
C CYS F 129 40.31 -10.91 13.76
N LEU F 130 40.15 -10.12 14.83
CA LEU F 130 39.04 -9.19 14.99
C LEU F 130 37.69 -9.89 15.08
N VAL F 131 37.70 -11.17 15.49
CA VAL F 131 36.47 -11.88 15.82
C VAL F 131 35.76 -11.19 16.99
N SER F 132 34.43 -11.32 17.03
CA SER F 132 33.64 -10.87 18.16
C SER F 132 34.19 -11.44 19.46
N VAL F 133 34.21 -10.61 20.51
CA VAL F 133 34.55 -11.03 21.87
C VAL F 133 33.48 -10.50 22.82
N GLY F 134 33.58 -10.88 24.09
CA GLY F 134 32.54 -10.45 25.01
C GLY F 134 32.97 -10.56 26.46
N THR F 135 32.13 -10.02 27.34
CA THR F 135 32.29 -10.10 28.80
C THR F 135 31.09 -10.88 29.34
N ILE F 136 31.32 -11.88 30.22
CA ILE F 136 30.26 -12.70 30.80
C ILE F 136 30.27 -12.49 32.32
N PHE F 137 29.09 -12.38 32.93
CA PHE F 137 29.01 -12.18 34.39
C PHE F 137 27.82 -12.91 34.98
N GLY F 138 27.99 -13.37 36.23
CA GLY F 138 26.91 -13.91 37.04
C GLY F 138 27.00 -13.41 38.48
N ILE F 139 25.86 -13.05 39.07
CA ILE F 139 25.83 -12.37 40.37
C ILE F 139 25.04 -13.20 41.37
N TYR F 140 25.65 -13.52 42.52
CA TYR F 140 24.99 -14.21 43.61
C TYR F 140 24.94 -13.33 44.85
N ARG F 141 23.98 -13.62 45.73
CA ARG F 141 23.97 -13.07 47.07
C ARG F 141 24.79 -13.99 47.98
N LYS F 142 25.66 -13.41 48.79
CA LYS F 142 26.40 -14.22 49.75
C LYS F 142 25.45 -15.01 50.63
N LYS F 143 25.72 -16.31 50.78
CA LYS F 143 24.77 -17.23 51.38
C LYS F 143 25.01 -17.45 52.87
N SER F 144 26.26 -17.38 53.32
CA SER F 144 26.59 -17.64 54.71
C SER F 144 26.69 -16.33 55.49
N THR F 145 26.52 -16.43 56.81
CA THR F 145 26.69 -15.30 57.70
C THR F 145 28.09 -15.21 58.27
N ASP F 146 28.98 -16.13 57.89
CA ASP F 146 30.37 -16.10 58.32
C ASP F 146 31.18 -15.24 57.36
N GLU F 147 32.32 -14.76 57.85
CA GLU F 147 33.38 -14.11 57.08
C GLU F 147 33.39 -14.58 55.63
N PRO F 148 33.24 -13.67 54.66
CA PRO F 148 33.18 -14.08 53.25
C PRO F 148 34.44 -14.86 52.84
N SER F 149 34.24 -15.84 51.96
CA SER F 149 35.33 -16.70 51.52
C SER F 149 34.99 -17.28 50.16
N GLU F 150 35.96 -18.02 49.58
CA GLU F 150 35.77 -18.65 48.28
C GLU F 150 34.52 -19.54 48.23
N LYS F 151 34.12 -20.14 49.36
CA LYS F 151 32.93 -21.00 49.37
C LYS F 151 31.68 -20.27 48.93
N ASP F 152 31.62 -18.94 49.12
CA ASP F 152 30.44 -18.19 48.73
C ASP F 152 30.26 -18.13 47.22
N ALA F 153 31.32 -18.38 46.44
CA ALA F 153 31.21 -18.44 45.00
C ALA F 153 30.89 -19.84 44.49
N LEU F 154 30.92 -20.85 45.36
CA LEU F 154 30.68 -22.23 44.94
C LEU F 154 29.20 -22.59 45.11
N GLN F 155 28.36 -21.80 44.49
CA GLN F 155 26.93 -22.04 44.53
C GLN F 155 26.42 -22.54 43.18
N PRO F 156 25.37 -23.36 43.18
CA PRO F 156 24.79 -23.76 41.91
C PRO F 156 24.20 -22.58 41.17
N GLY F 157 24.16 -22.70 39.84
CA GLY F 157 23.65 -21.62 39.02
C GLY F 157 22.22 -21.25 39.33
N ARG F 158 21.45 -22.20 39.90
CA ARG F 158 20.07 -21.91 40.32
C ARG F 158 20.00 -20.76 41.31
N ASN F 159 21.08 -20.45 42.01
CA ASN F 159 21.13 -19.39 43.00
C ASN F 159 21.38 -18.00 42.42
N LEU F 160 21.57 -17.88 41.11
CA LEU F 160 21.94 -16.59 40.52
C LEU F 160 20.84 -15.56 40.73
N VAL F 161 21.25 -14.34 41.06
CA VAL F 161 20.30 -13.23 41.15
C VAL F 161 20.23 -12.46 39.83
N ALA F 162 21.35 -12.36 39.12
CA ALA F 162 21.37 -11.72 37.82
C ALA F 162 22.56 -12.29 37.08
N ALA F 163 22.46 -12.30 35.75
CA ALA F 163 23.57 -12.71 34.91
C ALA F 163 23.38 -12.12 33.53
N GLY F 164 24.44 -12.14 32.74
CA GLY F 164 24.34 -11.67 31.38
C GLY F 164 25.69 -11.57 30.75
N TYR F 165 25.73 -10.82 29.65
CA TYR F 165 26.97 -10.66 28.90
C TYR F 165 26.90 -9.38 28.10
N ALA F 166 28.08 -8.88 27.75
CA ALA F 166 28.26 -7.82 26.77
C ALA F 166 28.95 -8.45 25.57
N LEU F 167 28.41 -8.20 24.38
CA LEU F 167 28.97 -8.68 23.12
C LEU F 167 29.59 -7.48 22.39
N TYR F 168 30.89 -7.54 22.13
CA TYR F 168 31.57 -6.51 21.35
C TYR F 168 31.66 -7.03 19.92
N GLY F 169 30.54 -6.89 19.20
CA GLY F 169 30.44 -7.43 17.84
C GLY F 169 30.42 -6.32 16.82
N SER F 170 29.59 -6.45 15.78
CA SER F 170 29.45 -5.33 14.86
C SER F 170 28.94 -4.08 15.59
N ALA F 171 28.12 -4.26 16.62
CA ALA F 171 27.82 -3.22 17.60
C ALA F 171 28.03 -3.81 18.99
N THR F 172 27.96 -2.97 20.01
CA THR F 172 28.11 -3.46 21.39
C THR F 172 26.73 -3.56 22.06
N MET F 173 26.40 -4.74 22.55
CA MET F 173 25.12 -4.97 23.20
C MET F 173 25.32 -5.67 24.54
N LEU F 174 24.55 -5.24 25.55
CA LEU F 174 24.55 -5.86 26.86
C LEU F 174 23.21 -6.57 27.05
N VAL F 175 23.26 -7.87 27.36
CA VAL F 175 22.07 -8.68 27.61
C VAL F 175 22.04 -8.98 29.11
N LEU F 176 20.95 -8.60 29.78
CA LEU F 176 20.85 -8.73 31.23
C LEU F 176 19.65 -9.61 31.56
N ALA F 177 19.89 -10.68 32.31
CA ALA F 177 18.85 -11.63 32.72
C ALA F 177 18.64 -11.51 34.22
N MET F 178 17.38 -11.40 34.62
CA MET F 178 17.01 -11.37 36.03
C MET F 178 15.68 -12.11 36.15
N ASP F 179 15.12 -12.11 37.37
CA ASP F 179 13.83 -12.76 37.57
C ASP F 179 12.76 -12.20 36.64
N CYS F 180 12.81 -10.91 36.32
CA CYS F 180 11.82 -10.30 35.43
C CYS F 180 11.99 -10.68 33.96
N GLY F 181 12.99 -11.48 33.58
CA GLY F 181 13.21 -11.87 32.20
C GLY F 181 14.51 -11.33 31.65
N VAL F 182 14.63 -11.40 30.32
CA VAL F 182 15.86 -11.04 29.59
C VAL F 182 15.59 -9.76 28.81
N ASN F 183 16.49 -8.80 28.93
CA ASN F 183 16.40 -7.52 28.23
C ASN F 183 17.73 -7.18 27.57
N CYS F 184 17.67 -6.62 26.37
CA CYS F 184 18.83 -6.34 25.54
C CYS F 184 18.98 -4.83 25.35
N PHE F 185 20.19 -4.33 25.59
CA PHE F 185 20.49 -2.90 25.55
C PHE F 185 21.62 -2.67 24.55
N MET F 186 21.42 -1.74 23.62
CA MET F 186 22.44 -1.40 22.62
C MET F 186 23.23 -0.20 23.09
N LEU F 187 24.56 -0.31 23.08
CA LEU F 187 25.41 0.84 23.39
C LEU F 187 25.43 1.83 22.22
N ASP F 188 24.98 3.04 22.46
CA ASP F 188 25.09 4.13 21.49
C ASP F 188 26.42 4.82 21.75
N PRO F 189 27.46 4.58 20.93
CA PRO F 189 28.76 5.19 21.25
C PRO F 189 28.78 6.70 21.11
N ALA F 190 27.80 7.30 20.43
CA ALA F 190 27.80 8.76 20.33
C ALA F 190 27.60 9.42 21.68
N ILE F 191 26.82 8.81 22.56
CA ILE F 191 26.49 9.39 23.86
C ILE F 191 26.88 8.49 25.01
N GLY F 192 27.43 7.31 24.75
CA GLY F 192 27.85 6.41 25.79
C GLY F 192 26.74 5.96 26.72
N GLU F 193 25.60 5.55 26.14
CA GLU F 193 24.48 5.07 26.94
C GLU F 193 23.94 3.78 26.35
N PHE F 194 23.59 2.83 27.22
CA PHE F 194 22.95 1.59 26.80
C PHE F 194 21.44 1.80 26.65
N ILE F 195 20.93 1.62 25.44
CA ILE F 195 19.53 1.89 25.12
C ILE F 195 18.77 0.58 25.07
N LEU F 196 17.63 0.52 25.77
CA LEU F 196 16.79 -0.66 25.78
C LEU F 196 16.17 -0.85 24.39
N VAL F 197 16.55 -1.93 23.70
CA VAL F 197 16.07 -2.15 22.34
C VAL F 197 15.26 -3.43 22.17
N ASP F 198 15.40 -4.42 23.06
CA ASP F 198 14.61 -5.65 22.98
C ASP F 198 14.15 -6.05 24.38
N LYS F 199 12.84 -6.06 24.61
CA LYS F 199 12.28 -6.26 25.95
C LYS F 199 11.75 -7.67 26.13
N ASP F 200 12.05 -8.26 27.28
CA ASP F 200 11.49 -9.56 27.68
C ASP F 200 11.66 -10.60 26.57
N VAL F 201 12.92 -10.82 26.21
CA VAL F 201 13.25 -11.64 25.05
C VAL F 201 13.01 -13.11 25.37
N LYS F 202 12.48 -13.83 24.37
CA LYS F 202 12.26 -15.27 24.44
C LYS F 202 12.87 -15.92 23.21
N ILE F 203 13.47 -17.09 23.40
CA ILE F 203 14.07 -17.84 22.31
C ILE F 203 13.00 -18.66 21.60
N LYS F 204 13.20 -18.88 20.30
CA LYS F 204 12.35 -19.76 19.52
C LYS F 204 12.31 -21.17 20.09
N LYS F 205 11.15 -21.82 19.96
CA LYS F 205 11.01 -23.19 20.42
C LYS F 205 11.93 -24.12 19.64
N LYS F 206 12.14 -23.86 18.34
CA LYS F 206 12.97 -24.70 17.50
C LYS F 206 13.66 -23.85 16.45
N GLY F 207 14.95 -24.12 16.23
CA GLY F 207 15.77 -23.38 15.29
C GLY F 207 16.16 -24.18 14.07
N LYS F 208 17.09 -23.62 13.30
CA LYS F 208 17.56 -24.25 12.07
C LYS F 208 19.08 -24.16 11.96
N ILE F 209 19.76 -23.86 13.06
CA ILE F 209 21.22 -23.73 13.09
C ILE F 209 21.76 -24.53 14.26
N TYR F 210 22.81 -25.31 14.02
CA TYR F 210 23.58 -25.97 15.06
C TYR F 210 25.00 -25.40 15.06
N SER F 211 25.61 -25.35 16.24
CA SER F 211 26.87 -24.62 16.41
C SER F 211 27.81 -25.45 17.28
N LEU F 212 28.89 -25.96 16.68
CA LEU F 212 29.96 -26.63 17.42
C LEU F 212 31.18 -26.75 16.53
N ASN F 213 32.32 -27.03 17.17
CA ASN F 213 33.59 -27.25 16.48
C ASN F 213 33.62 -28.69 15.98
N GLU F 214 33.29 -28.90 14.72
CA GLU F 214 33.30 -30.25 14.18
C GLU F 214 34.71 -30.78 13.94
N GLY F 215 35.75 -29.98 14.16
CA GLY F 215 37.12 -30.44 14.06
C GLY F 215 37.47 -31.54 15.05
N TYR F 216 36.74 -31.61 16.17
CA TYR F 216 36.93 -32.66 17.16
C TYR F 216 36.08 -33.90 16.86
N ALA F 217 35.66 -34.08 15.60
CA ALA F 217 34.78 -35.19 15.26
C ALA F 217 35.38 -36.54 15.63
N LYS F 218 36.70 -36.67 15.54
CA LYS F 218 37.37 -37.92 15.90
C LYS F 218 37.17 -38.25 17.38
N ASP F 219 36.99 -37.24 18.22
CA ASP F 219 36.88 -37.45 19.66
C ASP F 219 35.45 -37.46 20.17
N PHE F 220 34.46 -37.23 19.30
CA PHE F 220 33.08 -37.12 19.76
C PHE F 220 32.58 -38.44 20.35
N ASP F 221 31.76 -38.32 21.40
CA ASP F 221 30.93 -39.41 21.91
C ASP F 221 29.98 -39.82 20.79
N PRO F 222 29.69 -41.12 20.65
CA PRO F 222 28.74 -41.52 19.60
C PRO F 222 27.43 -40.77 19.62
N ALA F 223 26.95 -40.33 20.77
CA ALA F 223 25.69 -39.58 20.80
C ALA F 223 25.81 -38.25 20.06
N VAL F 224 26.91 -37.52 20.27
CA VAL F 224 27.10 -36.27 19.54
C VAL F 224 27.25 -36.54 18.04
N THR F 225 27.98 -37.60 17.69
CA THR F 225 28.11 -37.96 16.27
C THR F 225 26.74 -38.18 15.65
N GLU F 226 25.87 -38.93 16.35
CA GLU F 226 24.55 -39.23 15.81
C GLU F 226 23.68 -37.98 15.72
N TYR F 227 23.73 -37.11 16.74
CA TYR F 227 22.92 -35.90 16.73
C TYR F 227 23.28 -35.00 15.56
N ILE F 228 24.58 -34.78 15.36
CA ILE F 228 25.04 -33.94 14.25
C ILE F 228 24.70 -34.59 12.91
N GLN F 229 24.79 -35.92 12.84
CA GLN F 229 24.41 -36.61 11.61
C GLN F 229 22.96 -36.33 11.24
N ARG F 230 22.06 -36.31 12.23
CA ARG F 230 20.65 -36.00 11.97
C ARG F 230 20.44 -34.57 11.49
N LYS F 231 21.31 -33.64 11.87
CA LYS F 231 21.16 -32.27 11.39
C LYS F 231 21.51 -32.17 9.92
N LYS F 232 22.52 -32.93 9.47
CA LYS F 232 22.94 -32.87 8.08
C LYS F 232 22.09 -33.77 7.19
N PHE F 233 21.63 -34.91 7.72
CA PHE F 233 20.82 -35.87 6.98
C PHE F 233 19.58 -36.14 7.80
N PRO F 234 18.60 -35.25 7.75
CA PRO F 234 17.42 -35.37 8.61
C PRO F 234 16.66 -36.66 8.30
N PRO F 235 16.19 -37.36 9.33
CA PRO F 235 15.46 -38.61 9.07
C PRO F 235 14.10 -38.43 8.43
N ASP F 236 13.45 -37.27 8.63
CA ASP F 236 12.09 -37.05 8.16
C ASP F 236 11.99 -36.18 6.92
N ASN F 237 13.05 -36.06 6.12
CA ASN F 237 13.04 -35.27 4.88
C ASN F 237 12.80 -33.77 5.16
N SER F 238 13.00 -33.30 6.38
CA SER F 238 12.97 -31.86 6.59
C SER F 238 14.27 -31.26 6.08
N ALA F 239 14.31 -29.93 5.99
CA ALA F 239 15.51 -29.29 5.45
C ALA F 239 16.66 -29.46 6.44
N PRO F 240 17.87 -29.76 5.95
CA PRO F 240 19.03 -29.83 6.85
C PRO F 240 19.29 -28.48 7.52
N TYR F 241 19.84 -28.55 8.74
CA TYR F 241 20.21 -27.35 9.47
C TYR F 241 21.41 -26.66 8.82
N GLY F 242 21.48 -25.35 8.98
CA GLY F 242 22.71 -24.65 8.70
C GLY F 242 23.67 -24.77 9.86
N ALA F 243 24.96 -24.59 9.56
CA ALA F 243 26.00 -24.64 10.57
C ALA F 243 26.66 -23.28 10.70
N ARG F 244 26.92 -22.88 11.94
CA ARG F 244 27.65 -21.65 12.26
C ARG F 244 28.51 -21.93 13.48
N TYR F 245 29.78 -21.51 13.44
CA TYR F 245 30.63 -21.63 14.63
C TYR F 245 31.67 -20.51 14.58
N VAL F 246 31.39 -19.44 15.31
CA VAL F 246 32.32 -18.31 15.34
C VAL F 246 33.60 -18.69 16.09
N GLY F 247 33.50 -19.54 17.09
CA GLY F 247 34.64 -19.84 17.94
C GLY F 247 34.80 -18.90 19.11
N SER F 248 33.85 -18.00 19.30
CA SER F 248 33.80 -17.12 20.46
C SER F 248 32.44 -17.33 21.10
N MET F 249 32.45 -17.78 22.36
CA MET F 249 31.23 -18.30 22.97
C MET F 249 30.12 -17.26 23.03
N VAL F 250 30.45 -16.01 23.35
CA VAL F 250 29.40 -15.02 23.50
C VAL F 250 28.71 -14.75 22.16
N ALA F 251 29.48 -14.72 21.07
CA ALA F 251 28.86 -14.52 19.75
C ALA F 251 27.97 -15.71 19.37
N ASP F 252 28.43 -16.94 19.59
CA ASP F 252 27.64 -18.11 19.21
C ASP F 252 26.40 -18.26 20.07
N VAL F 253 26.52 -17.97 21.37
CA VAL F 253 25.37 -18.06 22.26
C VAL F 253 24.38 -16.94 21.96
N HIS F 254 24.87 -15.73 21.66
CA HIS F 254 23.95 -14.64 21.34
C HIS F 254 23.17 -14.92 20.07
N ARG F 255 23.84 -15.46 19.05
CA ARG F 255 23.12 -15.83 17.84
C ARG F 255 22.06 -16.88 18.15
N THR F 256 22.39 -17.81 19.04
CA THR F 256 21.42 -18.84 19.43
C THR F 256 20.18 -18.21 20.06
N LEU F 257 20.38 -17.21 20.93
CA LEU F 257 19.25 -16.52 21.54
C LEU F 257 18.38 -15.81 20.52
N VAL F 258 19.01 -15.10 19.57
CA VAL F 258 18.30 -14.24 18.64
C VAL F 258 17.63 -15.04 17.52
N TYR F 259 18.30 -16.08 17.00
CA TYR F 259 17.81 -16.82 15.86
C TYR F 259 17.24 -18.19 16.20
N GLY F 260 17.44 -18.68 17.41
CA GLY F 260 17.12 -20.04 17.78
C GLY F 260 18.20 -21.01 17.32
N GLY F 261 18.04 -22.26 17.73
CA GLY F 261 18.99 -23.30 17.41
C GLY F 261 19.71 -23.87 18.61
N ILE F 262 20.89 -24.45 18.40
CA ILE F 262 21.58 -25.19 19.45
C ILE F 262 23.07 -24.92 19.38
N PHE F 263 23.68 -24.80 20.55
CA PHE F 263 25.12 -24.59 20.70
C PHE F 263 25.64 -25.74 21.56
N LEU F 264 26.75 -26.34 21.14
CA LEU F 264 27.31 -27.48 21.86
C LEU F 264 28.80 -27.28 22.09
N TYR F 265 29.24 -27.49 23.34
CA TYR F 265 30.65 -27.75 23.63
C TYR F 265 30.66 -28.94 24.56
N PRO F 266 30.55 -30.15 24.01
CA PRO F 266 30.30 -31.34 24.82
C PRO F 266 31.56 -31.98 25.36
N ALA F 267 31.34 -32.89 26.31
CA ALA F 267 32.41 -33.73 26.81
C ALA F 267 32.83 -34.73 25.74
N ASN F 268 34.08 -35.14 25.80
CA ASN F 268 34.60 -36.20 24.95
C ASN F 268 35.51 -37.09 25.79
N LYS F 269 36.18 -38.05 25.15
CA LYS F 269 37.03 -38.96 25.89
C LYS F 269 38.27 -38.25 26.39
N LYS F 270 38.82 -37.32 25.60
CA LYS F 270 39.97 -36.52 26.01
C LYS F 270 39.61 -35.56 27.15
N SER F 271 38.42 -34.97 27.11
CA SER F 271 37.99 -33.94 28.07
C SER F 271 36.64 -34.35 28.66
N PRO F 272 36.64 -35.27 29.62
CA PRO F 272 35.36 -35.81 30.12
C PRO F 272 34.50 -34.78 30.81
N ASN F 273 35.04 -33.61 31.18
CA ASN F 273 34.27 -32.57 31.83
C ASN F 273 34.04 -31.34 30.95
N GLY F 274 34.23 -31.44 29.64
CA GLY F 274 34.04 -30.29 28.77
C GLY F 274 35.21 -29.32 28.80
N LYS F 275 35.04 -28.21 28.09
CA LYS F 275 36.11 -27.20 28.03
C LYS F 275 35.71 -25.89 28.69
N LEU F 276 34.45 -25.49 28.57
CA LEU F 276 34.03 -24.21 29.11
C LEU F 276 33.95 -24.26 30.64
N ARG F 277 34.13 -23.10 31.25
CA ARG F 277 34.19 -22.99 32.71
C ARG F 277 32.78 -22.82 33.29
N LEU F 278 32.49 -23.59 34.33
CA LEU F 278 31.14 -23.60 34.87
C LEU F 278 30.74 -22.26 35.48
N LEU F 279 31.61 -21.67 36.31
CA LEU F 279 31.15 -20.55 37.14
C LEU F 279 30.90 -19.29 36.32
N TYR F 280 31.77 -19.00 35.34
CA TYR F 280 31.70 -17.71 34.66
C TYR F 280 31.54 -17.81 33.14
N GLU F 281 31.26 -19.00 32.61
CA GLU F 281 30.82 -19.14 31.23
C GLU F 281 29.50 -19.89 31.17
N CYS F 282 29.47 -21.12 31.68
CA CYS F 282 28.28 -21.96 31.52
C CYS F 282 27.10 -21.44 32.33
N ASN F 283 27.29 -21.17 33.62
CA ASN F 283 26.17 -20.78 34.47
C ASN F 283 25.50 -19.49 34.00
N PRO F 284 26.23 -18.40 33.74
CA PRO F 284 25.53 -17.20 33.24
C PRO F 284 24.79 -17.42 31.93
N MET F 285 25.38 -18.16 30.99
CA MET F 285 24.70 -18.38 29.72
C MET F 285 23.50 -19.29 29.89
N ALA F 286 23.61 -20.29 30.77
CA ALA F 286 22.47 -21.16 31.07
C ALA F 286 21.35 -20.38 31.75
N TYR F 287 21.71 -19.44 32.64
CA TYR F 287 20.71 -18.62 33.30
C TYR F 287 19.98 -17.75 32.29
N VAL F 288 20.73 -17.10 31.38
CA VAL F 288 20.10 -16.33 30.30
C VAL F 288 19.15 -17.20 29.48
N MET F 289 19.63 -18.38 29.08
CA MET F 289 18.82 -19.26 28.25
C MET F 289 17.53 -19.66 28.96
N GLU F 290 17.62 -20.02 30.24
CA GLU F 290 16.41 -20.47 30.93
C GLU F 290 15.43 -19.33 31.15
N LYS F 291 15.95 -18.14 31.48
CA LYS F 291 15.08 -16.97 31.58
C LYS F 291 14.47 -16.59 30.24
N ALA F 292 15.08 -17.02 29.14
CA ALA F 292 14.52 -16.78 27.81
C ALA F 292 13.64 -17.92 27.33
N GLY F 293 13.37 -18.92 28.17
CA GLY F 293 12.58 -20.06 27.75
C GLY F 293 13.35 -21.13 27.04
N GLY F 294 14.68 -21.11 27.12
CA GLY F 294 15.51 -22.14 26.53
C GLY F 294 15.98 -23.14 27.56
N MET F 295 16.93 -23.97 27.13
CA MET F 295 17.48 -25.04 27.96
C MET F 295 18.99 -25.04 27.93
N ALA F 296 19.58 -25.62 28.98
CA ALA F 296 21.03 -25.74 29.07
C ALA F 296 21.36 -26.96 29.90
N THR F 297 22.01 -27.94 29.29
CA THR F 297 22.30 -29.21 29.96
C THR F 297 23.76 -29.59 29.80
N THR F 298 24.26 -30.36 30.78
CA THR F 298 25.53 -31.04 30.62
C THR F 298 25.40 -32.38 29.91
N GLY F 299 24.17 -32.83 29.66
CA GLY F 299 23.94 -34.19 29.22
C GLY F 299 23.34 -35.01 30.34
N LYS F 300 23.92 -34.91 31.53
CA LYS F 300 23.46 -35.65 32.70
C LYS F 300 22.50 -34.86 33.57
N GLU F 301 22.62 -33.53 33.57
CA GLU F 301 21.79 -32.68 34.43
C GLU F 301 21.79 -31.25 33.89
N ALA F 302 20.88 -30.45 34.43
CA ALA F 302 20.84 -29.04 34.10
C ALA F 302 22.11 -28.35 34.55
N VAL F 303 22.63 -27.46 33.70
CA VAL F 303 23.83 -26.71 34.06
C VAL F 303 23.64 -26.02 35.40
N LEU F 304 22.47 -25.40 35.61
CA LEU F 304 22.24 -24.63 36.82
C LEU F 304 22.11 -25.50 38.07
N ASP F 305 21.97 -26.82 37.92
CA ASP F 305 21.88 -27.71 39.07
C ASP F 305 23.22 -28.30 39.49
N VAL F 306 24.27 -28.12 38.69
CA VAL F 306 25.59 -28.63 39.06
C VAL F 306 26.10 -27.87 40.28
N ILE F 307 26.55 -28.61 41.30
CA ILE F 307 27.14 -28.00 42.48
C ILE F 307 28.66 -27.99 42.30
N PRO F 308 29.29 -26.82 42.14
CA PRO F 308 30.74 -26.79 41.91
C PRO F 308 31.54 -27.05 43.17
N THR F 309 32.72 -27.63 42.98
CA THR F 309 33.67 -27.77 44.07
C THR F 309 34.95 -27.00 43.84
N ASP F 310 35.14 -26.44 42.65
CA ASP F 310 36.33 -25.68 42.27
C ASP F 310 35.92 -24.50 41.40
N ILE F 311 36.47 -23.32 41.68
CA ILE F 311 35.99 -22.13 40.98
C ILE F 311 36.33 -22.15 39.50
N HIS F 312 37.31 -22.94 39.07
CA HIS F 312 37.69 -22.99 37.66
C HIS F 312 37.28 -24.29 36.98
N GLN F 313 36.37 -25.04 37.58
CA GLN F 313 36.02 -26.34 37.02
C GLN F 313 35.26 -26.17 35.71
N ARG F 314 35.39 -27.17 34.85
CA ARG F 314 34.81 -27.17 33.52
C ARG F 314 33.49 -27.93 33.52
N ALA F 315 32.70 -27.70 32.46
CA ALA F 315 31.45 -28.41 32.28
C ALA F 315 31.22 -28.58 30.78
N PRO F 316 30.67 -29.72 30.35
CA PRO F 316 30.12 -29.79 29.00
C PRO F 316 28.82 -29.00 28.98
N VAL F 317 28.49 -28.43 27.84
CA VAL F 317 27.28 -27.63 27.78
C VAL F 317 26.63 -27.79 26.42
N ILE F 318 25.31 -27.97 26.44
CA ILE F 318 24.48 -27.99 25.26
C ILE F 318 23.29 -27.08 25.56
N LEU F 319 23.10 -26.04 24.76
CA LEU F 319 22.08 -25.06 25.09
C LEU F 319 21.41 -24.52 23.83
N GLY F 320 20.25 -23.90 24.04
CA GLY F 320 19.51 -23.30 22.96
C GLY F 320 18.01 -23.55 23.00
N SER F 321 17.41 -23.61 21.82
CA SER F 321 15.97 -23.80 21.72
C SER F 321 15.57 -25.10 22.41
N PRO F 322 14.47 -25.10 23.16
CA PRO F 322 14.14 -26.30 23.96
C PRO F 322 13.90 -27.56 23.13
N ASP F 323 13.23 -27.45 21.98
CA ASP F 323 13.01 -28.64 21.15
C ASP F 323 14.33 -29.21 20.64
N ASP F 324 15.30 -28.34 20.31
CA ASP F 324 16.58 -28.83 19.82
C ASP F 324 17.39 -29.47 20.94
N VAL F 325 17.38 -28.87 22.13
CA VAL F 325 18.09 -29.47 23.25
C VAL F 325 17.44 -30.78 23.66
N LEU F 326 16.10 -30.85 23.64
CA LEU F 326 15.42 -32.10 24.00
C LEU F 326 15.74 -33.21 23.01
N GLU F 327 15.83 -32.88 21.72
CA GLU F 327 16.19 -33.89 20.71
C GLU F 327 17.60 -34.43 20.96
N PHE F 328 18.53 -33.56 21.33
CA PHE F 328 19.85 -34.04 21.73
C PHE F 328 19.78 -34.93 22.96
N LEU F 329 19.01 -34.52 23.97
CA LEU F 329 18.94 -35.30 25.21
C LEU F 329 18.34 -36.68 24.96
N LYS F 330 17.38 -36.78 24.05
CA LYS F 330 16.82 -38.08 23.70
C LYS F 330 17.90 -38.98 23.09
N VAL F 331 18.71 -38.43 22.19
CA VAL F 331 19.81 -39.20 21.61
C VAL F 331 20.84 -39.57 22.68
N TYR F 332 21.16 -38.64 23.58
CA TYR F 332 22.12 -38.91 24.64
C TYR F 332 21.64 -40.01 25.57
N GLU F 333 20.37 -39.95 25.98
CA GLU F 333 19.82 -40.99 26.85
C GLU F 333 19.77 -42.34 26.12
N LYS F 334 19.54 -42.32 24.81
CA LYS F 334 19.55 -43.54 24.01
C LYS F 334 20.84 -44.33 24.16
N HIS F 335 21.98 -43.64 24.24
CA HIS F 335 23.29 -44.28 24.38
C HIS F 335 23.67 -44.49 25.83
N SER F 336 22.69 -44.53 26.73
CA SER F 336 22.84 -44.64 28.19
C SER F 336 23.14 -43.27 28.77
N ASP G 10 27.42 18.87 -4.11
CA ASP G 10 28.22 17.72 -3.71
C ASP G 10 28.97 17.99 -2.41
N VAL G 11 28.91 17.02 -1.48
CA VAL G 11 29.68 17.12 -0.26
C VAL G 11 31.17 17.17 -0.60
N ASN G 12 31.94 17.88 0.22
CA ASN G 12 33.38 17.95 0.03
C ASN G 12 34.04 17.83 1.39
N THR G 13 35.22 17.23 1.42
CA THR G 13 35.98 17.12 2.64
C THR G 13 37.29 17.88 2.48
N LEU G 14 37.97 18.11 3.59
CA LEU G 14 39.25 18.82 3.56
C LEU G 14 40.25 18.13 2.64
N THR G 15 40.39 16.81 2.78
CA THR G 15 41.35 16.07 1.96
C THR G 15 41.04 16.19 0.47
N ARG G 16 39.77 16.02 0.11
CA ARG G 16 39.39 16.07 -1.31
C ARG G 16 39.53 17.49 -1.87
N PHE G 17 39.19 18.50 -1.05
CA PHE G 17 39.33 19.90 -1.48
C PHE G 17 40.80 20.23 -1.78
N VAL G 18 41.70 19.84 -0.87
CA VAL G 18 43.11 20.12 -1.05
C VAL G 18 43.67 19.40 -2.27
N MET G 19 43.30 18.12 -2.44
CA MET G 19 43.75 17.36 -3.61
C MET G 19 43.32 18.03 -4.91
N GLU G 20 42.07 18.48 -4.98
CA GLU G 20 41.57 19.09 -6.20
C GLU G 20 42.31 20.38 -6.53
N GLU G 21 42.56 21.22 -5.52
CA GLU G 21 43.34 22.43 -5.76
C GLU G 21 44.76 22.10 -6.18
N GLY G 22 45.35 21.06 -5.58
CA GLY G 22 46.69 20.67 -5.96
C GLY G 22 46.75 20.13 -7.37
N ARG G 23 45.74 19.38 -7.78
CA ARG G 23 45.70 18.87 -9.15
C ARG G 23 45.54 20.01 -10.15
N LYS G 24 44.67 20.98 -9.85
CA LYS G 24 44.54 22.16 -10.70
C LYS G 24 45.89 22.83 -10.91
N ALA G 25 46.64 23.07 -9.83
CA ALA G 25 47.94 23.72 -9.92
C ALA G 25 49.02 22.81 -10.49
N ARG G 26 48.75 21.50 -10.57
CA ARG G 26 49.70 20.52 -11.09
C ARG G 26 51.01 20.54 -10.30
N GLY G 27 50.92 20.71 -8.99
CA GLY G 27 52.10 20.64 -8.17
C GLY G 27 52.57 19.21 -7.98
N THR G 28 53.70 19.07 -7.27
CA THR G 28 54.28 17.75 -7.03
C THR G 28 53.56 16.97 -5.92
N GLY G 29 52.76 17.63 -5.09
CA GLY G 29 52.05 16.96 -4.01
C GLY G 29 52.59 17.18 -2.61
N GLU G 30 53.76 17.82 -2.45
CA GLU G 30 54.32 18.00 -1.11
C GLU G 30 53.40 18.82 -0.22
N LEU G 31 52.81 19.89 -0.74
CA LEU G 31 51.94 20.72 0.09
C LEU G 31 50.70 19.94 0.52
N THR G 32 50.14 19.12 -0.38
CA THR G 32 49.00 18.27 -0.02
C THR G 32 49.37 17.25 1.07
N GLN G 33 50.55 16.64 0.96
CA GLN G 33 50.99 15.71 2.00
C GLN G 33 51.15 16.43 3.34
N LEU G 34 51.71 17.63 3.31
CA LEU G 34 51.84 18.45 4.53
C LEU G 34 50.49 18.75 5.15
N LEU G 35 49.55 19.26 4.35
CA LEU G 35 48.25 19.67 4.88
C LEU G 35 47.46 18.48 5.39
N ASN G 36 47.56 17.34 4.70
CA ASN G 36 46.94 16.12 5.21
C ASN G 36 47.55 15.69 6.53
N SER G 37 48.88 15.81 6.66
CA SER G 37 49.55 15.47 7.91
C SER G 37 49.09 16.38 9.03
N LEU G 38 48.97 17.67 8.73
CA LEU G 38 48.48 18.63 9.71
C LEU G 38 47.05 18.30 10.15
N CYS G 39 46.20 17.94 9.19
CA CYS G 39 44.81 17.59 9.51
C CYS G 39 44.74 16.40 10.47
N THR G 40 45.58 15.38 10.23
CA THR G 40 45.65 14.26 11.16
C THR G 40 46.05 14.72 12.56
N ALA G 41 47.06 15.59 12.65
CA ALA G 41 47.46 16.12 13.94
C ALA G 41 46.31 16.87 14.63
N VAL G 42 45.57 17.69 13.87
CA VAL G 42 44.46 18.48 14.45
C VAL G 42 43.35 17.58 14.99
N LYS G 43 43.03 16.49 14.31
CA LYS G 43 42.03 15.56 14.86
C LYS G 43 42.53 14.92 16.16
N ALA G 44 43.84 14.61 16.23
CA ALA G 44 44.35 14.02 17.47
C ALA G 44 44.39 15.05 18.59
N ILE G 45 44.68 16.32 18.27
CA ILE G 45 44.61 17.35 19.30
C ILE G 45 43.17 17.52 19.77
N SER G 46 42.22 17.58 18.83
CA SER G 46 40.83 17.77 19.23
C SER G 46 40.39 16.66 20.20
N SER G 47 40.73 15.41 19.89
CA SER G 47 40.40 14.29 20.76
C SER G 47 40.98 14.46 22.16
N ALA G 48 42.23 14.92 22.24
CA ALA G 48 42.84 15.15 23.55
C ALA G 48 42.22 16.35 24.27
N VAL G 49 41.91 17.42 23.52
CA VAL G 49 41.35 18.61 24.17
C VAL G 49 39.97 18.31 24.77
N ARG G 50 39.15 17.52 24.08
CA ARG G 50 37.84 17.11 24.61
C ARG G 50 37.93 16.02 25.68
N LYS G 51 39.15 15.61 26.06
CA LYS G 51 39.42 14.75 27.22
C LYS G 51 39.04 13.28 26.99
N ALA G 52 39.14 12.79 25.76
CA ALA G 52 39.01 11.36 25.54
C ALA G 52 40.03 10.61 26.40
N GLY G 53 39.57 9.60 27.13
CA GLY G 53 40.48 8.81 27.93
C GLY G 53 40.80 9.35 29.31
N ILE G 54 40.18 10.46 29.72
CA ILE G 54 40.49 11.02 31.04
C ILE G 54 40.11 10.06 32.15
N ALA G 55 39.12 9.18 31.91
CA ALA G 55 38.74 8.22 32.95
C ALA G 55 39.93 7.35 33.35
N HIS G 56 40.84 7.05 32.41
CA HIS G 56 42.01 6.26 32.76
C HIS G 56 42.98 7.06 33.61
N LEU G 57 43.03 8.37 33.42
CA LEU G 57 43.89 9.18 34.24
C LEU G 57 43.43 9.21 35.69
N TYR G 58 42.14 8.99 35.92
CA TYR G 58 41.54 9.09 37.24
C TYR G 58 41.27 7.73 37.87
N GLY G 59 41.84 6.66 37.31
CA GLY G 59 41.92 5.39 38.00
C GLY G 59 40.82 4.39 37.71
N ILE G 60 40.16 4.48 36.55
CA ILE G 60 39.07 3.56 36.25
C ILE G 60 39.56 2.12 36.22
N ALA G 61 40.82 1.90 35.83
CA ALA G 61 41.38 0.56 35.80
C ALA G 61 42.31 0.29 36.99
N GLY G 62 42.19 1.09 38.05
CA GLY G 62 43.03 0.92 39.23
C GLY G 62 44.27 1.81 39.17
N LYS G 73 51.19 16.76 29.74
CA LYS G 73 50.48 18.03 29.59
C LYS G 73 49.92 18.17 28.17
N LEU G 74 48.77 18.85 28.04
CA LEU G 74 48.12 18.98 26.74
C LEU G 74 48.98 19.74 25.75
N ASP G 75 49.64 20.81 26.22
CA ASP G 75 50.42 21.60 25.26
C ASP G 75 51.66 20.86 24.80
N VAL G 76 52.26 20.04 25.66
CA VAL G 76 53.39 19.21 25.25
C VAL G 76 52.94 18.15 24.25
N LEU G 77 51.83 17.47 24.54
CA LEU G 77 51.30 16.47 23.63
C LEU G 77 50.92 17.08 22.28
N SER G 78 50.24 18.24 22.29
CA SER G 78 49.87 18.88 21.04
C SER G 78 51.10 19.19 20.22
N ASN G 79 52.15 19.71 20.86
CA ASN G 79 53.39 19.98 20.14
C ASN G 79 53.98 18.71 19.53
N ASP G 80 54.01 17.62 20.31
CA ASP G 80 54.58 16.38 19.81
C ASP G 80 53.76 15.83 18.65
N LEU G 81 52.43 15.97 18.71
CA LEU G 81 51.60 15.52 17.59
C LEU G 81 51.90 16.29 16.31
N VAL G 82 51.94 17.63 16.39
CA VAL G 82 52.21 18.43 15.20
C VAL G 82 53.62 18.18 14.71
N MET G 83 54.60 18.22 15.61
CA MET G 83 56.00 17.99 15.22
C MET G 83 56.17 16.63 14.55
N ASN G 84 55.59 15.59 15.13
CA ASN G 84 55.82 14.26 14.58
C ASN G 84 55.13 14.09 13.24
N MET G 85 53.92 14.62 13.09
CA MET G 85 53.23 14.46 11.80
C MET G 85 53.90 15.27 10.69
N LEU G 86 54.39 16.47 11.01
CA LEU G 86 55.04 17.29 9.99
C LEU G 86 56.40 16.71 9.60
N LYS G 87 57.19 16.27 10.58
CA LYS G 87 58.45 15.60 10.26
C LYS G 87 58.22 14.42 9.34
N SER G 88 57.27 13.55 9.69
CA SER G 88 57.07 12.35 8.90
C SER G 88 56.33 12.61 7.59
N SER G 89 55.89 13.85 7.31
CA SER G 89 55.24 14.13 6.04
C SER G 89 56.24 14.16 4.88
N PHE G 90 57.54 14.29 5.16
CA PHE G 90 58.62 14.49 4.17
C PHE G 90 58.45 15.78 3.38
N ALA G 91 57.66 16.72 3.89
CA ALA G 91 57.38 17.95 3.16
C ALA G 91 57.99 19.19 3.81
N THR G 92 58.67 19.06 4.96
CA THR G 92 59.12 20.22 5.70
C THR G 92 60.63 20.14 5.96
N CYS G 93 61.24 21.32 6.20
CA CYS G 93 62.67 21.34 6.52
C CYS G 93 62.98 22.11 7.81
N VAL G 94 62.15 23.09 8.15
CA VAL G 94 62.34 23.89 9.36
C VAL G 94 61.00 24.06 10.03
N LEU G 95 60.96 23.82 11.33
CA LEU G 95 59.71 23.94 12.08
C LEU G 95 59.90 24.90 13.23
N VAL G 96 59.03 25.90 13.33
CA VAL G 96 59.06 26.83 14.44
C VAL G 96 57.78 26.65 15.25
N SER G 97 57.93 26.39 16.54
CA SER G 97 56.79 26.21 17.42
C SER G 97 56.89 27.15 18.62
N GLU G 98 55.74 27.67 19.04
CA GLU G 98 55.65 28.42 20.29
C GLU G 98 56.25 27.64 21.46
N GLU G 99 56.21 26.31 21.42
CA GLU G 99 56.66 25.48 22.52
C GLU G 99 58.17 25.24 22.55
N ASP G 100 58.90 25.61 21.51
CA ASP G 100 60.32 25.29 21.40
C ASP G 100 61.13 26.56 21.28
N LYS G 101 62.17 26.70 22.12
CA LYS G 101 62.94 27.92 22.10
C LYS G 101 63.65 28.14 20.76
N HIS G 102 64.18 27.08 20.15
CA HIS G 102 64.89 27.20 18.87
C HIS G 102 64.10 26.56 17.74
N ALA G 103 64.39 26.97 16.51
CA ALA G 103 63.81 26.30 15.36
C ALA G 103 64.24 24.85 15.35
N ILE G 104 63.33 23.98 14.93
CA ILE G 104 63.64 22.56 14.73
C ILE G 104 64.01 22.35 13.27
N ILE G 105 65.19 21.76 13.04
CA ILE G 105 65.66 21.45 11.70
C ILE G 105 65.38 19.98 11.44
N VAL G 106 64.57 19.69 10.43
CA VAL G 106 64.19 18.31 10.14
C VAL G 106 65.41 17.54 9.66
N GLU G 107 65.53 16.28 10.08
CA GLU G 107 66.70 15.51 9.69
C GLU G 107 66.74 15.29 8.18
N PRO G 108 67.95 15.21 7.60
CA PRO G 108 68.08 15.31 6.13
C PRO G 108 67.23 14.32 5.34
N GLU G 109 67.11 13.08 5.81
CA GLU G 109 66.39 12.11 5.00
C GLU G 109 64.88 12.37 4.98
N LYS G 110 64.37 13.24 5.84
CA LYS G 110 62.95 13.57 5.88
C LYS G 110 62.66 14.97 5.39
N ARG G 111 63.65 15.68 4.84
CA ARG G 111 63.49 17.10 4.50
C ARG G 111 62.68 17.29 3.24
N GLY G 112 61.75 18.24 3.31
CA GLY G 112 61.01 18.73 2.15
C GLY G 112 61.20 20.22 2.00
N LYS G 113 60.35 20.88 1.20
CA LYS G 113 60.65 22.25 0.79
C LYS G 113 59.94 23.34 1.60
N TYR G 114 59.13 22.97 2.59
CA TYR G 114 58.31 23.96 3.30
C TYR G 114 58.82 24.23 4.71
N VAL G 115 58.57 25.46 5.15
CA VAL G 115 58.83 25.94 6.51
C VAL G 115 57.48 26.14 7.17
N VAL G 116 57.29 25.60 8.38
CA VAL G 116 56.00 25.72 9.05
C VAL G 116 56.21 26.35 10.43
N CYS G 117 55.47 27.42 10.70
CA CYS G 117 55.45 28.06 12.01
C CYS G 117 54.09 27.80 12.65
N PHE G 118 54.06 27.39 13.91
CA PHE G 118 52.76 27.04 14.49
C PHE G 118 52.73 27.23 16.00
N ASP G 119 51.51 27.44 16.49
CA ASP G 119 51.22 27.41 17.92
C ASP G 119 50.32 26.22 18.13
N PRO G 120 50.81 25.13 18.73
CA PRO G 120 50.03 23.88 18.72
C PRO G 120 48.78 23.92 19.57
N LEU G 121 48.76 24.74 20.64
CA LEU G 121 47.54 24.84 21.45
C LEU G 121 47.49 26.27 22.02
N ASP G 122 47.06 27.21 21.17
CA ASP G 122 46.96 28.61 21.55
C ASP G 122 45.79 28.81 22.52
N GLY G 123 46.02 29.65 23.53
CA GLY G 123 45.07 29.91 24.59
C GLY G 123 45.14 28.93 25.75
N SER G 124 46.07 27.98 25.71
CA SER G 124 46.10 26.88 26.66
C SER G 124 46.48 27.31 28.08
N SER G 125 47.00 28.53 28.27
CA SER G 125 47.31 28.96 29.63
C SER G 125 46.06 28.97 30.50
N ASN G 126 44.91 29.26 29.92
CA ASN G 126 43.65 29.33 30.65
C ASN G 126 42.73 28.13 30.38
N ILE G 127 43.28 27.04 29.82
CA ILE G 127 42.45 25.88 29.53
C ILE G 127 41.88 25.23 30.77
N ASP G 128 42.37 25.61 31.96
CA ASP G 128 41.79 25.14 33.21
C ASP G 128 40.33 25.53 33.35
N CYS G 129 39.89 26.59 32.67
CA CYS G 129 38.48 26.99 32.71
C CYS G 129 37.72 26.54 31.47
N LEU G 130 38.33 25.67 30.65
CA LEU G 130 37.67 25.07 29.47
C LEU G 130 37.31 26.13 28.44
N VAL G 131 38.03 27.26 28.44
CA VAL G 131 37.89 28.24 27.38
C VAL G 131 38.27 27.57 26.06
N SER G 132 37.64 28.03 24.98
CA SER G 132 38.05 27.60 23.64
C SER G 132 39.55 27.80 23.46
N VAL G 133 40.20 26.84 22.81
CA VAL G 133 41.62 26.89 22.47
C VAL G 133 41.73 26.54 21.00
N GLY G 134 42.95 26.64 20.46
CA GLY G 134 43.11 26.43 19.03
C GLY G 134 44.55 26.15 18.64
N THR G 135 44.72 25.79 17.37
CA THR G 135 46.01 25.56 16.75
C THR G 135 46.13 26.58 15.62
N ILE G 136 47.27 27.27 15.52
CA ILE G 136 47.48 28.26 14.47
C ILE G 136 48.69 27.81 13.68
N PHE G 137 48.64 27.93 12.36
CA PHE G 137 49.80 27.52 11.57
C PHE G 137 49.97 28.44 10.38
N GLY G 138 51.22 28.61 9.95
CA GLY G 138 51.53 29.31 8.72
C GLY G 138 52.58 28.54 7.96
N ILE G 139 52.45 28.43 6.63
CA ILE G 139 53.29 27.57 5.81
C ILE G 139 54.01 28.44 4.78
N TYR G 140 55.34 28.35 4.75
CA TYR G 140 56.18 29.03 3.76
C TYR G 140 56.95 28.02 2.91
N ARG G 141 57.25 28.40 1.67
CA ARG G 141 58.29 27.72 0.91
C ARG G 141 59.66 28.20 1.40
N LYS G 142 60.58 27.27 1.65
CA LYS G 142 61.93 27.72 1.96
C LYS G 142 62.46 28.56 0.81
N LYS G 143 62.97 29.75 1.13
CA LYS G 143 63.33 30.71 0.08
C LYS G 143 64.82 30.71 -0.24
N SER G 144 65.67 30.51 0.76
CA SER G 144 67.10 30.54 0.51
C SER G 144 67.56 29.14 0.12
N THR G 145 68.67 29.09 -0.62
CA THR G 145 69.28 27.82 -0.97
C THR G 145 70.34 27.40 0.05
N ASP G 146 70.51 28.15 1.13
CA ASP G 146 71.44 27.73 2.16
C ASP G 146 70.90 26.52 2.91
N GLU G 147 71.81 25.77 3.52
CA GLU G 147 71.50 24.79 4.56
C GLU G 147 70.32 25.26 5.43
N PRO G 148 69.28 24.45 5.62
CA PRO G 148 68.13 24.91 6.43
C PRO G 148 68.56 25.34 7.82
N SER G 149 67.97 26.43 8.30
CA SER G 149 68.30 27.00 9.59
C SER G 149 67.12 27.88 10.03
N GLU G 150 67.25 28.43 11.24
CA GLU G 150 66.25 29.33 11.81
C GLU G 150 65.95 30.50 10.86
N LYS G 151 66.95 30.94 10.07
CA LYS G 151 66.77 32.07 9.16
C LYS G 151 65.65 31.85 8.15
N ASP G 152 65.43 30.61 7.75
CA ASP G 152 64.39 30.29 6.79
C ASP G 152 62.99 30.59 7.32
N ALA G 153 62.85 30.73 8.63
CA ALA G 153 61.55 31.07 9.19
C ALA G 153 61.35 32.59 9.27
N LEU G 154 62.37 33.38 8.94
CA LEU G 154 62.27 34.83 9.09
C LEU G 154 61.81 35.50 7.79
N GLN G 155 60.65 35.06 7.31
CA GLN G 155 60.10 35.64 6.11
C GLN G 155 58.90 36.52 6.47
N PRO G 156 58.64 37.59 5.72
CA PRO G 156 57.41 38.36 5.96
C PRO G 156 56.17 37.53 5.62
N GLY G 157 55.07 37.83 6.32
CA GLY G 157 53.82 37.10 6.11
C GLY G 157 53.29 37.17 4.70
N ARG G 158 53.63 38.22 3.94
CA ARG G 158 53.25 38.30 2.53
C ARG G 158 53.72 37.10 1.73
N ASN G 159 54.75 36.39 2.21
CA ASN G 159 55.29 35.22 1.52
C ASN G 159 54.53 33.93 1.83
N LEU G 160 53.50 33.96 2.69
CA LEU G 160 52.81 32.73 3.06
C LEU G 160 52.19 32.04 1.85
N VAL G 161 52.31 30.72 1.80
CA VAL G 161 51.64 29.89 0.80
C VAL G 161 50.28 29.39 1.31
N ALA G 162 50.17 29.13 2.60
CA ALA G 162 48.91 28.70 3.20
C ALA G 162 48.99 29.03 4.68
N ALA G 163 47.83 29.27 5.29
CA ALA G 163 47.77 29.54 6.73
C ALA G 163 46.36 29.26 7.21
N GLY G 164 46.21 29.12 8.52
CA GLY G 164 44.89 28.93 9.04
C GLY G 164 44.93 28.53 10.50
N TYR G 165 43.80 28.00 10.95
CA TYR G 165 43.72 27.64 12.34
C TYR G 165 42.67 26.56 12.51
N ALA G 166 42.80 25.80 13.59
CA ALA G 166 41.75 24.93 14.09
C ALA G 166 41.24 25.55 15.39
N LEU G 167 39.93 25.63 15.53
CA LEU G 167 39.31 26.14 16.74
C LEU G 167 38.67 24.95 17.44
N TYR G 168 39.10 24.66 18.67
CA TYR G 168 38.48 23.62 19.48
C TYR G 168 37.50 24.34 20.40
N GLY G 169 36.33 24.63 19.86
CA GLY G 169 35.31 25.40 20.57
C GLY G 169 34.12 24.54 20.93
N SER G 170 32.90 25.06 20.79
CA SER G 170 31.74 24.20 20.98
C SER G 170 31.75 23.07 19.95
N ALA G 171 32.26 23.34 18.76
CA ALA G 171 32.64 22.30 17.82
C ALA G 171 34.07 22.58 17.38
N THR G 172 34.64 21.63 16.66
CA THR G 172 35.99 21.80 16.13
C THR G 172 35.88 22.17 14.66
N MET G 173 36.51 23.27 14.26
CA MET G 173 36.48 23.76 12.89
C MET G 173 37.90 24.10 12.46
N LEU G 174 38.24 23.77 11.23
CA LEU G 174 39.51 24.13 10.61
C LEU G 174 39.23 25.20 9.56
N VAL G 175 39.94 26.33 9.66
CA VAL G 175 39.83 27.43 8.71
C VAL G 175 41.15 27.49 7.95
N LEU G 176 41.07 27.35 6.63
CA LEU G 176 42.24 27.26 5.77
C LEU G 176 42.19 28.38 4.73
N ALA G 177 43.25 29.18 4.68
CA ALA G 177 43.38 30.29 3.74
C ALA G 177 44.49 30.00 2.74
N MET G 178 44.21 30.24 1.46
CA MET G 178 45.20 30.11 0.39
C MET G 178 44.92 31.20 -0.65
N ASP G 179 45.66 31.16 -1.77
CA ASP G 179 45.41 32.13 -2.84
C ASP G 179 43.97 32.12 -3.31
N CYS G 180 43.33 30.95 -3.32
CA CYS G 180 41.95 30.78 -3.76
C CYS G 180 40.93 31.30 -2.76
N GLY G 181 41.33 31.82 -1.60
CA GLY G 181 40.39 32.33 -0.62
C GLY G 181 40.39 31.51 0.66
N VAL G 182 39.37 31.73 1.47
CA VAL G 182 39.24 31.16 2.80
C VAL G 182 38.07 30.17 2.82
N ASN G 183 38.32 28.95 3.33
CA ASN G 183 37.30 27.92 3.41
C ASN G 183 37.28 27.30 4.81
N CYS G 184 36.09 26.97 5.29
CA CYS G 184 35.87 26.52 6.67
C CYS G 184 35.33 25.09 6.69
N PHE G 185 35.98 24.23 7.46
CA PHE G 185 35.64 22.81 7.50
C PHE G 185 35.29 22.45 8.93
N MET G 186 34.15 21.80 9.12
CA MET G 186 33.70 21.34 10.44
C MET G 186 34.13 19.88 10.64
N LEU G 187 34.83 19.59 11.74
CA LEU G 187 35.16 18.21 12.06
C LEU G 187 33.89 17.47 12.53
N ASP G 188 33.51 16.41 11.80
CA ASP G 188 32.44 15.50 12.24
C ASP G 188 33.11 14.40 13.05
N PRO G 189 33.00 14.44 14.38
CA PRO G 189 33.71 13.45 15.20
C PRO G 189 33.16 12.03 15.05
N ALA G 190 31.96 11.85 14.49
CA ALA G 190 31.47 10.49 14.30
C ALA G 190 32.31 9.72 13.28
N ILE G 191 32.86 10.41 12.28
CA ILE G 191 33.64 9.74 11.25
C ILE G 191 35.06 10.26 11.12
N GLY G 192 35.45 11.27 11.91
CA GLY G 192 36.80 11.79 11.79
C GLY G 192 37.11 12.40 10.44
N GLU G 193 36.18 13.21 9.95
CA GLU G 193 36.34 13.87 8.66
C GLU G 193 35.97 15.33 8.81
N PHE G 194 36.75 16.21 8.19
CA PHE G 194 36.47 17.64 8.12
C PHE G 194 35.57 17.91 6.92
N ILE G 195 34.38 18.43 7.17
CA ILE G 195 33.37 18.65 6.12
C ILE G 195 33.37 20.12 5.74
N LEU G 196 33.45 20.41 4.43
CA LEU G 196 33.39 21.78 3.97
C LEU G 196 32.01 22.38 4.24
N VAL G 197 31.95 23.42 5.07
CA VAL G 197 30.65 24.01 5.41
C VAL G 197 30.52 25.46 5.00
N ASP G 198 31.62 26.20 4.79
CA ASP G 198 31.51 27.60 4.38
C ASP G 198 32.58 27.86 3.33
N LYS G 199 32.18 28.21 2.11
CA LYS G 199 33.10 28.32 0.99
C LYS G 199 33.43 29.77 0.65
N ASP G 200 34.71 30.02 0.41
CA ASP G 200 35.18 31.33 -0.05
C ASP G 200 34.66 32.46 0.83
N VAL G 201 34.99 32.38 2.13
CA VAL G 201 34.38 33.28 3.12
C VAL G 201 34.90 34.70 2.95
N LYS G 202 34.01 35.68 3.14
CA LYS G 202 34.35 37.10 3.16
C LYS G 202 33.82 37.72 4.46
N ILE G 203 34.62 38.61 5.03
CA ILE G 203 34.24 39.30 6.25
C ILE G 203 33.37 40.51 5.89
N LYS G 204 32.46 40.85 6.80
CA LYS G 204 31.63 42.04 6.62
C LYS G 204 32.49 43.29 6.49
N LYS G 205 31.99 44.24 5.69
CA LYS G 205 32.75 45.47 5.50
C LYS G 205 32.86 46.28 6.80
N LYS G 206 31.83 46.23 7.64
CA LYS G 206 31.83 46.96 8.90
C LYS G 206 31.05 46.13 9.91
N GLY G 207 31.56 46.04 11.13
CA GLY G 207 30.97 45.23 12.16
C GLY G 207 30.33 46.04 13.28
N LYS G 208 29.97 45.31 14.35
CA LYS G 208 29.30 45.90 15.49
C LYS G 208 29.89 45.41 16.81
N ILE G 209 31.06 44.78 16.81
CA ILE G 209 31.70 44.27 18.01
C ILE G 209 33.15 44.70 17.99
N TYR G 210 33.66 45.15 19.14
CA TYR G 210 35.10 45.36 19.30
C TYR G 210 35.61 44.43 20.38
N SER G 211 36.88 44.02 20.24
CA SER G 211 37.42 42.96 21.09
C SER G 211 38.84 43.32 21.54
N LEU G 212 39.01 43.58 22.83
CA LEU G 212 40.34 43.77 23.40
C LEU G 212 40.24 43.70 24.92
N ASN G 213 41.38 43.52 25.57
CA ASN G 213 41.46 43.47 27.03
C ASN G 213 41.47 44.90 27.56
N GLU G 214 40.32 45.39 28.00
CA GLU G 214 40.25 46.76 28.53
C GLU G 214 40.88 46.89 29.91
N GLY G 215 41.34 45.80 30.52
CA GLY G 215 42.08 45.88 31.76
C GLY G 215 43.37 46.65 31.66
N TYR G 216 43.93 46.78 30.45
CA TYR G 216 45.14 47.57 30.23
C TYR G 216 44.85 49.02 29.89
N ALA G 217 43.64 49.50 30.20
CA ALA G 217 43.28 50.85 29.78
C ALA G 217 44.24 51.90 30.31
N LYS G 218 44.79 51.69 31.51
CA LYS G 218 45.73 52.66 32.08
C LYS G 218 46.98 52.80 31.22
N ASP G 219 47.34 51.78 30.42
CA ASP G 219 48.53 51.81 29.57
C ASP G 219 48.27 52.16 28.11
N PHE G 220 47.02 52.34 27.69
CA PHE G 220 46.75 52.50 26.26
C PHE G 220 47.37 53.78 25.73
N ASP G 221 47.91 53.72 24.52
CA ASP G 221 48.27 54.94 23.79
C ASP G 221 47.02 55.75 23.46
N PRO G 222 47.14 57.07 23.33
CA PRO G 222 45.97 57.92 23.05
C PRO G 222 45.11 57.50 21.87
N ALA G 223 45.70 56.95 20.80
CA ALA G 223 44.89 56.54 19.66
C ALA G 223 43.91 55.43 20.03
N VAL G 224 44.39 54.41 20.75
CA VAL G 224 43.51 53.33 21.19
C VAL G 224 42.45 53.87 22.15
N THR G 225 42.83 54.76 23.07
CA THR G 225 41.87 55.32 24.01
C THR G 225 40.75 56.04 23.26
N GLU G 226 41.10 56.87 22.28
CA GLU G 226 40.09 57.59 21.54
C GLU G 226 39.23 56.66 20.69
N TYR G 227 39.86 55.66 20.05
CA TYR G 227 39.07 54.77 19.21
C TYR G 227 38.02 54.04 20.02
N ILE G 228 38.41 53.49 21.17
CA ILE G 228 37.47 52.74 22.01
C ILE G 228 36.37 53.68 22.53
N GLN G 229 36.73 54.93 22.85
CA GLN G 229 35.74 55.92 23.26
C GLN G 229 34.69 56.13 22.16
N ARG G 230 35.13 56.15 20.91
CA ARG G 230 34.18 56.30 19.80
C ARG G 230 33.26 55.10 19.68
N LYS G 231 33.74 53.90 20.04
CA LYS G 231 32.89 52.72 19.95
C LYS G 231 31.80 52.74 21.03
N LYS G 232 32.12 53.23 22.22
CA LYS G 232 31.15 53.28 23.32
C LYS G 232 30.27 54.53 23.28
N PHE G 233 30.82 55.66 22.82
CA PHE G 233 30.08 56.92 22.74
C PHE G 233 30.19 57.45 21.32
N PRO G 234 29.44 56.89 20.38
CA PRO G 234 29.56 57.30 18.99
C PRO G 234 29.16 58.76 18.81
N PRO G 235 29.93 59.53 18.05
CA PRO G 235 29.60 60.95 17.87
C PRO G 235 28.35 61.19 17.04
N ASP G 236 27.96 60.25 16.19
CA ASP G 236 26.86 60.44 15.24
C ASP G 236 25.54 59.86 15.72
N ASN G 237 25.44 59.49 16.99
CA ASN G 237 24.21 58.92 17.55
C ASN G 237 23.87 57.56 16.94
N SER G 238 24.83 56.88 16.33
CA SER G 238 24.62 55.49 15.97
C SER G 238 24.70 54.63 17.23
N ALA G 239 24.32 53.36 17.11
CA ALA G 239 24.31 52.51 18.29
C ALA G 239 25.74 52.19 18.72
N PRO G 240 26.02 52.20 20.03
CA PRO G 240 27.35 51.77 20.50
C PRO G 240 27.62 50.32 20.09
N TYR G 241 28.90 50.01 19.90
CA TYR G 241 29.30 48.64 19.63
C TYR G 241 29.16 47.76 20.87
N GLY G 242 28.91 46.47 20.63
CA GLY G 242 29.08 45.50 21.69
C GLY G 242 30.54 45.10 21.87
N ALA G 243 30.84 44.59 23.06
CA ALA G 243 32.18 44.17 23.44
C ALA G 243 32.20 42.67 23.68
N ARG G 244 33.26 42.01 23.20
CA ARG G 244 33.53 40.60 23.47
C ARG G 244 35.03 40.40 23.60
N TYR G 245 35.47 39.64 24.61
CA TYR G 245 36.89 39.31 24.70
C TYR G 245 37.01 37.97 25.44
N VAL G 246 37.18 36.90 24.66
CA VAL G 246 37.34 35.56 25.22
C VAL G 246 38.69 35.42 25.92
N GLY G 247 39.73 36.09 25.43
CA GLY G 247 41.06 35.88 25.95
C GLY G 247 41.81 34.76 25.27
N SER G 248 41.26 34.18 24.22
CA SER G 248 41.90 33.15 23.43
C SER G 248 41.90 33.65 21.98
N MET G 249 43.08 33.88 21.41
CA MET G 249 43.13 34.63 20.16
C MET G 249 42.34 33.94 19.04
N VAL G 250 42.41 32.61 18.96
CA VAL G 250 41.72 31.92 17.87
C VAL G 250 40.21 32.13 17.97
N ALA G 251 39.68 32.08 19.20
CA ALA G 251 38.24 32.26 19.40
C ALA G 251 37.80 33.67 19.02
N ASP G 252 38.58 34.68 19.45
CA ASP G 252 38.23 36.07 19.17
C ASP G 252 38.39 36.40 17.67
N VAL G 253 39.44 35.89 17.04
CA VAL G 253 39.60 36.16 15.62
C VAL G 253 38.52 35.45 14.81
N HIS G 254 38.18 34.22 15.20
CA HIS G 254 37.15 33.51 14.45
C HIS G 254 35.79 34.22 14.55
N ARG G 255 35.43 34.69 15.75
CA ARG G 255 34.21 35.47 15.87
C ARG G 255 34.25 36.71 15.00
N THR G 256 35.42 37.38 14.96
CA THR G 256 35.56 38.56 14.12
C THR G 256 35.34 38.22 12.65
N LEU G 257 35.89 37.09 12.20
CA LEU G 257 35.67 36.67 10.82
C LEU G 257 34.20 36.39 10.54
N VAL G 258 33.51 35.73 11.48
CA VAL G 258 32.14 35.27 11.25
C VAL G 258 31.14 36.41 11.34
N TYR G 259 31.29 37.30 12.33
CA TYR G 259 30.33 38.36 12.59
C TYR G 259 30.81 39.74 12.15
N GLY G 260 32.07 39.89 11.80
CA GLY G 260 32.62 41.20 11.55
C GLY G 260 32.99 41.91 12.83
N GLY G 261 33.64 43.06 12.68
CA GLY G 261 34.10 43.84 13.80
C GLY G 261 35.61 43.96 13.82
N ILE G 262 36.18 44.21 14.99
CA ILE G 262 37.60 44.56 15.10
C ILE G 262 38.15 43.90 16.36
N PHE G 263 39.39 43.41 16.26
CA PHE G 263 40.11 42.81 17.37
C PHE G 263 41.41 43.58 17.55
N LEU G 264 41.78 43.91 18.78
CA LEU G 264 42.97 44.70 19.05
C LEU G 264 43.78 44.05 20.16
N TYR G 265 45.08 43.93 19.95
CA TYR G 265 46.03 43.69 21.04
C TYR G 265 47.19 44.65 20.89
N PRO G 266 47.06 45.86 21.39
CA PRO G 266 48.10 46.88 21.25
C PRO G 266 49.18 46.66 22.29
N ALA G 267 50.29 47.35 22.12
CA ALA G 267 51.36 47.31 23.11
C ALA G 267 50.92 47.93 24.43
N ASN G 268 51.54 47.49 25.52
CA ASN G 268 51.32 48.08 26.85
C ASN G 268 52.66 48.07 27.60
N LYS G 269 52.63 48.43 28.89
CA LYS G 269 53.88 48.56 29.64
C LYS G 269 54.54 47.19 29.86
N LYS G 270 53.75 46.17 30.15
CA LYS G 270 54.29 44.81 30.22
C LYS G 270 54.75 44.32 28.85
N SER G 271 54.10 44.78 27.77
CA SER G 271 54.37 44.29 26.41
C SER G 271 54.65 45.46 25.46
N PRO G 272 55.83 46.09 25.58
CA PRO G 272 56.09 47.30 24.77
C PRO G 272 56.24 47.03 23.27
N ASN G 273 56.55 45.80 22.86
CA ASN G 273 56.56 45.42 21.46
C ASN G 273 55.32 44.62 21.09
N GLY G 274 54.26 44.76 21.91
CA GLY G 274 53.05 43.98 21.78
C GLY G 274 53.19 42.65 22.50
N LYS G 275 52.09 41.89 22.51
CA LYS G 275 52.06 40.62 23.23
C LYS G 275 51.96 39.41 22.32
N LEU G 276 51.18 39.49 21.26
CA LEU G 276 50.98 38.35 20.37
C LEU G 276 52.24 38.12 19.53
N ARG G 277 52.47 36.87 19.14
CA ARG G 277 53.68 36.49 18.44
C ARG G 277 53.52 36.68 16.94
N LEU G 278 54.50 37.34 16.31
CA LEU G 278 54.36 37.67 14.90
C LEU G 278 54.28 36.42 14.02
N LEU G 279 55.17 35.43 14.25
CA LEU G 279 55.37 34.38 13.25
C LEU G 279 54.20 33.41 13.22
N TYR G 280 53.67 33.03 14.38
CA TYR G 280 52.70 31.94 14.41
C TYR G 280 51.41 32.34 15.12
N GLU G 281 51.21 33.63 15.39
CA GLU G 281 49.90 34.15 15.77
C GLU G 281 49.46 35.27 14.83
N CYS G 282 50.21 36.38 14.74
CA CYS G 282 49.75 37.53 13.97
C CYS G 282 49.73 37.25 12.47
N ASN G 283 50.84 36.74 11.91
CA ASN G 283 50.90 36.54 10.46
C ASN G 283 49.84 35.59 9.94
N PRO G 284 49.67 34.38 10.47
CA PRO G 284 48.59 33.53 9.94
C PRO G 284 47.23 34.18 10.03
N MET G 285 46.93 34.86 11.13
CA MET G 285 45.61 35.48 11.27
C MET G 285 45.47 36.68 10.33
N ALA G 286 46.56 37.44 10.14
CA ALA G 286 46.54 38.53 9.17
C ALA G 286 46.30 38.00 7.75
N TYR G 287 46.89 36.85 7.43
CA TYR G 287 46.72 36.26 6.11
C TYR G 287 45.28 35.80 5.89
N VAL G 288 44.69 35.10 6.87
CA VAL G 288 43.27 34.74 6.78
C VAL G 288 42.41 35.98 6.59
N MET G 289 42.65 37.01 7.41
CA MET G 289 41.87 38.24 7.33
C MET G 289 41.99 38.87 5.94
N GLU G 290 43.21 39.01 5.43
CA GLU G 290 43.35 39.67 4.13
C GLU G 290 42.75 38.82 3.03
N LYS G 291 42.91 37.51 3.11
CA LYS G 291 42.27 36.66 2.10
C LYS G 291 40.76 36.70 2.20
N ALA G 292 40.19 37.06 3.36
CA ALA G 292 38.75 37.19 3.53
C ALA G 292 38.26 38.61 3.24
N GLY G 293 39.13 39.46 2.72
CA GLY G 293 38.75 40.84 2.44
C GLY G 293 38.83 41.77 3.64
N GLY G 294 39.49 41.36 4.72
CA GLY G 294 39.68 42.22 5.88
C GLY G 294 41.04 42.88 5.87
N MET G 295 41.39 43.47 7.01
CA MET G 295 42.65 44.19 7.16
C MET G 295 43.35 43.77 8.45
N ALA G 296 44.66 43.97 8.48
CA ALA G 296 45.44 43.66 9.69
C ALA G 296 46.66 44.56 9.74
N THR G 297 46.75 45.41 10.77
CA THR G 297 47.79 46.41 10.87
C THR G 297 48.45 46.35 12.25
N THR G 298 49.71 46.78 12.32
CA THR G 298 50.37 47.05 13.58
C THR G 298 50.10 48.46 14.08
N GLY G 299 49.44 49.28 13.26
CA GLY G 299 49.37 50.71 13.47
C GLY G 299 50.24 51.46 12.48
N LYS G 300 51.48 51.01 12.32
CA LYS G 300 52.42 51.66 11.40
C LYS G 300 52.45 51.02 10.03
N GLU G 301 52.14 49.74 9.93
CA GLU G 301 52.25 49.05 8.65
C GLU G 301 51.40 47.79 8.70
N ALA G 302 51.18 47.21 7.52
CA ALA G 302 50.50 45.93 7.45
C ALA G 302 51.31 44.86 8.17
N VAL G 303 50.61 44.02 8.95
CA VAL G 303 51.25 42.92 9.66
C VAL G 303 52.08 42.06 8.69
N LEU G 304 51.52 41.79 7.52
CA LEU G 304 52.16 40.91 6.55
C LEU G 304 53.42 41.54 5.95
N ASP G 305 53.66 42.83 6.15
CA ASP G 305 54.85 43.47 5.63
C ASP G 305 56.01 43.56 6.63
N VAL G 306 55.79 43.23 7.90
CA VAL G 306 56.85 43.26 8.89
C VAL G 306 57.87 42.18 8.55
N ILE G 307 59.15 42.56 8.49
CA ILE G 307 60.24 41.62 8.25
C ILE G 307 60.79 41.17 9.60
N PRO G 308 60.58 39.94 10.02
CA PRO G 308 61.02 39.52 11.36
C PRO G 308 62.51 39.30 11.44
N THR G 309 63.04 39.51 12.64
CA THR G 309 64.43 39.22 12.95
C THR G 309 64.62 38.14 14.00
N ASP G 310 63.56 37.74 14.72
CA ASP G 310 63.62 36.76 15.79
C ASP G 310 62.35 35.93 15.72
N ILE G 311 62.48 34.61 15.85
CA ILE G 311 61.34 33.74 15.59
C ILE G 311 60.25 33.86 16.65
N HIS G 312 60.56 34.35 17.85
CA HIS G 312 59.54 34.50 18.88
C HIS G 312 59.18 35.95 19.13
N GLN G 313 59.51 36.82 18.17
CA GLN G 313 59.29 38.25 18.36
C GLN G 313 57.79 38.57 18.36
N ARG G 314 57.44 39.62 19.09
CA ARG G 314 56.05 40.01 19.30
C ARG G 314 55.65 41.14 18.36
N ALA G 315 54.35 41.33 18.20
CA ALA G 315 53.84 42.43 17.41
C ALA G 315 52.52 42.93 17.97
N PRO G 316 52.28 44.25 17.94
CA PRO G 316 50.92 44.76 18.15
C PRO G 316 50.05 44.44 16.96
N VAL G 317 48.77 44.25 17.20
CA VAL G 317 47.91 43.88 16.08
C VAL G 317 46.53 44.48 16.28
N ILE G 318 45.98 45.00 15.18
CA ILE G 318 44.59 45.43 15.07
C ILE G 318 44.06 44.82 13.77
N LEU G 319 43.00 44.01 13.86
CA LEU G 319 42.57 43.35 12.63
C LEU G 319 41.05 43.22 12.61
N GLY G 320 40.53 42.93 11.41
CA GLY G 320 39.10 42.70 11.27
C GLY G 320 38.47 43.37 10.06
N SER G 321 37.20 43.79 10.21
CA SER G 321 36.47 44.39 9.10
C SER G 321 37.19 45.62 8.57
N PRO G 322 37.24 45.81 7.24
CA PRO G 322 38.04 46.91 6.68
C PRO G 322 37.58 48.31 7.08
N ASP G 323 36.28 48.56 7.16
CA ASP G 323 35.82 49.89 7.58
C ASP G 323 36.24 50.18 9.02
N ASP G 324 36.22 49.17 9.88
CA ASP G 324 36.61 49.37 11.26
C ASP G 324 38.12 49.58 11.39
N VAL G 325 38.92 48.83 10.63
CA VAL G 325 40.36 49.04 10.72
C VAL G 325 40.74 50.40 10.15
N LEU G 326 40.07 50.82 9.06
CA LEU G 326 40.37 52.13 8.48
C LEU G 326 39.97 53.27 9.41
N GLU G 327 38.85 53.13 10.13
CA GLU G 327 38.48 54.16 11.09
C GLU G 327 39.52 54.24 12.20
N PHE G 328 40.03 53.09 12.66
CA PHE G 328 41.12 53.13 13.62
C PHE G 328 42.36 53.81 13.04
N LEU G 329 42.72 53.50 11.79
CA LEU G 329 43.93 54.10 11.22
C LEU G 329 43.82 55.61 11.10
N LYS G 330 42.63 56.14 10.83
CA LYS G 330 42.47 57.60 10.81
C LYS G 330 42.71 58.19 12.19
N VAL G 331 42.17 57.55 13.23
CA VAL G 331 42.44 58.03 14.60
C VAL G 331 43.93 57.94 14.89
N TYR G 332 44.55 56.85 14.45
CA TYR G 332 45.99 56.67 14.66
C TYR G 332 46.79 57.76 13.98
N GLU G 333 46.42 58.10 12.74
CA GLU G 333 47.13 59.16 12.03
C GLU G 333 46.95 60.50 12.71
N LYS G 334 45.74 60.76 13.23
CA LYS G 334 45.46 62.01 13.93
C LYS G 334 46.44 62.24 15.07
N HIS G 335 46.85 61.17 15.75
CA HIS G 335 47.81 61.26 16.84
C HIS G 335 49.25 61.09 16.36
N SER G 336 49.50 61.34 15.08
CA SER G 336 50.82 61.22 14.44
C SER G 336 51.31 59.79 14.37
N ASP H 10 39.87 6.44 44.93
CA ASP H 10 38.93 5.67 44.14
C ASP H 10 38.26 6.54 43.07
N VAL H 11 38.23 6.03 41.84
CA VAL H 11 37.53 6.71 40.75
C VAL H 11 36.05 6.82 41.10
N ASN H 12 35.42 7.89 40.65
CA ASN H 12 33.99 8.05 40.86
C ASN H 12 33.34 8.68 39.64
N THR H 13 32.10 8.31 39.39
CA THR H 13 31.29 8.84 38.31
C THR H 13 30.12 9.61 38.88
N LEU H 14 29.47 10.38 38.03
CA LEU H 14 28.31 11.17 38.48
C LEU H 14 27.19 10.27 39.01
N THR H 15 26.81 9.24 38.25
CA THR H 15 25.71 8.38 38.67
C THR H 15 26.00 7.73 40.01
N ARG H 16 27.20 7.15 40.14
CA ARG H 16 27.58 6.48 41.38
C ARG H 16 27.71 7.48 42.53
N PHE H 17 28.20 8.69 42.26
CA PHE H 17 28.28 9.71 43.30
C PHE H 17 26.89 10.08 43.81
N VAL H 18 25.95 10.31 42.90
CA VAL H 18 24.60 10.69 43.30
C VAL H 18 23.92 9.56 44.05
N MET H 19 24.02 8.32 43.53
CA MET H 19 23.46 7.16 44.24
C MET H 19 24.01 7.04 45.64
N GLU H 20 25.32 7.23 45.81
CA GLU H 20 25.90 7.11 47.15
C GLU H 20 25.37 8.20 48.08
N GLU H 21 25.24 9.43 47.59
CA GLU H 21 24.65 10.49 48.41
C GLU H 21 23.19 10.18 48.74
N GLY H 22 22.44 9.62 47.78
CA GLY H 22 21.06 9.29 48.03
C GLY H 22 20.90 8.18 49.06
N ARG H 23 21.78 7.17 49.02
CA ARG H 23 21.73 6.11 50.01
C ARG H 23 22.02 6.65 51.41
N LYS H 24 23.03 7.51 51.55
CA LYS H 24 23.25 8.16 52.84
C LYS H 24 21.99 8.88 53.31
N ALA H 25 21.38 9.67 52.44
CA ALA H 25 20.21 10.45 52.80
C ALA H 25 18.96 9.59 52.97
N ARG H 26 19.01 8.32 52.57
CA ARG H 26 17.90 7.38 52.75
C ARG H 26 16.64 7.88 52.04
N GLY H 27 16.81 8.52 50.90
CA GLY H 27 15.69 8.98 50.11
C GLY H 27 15.04 7.87 49.31
N THR H 28 13.93 8.24 48.64
CA THR H 28 13.16 7.30 47.84
C THR H 28 13.77 7.05 46.46
N GLY H 29 14.70 7.89 46.00
CA GLY H 29 15.37 7.68 44.73
C GLY H 29 14.90 8.54 43.58
N GLU H 30 13.82 9.30 43.74
CA GLU H 30 13.34 10.11 42.62
C GLU H 30 14.38 11.13 42.17
N LEU H 31 15.08 11.75 43.11
CA LEU H 31 16.09 12.75 42.75
C LEU H 31 17.23 12.13 41.96
N THR H 32 17.67 10.94 42.36
CA THR H 32 18.72 10.23 41.63
C THR H 32 18.28 9.87 40.22
N GLN H 33 17.03 9.43 40.06
CA GLN H 33 16.49 9.16 38.73
C GLN H 33 16.42 10.42 37.88
N LEU H 34 16.01 11.55 38.48
CA LEU H 34 15.99 12.81 37.75
C LEU H 34 17.38 13.15 37.26
N LEU H 35 18.38 13.08 38.16
CA LEU H 35 19.72 13.50 37.80
C LEU H 35 20.35 12.58 36.75
N ASN H 36 20.08 11.27 36.84
CA ASN H 36 20.57 10.36 35.82
C ASN H 36 19.93 10.68 34.46
N SER H 37 18.63 11.00 34.47
CA SER H 37 17.97 11.37 33.22
C SER H 37 18.55 12.67 32.67
N LEU H 38 18.78 13.64 33.54
CA LEU H 38 19.40 14.88 33.10
C LEU H 38 20.77 14.65 32.49
N CYS H 39 21.57 13.79 33.14
N CYS H 39 21.56 13.74 33.08
CA CYS H 39 22.89 13.40 32.67
CA CYS H 39 22.91 13.55 32.53
C CYS H 39 22.84 12.86 31.24
C CYS H 39 22.88 12.84 31.18
N THR H 40 21.92 11.94 30.98
CA THR H 40 21.74 11.39 29.64
C THR H 40 21.43 12.47 28.62
N ALA H 41 20.54 13.41 28.97
CA ALA H 41 20.24 14.50 28.02
C ALA H 41 21.47 15.35 27.74
N VAL H 42 22.27 15.65 28.78
CA VAL H 42 23.46 16.47 28.60
C VAL H 42 24.47 15.79 27.68
N LYS H 43 24.63 14.47 27.80
CA LYS H 43 25.55 13.79 26.91
C LYS H 43 25.06 13.84 25.46
N ALA H 44 23.75 13.76 25.26
CA ALA H 44 23.18 13.84 23.93
C ALA H 44 23.29 15.26 23.37
N ILE H 45 23.17 16.28 24.22
CA ILE H 45 23.36 17.65 23.76
C ILE H 45 24.81 17.87 23.38
N SER H 46 25.74 17.41 24.22
CA SER H 46 27.16 17.56 23.91
C SER H 46 27.47 16.96 22.56
N SER H 47 26.96 15.76 22.29
CA SER H 47 27.21 15.12 21.01
C SER H 47 26.71 15.96 19.83
N ALA H 48 25.51 16.53 19.94
CA ALA H 48 24.98 17.37 18.86
C ALA H 48 25.76 18.68 18.74
N VAL H 49 26.15 19.24 19.88
CA VAL H 49 26.86 20.53 19.86
C VAL H 49 28.21 20.37 19.17
N ARG H 50 28.90 19.26 19.43
CA ARG H 50 30.15 18.95 18.78
C ARG H 50 29.96 18.49 17.35
N LYS H 51 28.71 18.45 16.86
CA LYS H 51 28.41 18.27 15.44
C LYS H 51 28.64 16.85 14.96
N ALA H 52 28.47 15.86 15.83
CA ALA H 52 28.44 14.47 15.37
C ALA H 52 27.32 14.30 14.35
N GLY H 53 27.65 13.69 13.20
CA GLY H 53 26.67 13.45 12.17
C GLY H 53 26.46 14.60 11.20
N ILE H 54 27.23 15.68 11.33
CA ILE H 54 27.04 16.83 10.46
C ILE H 54 27.30 16.44 9.01
N ALA H 55 28.10 15.38 8.78
CA ALA H 55 28.37 14.95 7.41
C ALA H 55 27.08 14.54 6.69
N HIS H 56 26.11 13.99 7.43
CA HIS H 56 24.85 13.61 6.78
C HIS H 56 24.04 14.82 6.36
N LEU H 57 24.15 15.92 7.11
CA LEU H 57 23.43 17.14 6.76
C LEU H 57 23.99 17.77 5.48
N TYR H 58 25.26 17.51 5.18
CA TYR H 58 25.90 18.09 4.00
C TYR H 58 26.01 17.11 2.84
N GLY H 59 25.28 15.99 2.91
CA GLY H 59 25.04 15.16 1.76
C GLY H 59 25.98 13.99 1.55
N ILE H 60 26.64 13.50 2.61
CA ILE H 60 27.61 12.41 2.45
C ILE H 60 26.94 11.17 1.87
N ALA H 61 25.66 10.97 2.14
CA ALA H 61 24.92 9.86 1.55
C ALA H 61 24.01 10.29 0.41
N GLY H 62 24.28 11.45 -0.20
CA GLY H 62 23.50 11.97 -1.30
C GLY H 62 22.39 12.94 -0.92
N LYS H 73 18.37 24.91 14.83
CA LYS H 73 17.66 23.74 15.31
C LYS H 73 18.29 23.23 16.61
N LEU H 74 19.54 23.62 16.86
CA LEU H 74 20.26 23.09 18.02
C LEU H 74 19.57 23.43 19.35
N ASP H 75 19.06 24.66 19.50
CA ASP H 75 18.40 24.99 20.75
C ASP H 75 17.05 24.28 20.88
N VAL H 76 16.36 24.05 19.76
CA VAL H 76 15.12 23.30 19.80
C VAL H 76 15.40 21.84 20.15
N LEU H 77 16.42 21.24 19.51
CA LEU H 77 16.77 19.86 19.83
C LEU H 77 17.17 19.73 21.29
N SER H 78 17.95 20.67 21.81
CA SER H 78 18.36 20.63 23.21
C SER H 78 17.15 20.69 24.14
N ASN H 79 16.20 21.58 23.86
CA ASN H 79 14.99 21.62 24.66
C ASN H 79 14.24 20.29 24.62
N ASP H 80 14.12 19.69 23.42
CA ASP H 80 13.40 18.41 23.31
C ASP H 80 14.10 17.30 24.07
N LEU H 81 15.43 17.29 24.07
CA LEU H 81 16.19 16.27 24.78
C LEU H 81 15.95 16.36 26.27
N VAL H 82 16.08 17.58 26.82
CA VAL H 82 15.87 17.74 28.26
C VAL H 82 14.42 17.46 28.62
N MET H 83 13.46 18.03 27.88
CA MET H 83 12.05 17.82 28.19
C MET H 83 11.69 16.35 28.21
N ASN H 84 12.11 15.61 27.19
CA ASN H 84 11.70 14.21 27.06
C ASN H 84 12.36 13.33 28.11
N MET H 85 13.64 13.59 28.40
CA MET H 85 14.32 12.79 29.41
C MET H 85 13.76 13.06 30.80
N LEU H 86 13.41 14.32 31.10
CA LEU H 86 12.84 14.67 32.40
C LEU H 86 11.40 14.16 32.54
N LYS H 87 10.59 14.33 31.49
CA LYS H 87 9.23 13.77 31.53
C LYS H 87 9.25 12.27 31.82
N SER H 88 10.11 11.54 31.11
CA SER H 88 10.16 10.09 31.23
C SER H 88 10.90 9.59 32.46
N SER H 89 11.43 10.49 33.30
CA SER H 89 12.09 10.08 34.53
C SER H 89 11.12 9.66 35.62
N PHE H 90 9.84 10.04 35.48
CA PHE H 90 8.81 9.88 36.52
C PHE H 90 9.13 10.65 37.79
N ALA H 91 10.02 11.66 37.72
CA ALA H 91 10.46 12.38 38.90
C ALA H 91 10.01 13.85 38.93
N THR H 92 9.33 14.32 37.88
CA THR H 92 9.01 15.74 37.74
C THR H 92 7.52 15.93 37.52
N CYS H 93 7.05 17.14 37.83
CA CYS H 93 5.64 17.47 37.59
C CYS H 93 5.48 18.79 36.85
N VAL H 94 6.46 19.69 37.01
CA VAL H 94 6.42 21.01 36.35
C VAL H 94 7.80 21.29 35.75
N LEU H 95 7.83 21.71 34.47
CA LEU H 95 9.07 21.99 33.76
C LEU H 95 9.01 23.39 33.17
N VAL H 96 9.99 24.22 33.50
CA VAL H 96 10.09 25.57 32.95
C VAL H 96 11.37 25.65 32.12
N SER H 97 11.23 26.07 30.87
CA SER H 97 12.34 26.17 29.92
C SER H 97 12.41 27.59 29.36
N GLU H 98 13.63 28.05 29.11
CA GLU H 98 13.83 29.29 28.35
C GLU H 98 13.08 29.28 27.02
N GLU H 99 12.90 28.10 26.41
CA GLU H 99 12.31 27.99 25.08
C GLU H 99 10.79 28.02 25.08
N ASP H 100 10.13 27.88 26.22
CA ASP H 100 8.67 27.76 26.26
C ASP H 100 8.09 28.88 27.10
N LYS H 101 7.09 29.57 26.55
CA LYS H 101 6.52 30.71 27.25
C LYS H 101 5.80 30.27 28.52
N HIS H 102 5.15 29.11 28.48
CA HIS H 102 4.40 28.58 29.60
C HIS H 102 5.12 27.38 30.22
N ALA H 103 4.90 27.15 31.51
CA ALA H 103 5.41 25.95 32.14
C ALA H 103 4.76 24.72 31.53
N ILE H 104 5.52 23.65 31.42
CA ILE H 104 5.02 22.37 30.94
C ILE H 104 4.57 21.58 32.16
N ILE H 105 3.32 21.10 32.13
CA ILE H 105 2.78 20.28 33.21
C ILE H 105 2.90 18.83 32.77
N VAL H 106 3.61 18.02 33.54
CA VAL H 106 3.78 16.62 33.19
C VAL H 106 2.45 15.89 33.31
N GLU H 107 2.17 15.01 32.36
CA GLU H 107 0.90 14.28 32.38
C GLU H 107 0.84 13.34 33.60
N PRO H 108 -0.37 13.05 34.10
CA PRO H 108 -0.49 12.43 35.44
C PRO H 108 0.27 11.14 35.65
N GLU H 109 0.30 10.23 34.68
CA GLU H 109 0.97 8.95 34.95
C GLU H 109 2.49 9.08 35.02
N LYS H 110 3.07 10.21 34.65
CA LYS H 110 4.51 10.38 34.69
C LYS H 110 4.97 11.34 35.78
N ARG H 111 4.06 11.76 36.65
CA ARG H 111 4.36 12.81 37.63
C ARG H 111 5.18 12.29 38.79
N GLY H 112 6.20 13.05 39.15
CA GLY H 112 6.97 12.87 40.36
C GLY H 112 6.94 14.17 41.14
N LYS H 113 7.83 14.32 42.10
CA LYS H 113 7.71 15.41 43.06
C LYS H 113 8.55 16.64 42.78
N TYR H 114 9.32 16.70 41.69
CA TYR H 114 10.27 17.79 41.49
C TYR H 114 9.86 18.77 40.38
N VAL H 115 10.23 20.03 40.58
CA VAL H 115 10.06 21.13 39.63
C VAL H 115 11.43 21.47 39.10
N VAL H 116 11.59 21.53 37.77
CA VAL H 116 12.89 21.82 37.14
C VAL H 116 12.76 23.05 36.24
N CYS H 117 13.65 24.01 36.44
CA CYS H 117 13.78 25.17 35.57
C CYS H 117 15.11 25.04 34.85
N PHE H 118 15.12 25.25 33.53
CA PHE H 118 16.38 25.03 32.84
C PHE H 118 16.48 25.92 31.61
N ASP H 119 17.70 26.19 31.23
CA ASP H 119 18.00 26.81 29.95
C ASP H 119 18.74 25.77 29.14
N PRO H 120 18.11 25.16 28.13
CA PRO H 120 18.71 23.99 27.51
C PRO H 120 19.97 24.26 26.72
N LEU H 121 20.11 25.46 26.12
CA LEU H 121 21.36 25.77 25.38
C LEU H 121 21.63 27.27 25.53
N ASP H 122 22.19 27.66 26.67
CA ASP H 122 22.50 29.06 26.91
C ASP H 122 23.68 29.50 26.05
N GLY H 123 23.59 30.71 25.50
CA GLY H 123 24.59 31.28 24.62
C GLY H 123 24.43 30.88 23.17
N SER H 124 23.37 30.12 22.83
CA SER H 124 23.23 29.55 21.49
C SER H 124 22.96 30.61 20.43
N SER H 125 22.63 31.84 20.83
CA SER H 125 22.47 32.91 19.85
C SER H 125 23.75 33.15 19.07
N ASN H 126 24.91 32.96 19.71
CA ASN H 126 26.20 33.18 19.10
C ASN H 126 26.92 31.88 18.75
N ILE H 127 26.21 30.75 18.70
CA ILE H 127 26.85 29.47 18.41
C ILE H 127 27.38 29.40 16.98
N ASP H 128 26.99 30.32 16.10
CA ASP H 128 27.54 30.35 14.75
C ASP H 128 29.04 30.55 14.74
N CYS H 129 29.60 31.16 15.79
CA CYS H 129 31.04 31.36 15.86
C CYS H 129 31.71 30.35 16.78
N LEU H 130 31.00 29.29 17.18
CA LEU H 130 31.55 28.18 17.95
C LEU H 130 31.96 28.62 19.36
N VAL H 131 31.38 29.70 19.88
CA VAL H 131 31.58 30.09 21.26
C VAL H 131 31.09 28.98 22.18
N SER H 132 31.73 28.85 23.34
CA SER H 132 31.24 27.94 24.36
C SER H 132 29.77 28.19 24.65
N VAL H 133 29.00 27.11 24.81
CA VAL H 133 27.60 27.17 25.21
C VAL H 133 27.41 26.23 26.40
N GLY H 134 26.19 26.24 26.95
CA GLY H 134 25.96 25.41 28.12
C GLY H 134 24.49 25.19 28.39
N THR H 135 24.24 24.28 29.33
CA THR H 135 22.90 23.97 29.82
C THR H 135 22.87 24.30 31.31
N ILE H 136 21.84 25.00 31.77
CA ILE H 136 21.74 25.43 33.16
C ILE H 136 20.46 24.84 33.73
N PHE H 137 20.50 24.35 34.97
CA PHE H 137 19.31 23.74 35.56
C PHE H 137 19.20 24.03 37.05
N GLY H 138 17.96 24.10 37.53
CA GLY H 138 17.70 24.22 38.95
C GLY H 138 16.54 23.33 39.34
N ILE H 139 16.64 22.65 40.47
CA ILE H 139 15.65 21.63 40.86
C ILE H 139 15.04 22.03 42.19
N TYR H 140 13.71 22.13 42.22
CA TYR H 140 12.92 22.44 43.40
C TYR H 140 12.02 21.27 43.71
N ARG H 141 11.67 21.15 44.98
CA ARG H 141 10.63 20.22 45.37
C ARG H 141 9.29 20.92 45.25
N LYS H 142 8.29 20.20 44.71
CA LYS H 142 6.95 20.77 44.70
C LYS H 142 6.50 20.91 46.15
N LYS H 143 5.94 22.08 46.49
CA LYS H 143 5.73 22.41 47.90
C LYS H 143 4.33 22.07 48.39
N SER H 144 3.32 22.12 47.54
CA SER H 144 1.95 21.83 47.95
C SER H 144 1.41 20.64 47.19
N THR H 145 0.32 20.07 47.71
CA THR H 145 -0.37 18.97 47.07
C THR H 145 -1.40 19.44 46.04
N ASP H 146 -1.48 20.74 45.77
CA ASP H 146 -2.40 21.23 44.72
C ASP H 146 -2.01 20.64 43.37
N GLU H 147 -3.01 20.56 42.46
CA GLU H 147 -2.76 20.30 41.04
C GLU H 147 -1.57 21.09 40.51
N PRO H 148 -0.56 20.44 39.91
CA PRO H 148 0.64 21.17 39.46
C PRO H 148 0.30 22.26 38.47
N SER H 149 0.99 23.40 38.61
CA SER H 149 0.78 24.56 37.74
C SER H 149 2.03 25.41 37.75
N GLU H 150 2.03 26.46 36.92
CA GLU H 150 3.15 27.40 36.87
C GLU H 150 3.52 27.92 38.24
N LYS H 151 2.54 28.07 39.15
CA LYS H 151 2.81 28.63 40.47
C LYS H 151 3.84 27.82 41.24
N ASP H 152 3.92 26.52 40.99
CA ASP H 152 4.88 25.67 41.69
C ASP H 152 6.32 26.01 41.37
N ALA H 153 6.57 26.73 40.28
CA ALA H 153 7.91 27.16 39.91
C ALA H 153 8.30 28.51 40.50
N LEU H 154 7.37 29.20 41.15
CA LEU H 154 7.63 30.54 41.66
C LEU H 154 8.18 30.48 43.08
N GLN H 155 9.32 29.81 43.22
CA GLN H 155 9.99 29.70 44.50
C GLN H 155 11.28 30.53 44.50
N PRO H 156 11.65 31.09 45.65
CA PRO H 156 12.95 31.76 45.73
C PRO H 156 14.07 30.74 45.57
N GLY H 157 15.20 31.21 45.05
CA GLY H 157 16.34 30.32 44.83
C GLY H 157 16.82 29.62 46.08
N ARG H 158 16.59 30.23 47.25
CA ARG H 158 16.91 29.57 48.52
C ARG H 158 16.26 28.20 48.66
N ASN H 159 15.16 27.94 47.93
CA ASN H 159 14.45 26.67 48.01
C ASN H 159 15.07 25.58 47.15
N LEU H 160 16.14 25.87 46.43
CA LEU H 160 16.73 24.89 45.52
C LEU H 160 17.23 23.68 46.29
N VAL H 161 17.01 22.51 45.71
CA VAL H 161 17.50 21.24 46.23
C VAL H 161 18.82 20.86 45.55
N ALA H 162 18.94 21.20 44.27
CA ALA H 162 20.15 20.97 43.51
C ALA H 162 20.14 21.93 42.33
N ALA H 163 21.32 22.30 41.85
CA ALA H 163 21.43 23.15 40.68
C ALA H 163 22.80 22.94 40.09
N GLY H 164 22.96 23.39 38.84
CA GLY H 164 24.26 23.34 38.23
C GLY H 164 24.19 23.65 36.75
N TYR H 165 25.24 23.27 36.05
CA TYR H 165 25.31 23.56 34.63
C TYR H 165 26.22 22.55 33.98
N ALA H 166 26.01 22.38 32.67
CA ALA H 166 26.96 21.69 31.80
C ALA H 166 27.56 22.74 30.87
N LEU H 167 28.88 22.75 30.75
CA LEU H 167 29.59 23.67 29.85
C LEU H 167 30.11 22.86 28.68
N TYR H 168 29.69 23.24 27.47
CA TYR H 168 30.21 22.61 26.26
C TYR H 168 31.31 23.55 25.73
N GLY H 169 32.48 23.42 26.34
CA GLY H 169 33.62 24.25 25.99
C GLY H 169 34.70 23.46 25.28
N SER H 170 35.97 23.71 25.58
CA SER H 170 37.03 22.90 24.98
C SER H 170 36.85 21.43 25.37
N ALA H 171 36.33 21.19 26.57
CA ALA H 171 35.80 19.88 26.93
C ALA H 171 34.42 20.10 27.52
N THR H 172 33.71 19.01 27.78
CA THR H 172 32.37 19.10 28.38
C THR H 172 32.46 18.78 29.87
N MET H 173 31.96 19.68 30.69
CA MET H 173 32.01 19.49 32.13
C MET H 173 30.66 19.75 32.73
N LEU H 174 30.28 18.92 33.72
CA LEU H 174 29.02 19.13 34.45
C LEU H 174 29.37 19.57 35.87
N VAL H 175 28.84 20.70 36.28
CA VAL H 175 29.07 21.24 37.62
C VAL H 175 27.76 21.06 38.38
N LEU H 176 27.80 20.33 39.50
CA LEU H 176 26.60 19.98 40.27
C LEU H 176 26.72 20.49 41.71
N ALA H 177 25.77 21.31 42.12
CA ALA H 177 25.74 21.88 43.46
C ALA H 177 24.57 21.30 44.23
N MET H 178 24.84 20.85 45.47
CA MET H 178 23.82 20.38 46.39
C MET H 178 24.22 20.82 47.80
N ASP H 179 23.44 20.40 48.80
CA ASP H 179 23.79 20.76 50.17
C ASP H 179 25.20 20.31 50.55
N CYS H 180 25.65 19.18 50.01
CA CYS H 180 26.99 18.67 50.29
C CYS H 180 28.11 19.46 49.60
N GLY H 181 27.81 20.51 48.84
CA GLY H 181 28.83 21.31 48.20
C GLY H 181 28.79 21.19 46.68
N VAL H 182 29.87 21.63 46.04
CA VAL H 182 29.94 21.74 44.59
C VAL H 182 30.97 20.72 44.10
N ASN H 183 30.58 19.93 43.11
CA ASN H 183 31.44 18.91 42.53
C ASN H 183 31.43 19.00 41.01
N CYS H 184 32.59 18.80 40.38
CA CYS H 184 32.77 18.99 38.95
C CYS H 184 33.13 17.67 38.27
N PHE H 185 32.43 17.35 37.20
CA PHE H 185 32.58 16.07 36.51
C PHE H 185 32.95 16.32 35.06
N MET H 186 34.01 15.68 34.59
CA MET H 186 34.42 15.81 33.20
C MET H 186 33.82 14.67 32.36
N LEU H 187 33.15 15.01 31.26
CA LEU H 187 32.65 13.99 30.34
C LEU H 187 33.81 13.39 29.54
N ASP H 188 34.04 12.08 29.73
CA ASP H 188 34.99 11.33 28.92
C ASP H 188 34.22 10.80 27.73
N PRO H 189 34.36 11.43 26.55
CA PRO H 189 33.53 11.03 25.40
C PRO H 189 33.86 9.67 24.84
N ALA H 190 35.03 9.11 25.18
CA ALA H 190 35.37 7.78 24.70
C ALA H 190 34.46 6.71 25.31
N ILE H 191 33.96 6.92 26.53
CA ILE H 191 33.14 5.94 27.22
C ILE H 191 31.79 6.48 27.66
N GLY H 192 31.51 7.76 27.45
CA GLY H 192 30.23 8.32 27.88
C GLY H 192 29.96 8.29 29.37
N GLU H 193 30.96 8.65 30.18
CA GLU H 193 30.79 8.73 31.61
C GLU H 193 31.32 10.06 32.10
N PHE H 194 30.62 10.65 33.05
CA PHE H 194 31.06 11.85 33.76
C PHE H 194 31.96 11.45 34.90
N ILE H 195 33.22 11.87 34.85
CA ILE H 195 34.24 11.47 35.81
C ILE H 195 34.42 12.59 36.82
N LEU H 196 34.34 12.25 38.12
CA LEU H 196 34.57 13.24 39.17
C LEU H 196 36.03 13.68 39.17
N VAL H 197 36.27 14.96 38.87
CA VAL H 197 37.63 15.48 38.77
C VAL H 197 37.94 16.58 39.77
N ASP H 198 36.95 17.27 40.32
CA ASP H 198 37.22 18.31 41.32
C ASP H 198 36.17 18.20 42.40
N LYS H 199 36.59 17.92 43.62
CA LYS H 199 35.69 17.65 44.70
C LYS H 199 35.56 18.86 45.61
N ASP H 200 34.34 19.18 45.99
CA ASP H 200 34.02 20.20 47.01
C ASP H 200 34.74 21.53 46.73
N VAL H 201 34.52 22.06 45.52
CA VAL H 201 35.28 23.20 45.06
C VAL H 201 34.79 24.47 45.77
N LYS H 202 35.74 25.36 46.06
CA LYS H 202 35.51 26.66 46.67
C LYS H 202 36.11 27.75 45.80
N ILE H 203 35.43 28.89 45.72
CA ILE H 203 35.94 30.02 44.93
C ILE H 203 36.95 30.78 45.77
N LYS H 204 37.94 31.40 45.09
CA LYS H 204 38.89 32.28 45.77
C LYS H 204 38.17 33.43 46.44
N LYS H 205 38.73 33.89 47.57
CA LYS H 205 38.15 35.02 48.32
C LYS H 205 38.15 36.31 47.50
N LYS H 206 39.17 36.52 46.66
CA LYS H 206 39.28 37.72 45.85
C LYS H 206 39.99 37.35 44.56
N GLY H 207 39.50 37.87 43.44
CA GLY H 207 40.03 37.54 42.14
C GLY H 207 40.77 38.70 41.51
N LYS H 208 41.08 38.51 40.22
CA LYS H 208 41.83 39.52 39.47
C LYS H 208 41.22 39.73 38.08
N ILE H 209 39.97 39.31 37.86
CA ILE H 209 39.30 39.42 36.58
C ILE H 209 37.92 40.02 36.79
N TYR H 210 37.53 40.97 35.95
CA TYR H 210 36.15 41.44 35.92
C TYR H 210 35.54 41.13 34.56
N SER H 211 34.24 40.88 34.53
CA SER H 211 33.59 40.36 33.33
C SER H 211 32.24 41.05 33.15
N LEU H 212 32.12 41.86 32.11
CA LEU H 212 30.86 42.45 31.71
C LEU H 212 30.99 43.02 30.30
N ASN H 213 29.85 43.31 29.68
CA ASN H 213 29.84 43.92 28.36
C ASN H 213 30.06 45.44 28.51
N GLU H 214 31.30 45.90 28.32
CA GLU H 214 31.59 47.32 28.44
C GLU H 214 31.10 48.12 27.23
N GLY H 215 30.60 47.46 26.19
CA GLY H 215 30.01 48.20 25.08
C GLY H 215 28.79 49.00 25.48
N TYR H 216 28.13 48.64 26.58
CA TYR H 216 26.97 49.37 27.05
C TYR H 216 27.32 50.48 28.05
N ALA H 217 28.57 50.97 28.06
CA ALA H 217 29.00 51.95 29.05
C ALA H 217 28.13 53.21 29.05
N LYS H 218 27.64 53.64 27.89
CA LYS H 218 26.84 54.86 27.83
C LYS H 218 25.56 54.72 28.65
N ASP H 219 25.09 53.49 28.85
CA ASP H 219 23.87 53.22 29.60
C ASP H 219 24.12 52.75 31.02
N PHE H 220 25.37 52.63 31.46
CA PHE H 220 25.67 52.09 32.79
C PHE H 220 25.05 52.95 33.89
N ASP H 221 24.64 52.28 34.95
CA ASP H 221 24.38 52.97 36.20
C ASP H 221 25.69 53.60 36.72
N PRO H 222 25.64 54.80 37.28
CA PRO H 222 26.88 55.44 37.77
C PRO H 222 27.71 54.57 38.71
N ALA H 223 27.06 53.72 39.52
CA ALA H 223 27.80 52.81 40.39
C ALA H 223 28.60 51.79 39.59
N VAL H 224 28.01 51.24 38.53
CA VAL H 224 28.75 50.31 37.68
C VAL H 224 29.94 51.04 37.03
N THR H 225 29.69 52.25 36.56
CA THR H 225 30.75 53.07 35.95
C THR H 225 31.89 53.27 36.94
N GLU H 226 31.57 53.62 38.18
CA GLU H 226 32.63 53.89 39.14
C GLU H 226 33.36 52.62 39.52
N TYR H 227 32.64 51.52 39.70
CA TYR H 227 33.28 50.26 40.09
C TYR H 227 34.27 49.80 39.03
N ILE H 228 33.85 49.83 37.76
CA ILE H 228 34.75 49.37 36.69
C ILE H 228 35.95 50.29 36.57
N GLN H 229 35.77 51.60 36.77
CA GLN H 229 36.90 52.51 36.72
C GLN H 229 37.94 52.16 37.79
N ARG H 230 37.49 51.75 38.97
CA ARG H 230 38.40 51.33 40.04
C ARG H 230 39.15 50.05 39.69
N LYS H 231 38.54 49.17 38.88
CA LYS H 231 39.24 47.96 38.47
C LYS H 231 40.35 48.28 37.48
N LYS H 232 40.11 49.24 36.59
CA LYS H 232 41.09 49.64 35.58
C LYS H 232 42.09 50.66 36.08
N PHE H 233 41.66 51.55 36.99
CA PHE H 233 42.53 52.60 37.54
C PHE H 233 42.49 52.55 39.06
N PRO H 234 43.16 51.58 39.68
CA PRO H 234 43.06 51.42 41.14
C PRO H 234 43.63 52.63 41.85
N PRO H 235 42.97 53.10 42.90
CA PRO H 235 43.48 54.28 43.61
C PRO H 235 44.79 54.02 44.32
N ASP H 236 45.12 52.77 44.63
CA ASP H 236 46.37 52.49 45.33
C ASP H 236 47.41 52.06 44.31
N ASN H 237 48.35 51.19 44.70
CA ASN H 237 49.39 50.72 43.80
C ASN H 237 49.16 49.27 43.38
N SER H 238 47.93 48.76 43.51
CA SER H 238 47.71 47.39 43.06
C SER H 238 47.59 47.32 41.54
N ALA H 239 47.76 46.10 41.04
CA ALA H 239 47.68 45.91 39.60
C ALA H 239 46.23 46.02 39.14
N PRO H 240 45.96 46.66 38.00
CA PRO H 240 44.61 46.66 37.47
C PRO H 240 44.18 45.23 37.18
N TYR H 241 42.86 45.00 37.27
CA TYR H 241 42.30 43.70 36.93
C TYR H 241 42.37 43.46 35.43
N GLY H 242 42.48 42.19 35.04
CA GLY H 242 42.24 41.81 33.67
C GLY H 242 40.76 41.74 33.35
N ALA H 243 40.44 41.86 32.06
CA ALA H 243 39.06 41.79 31.58
C ALA H 243 38.87 40.58 30.69
N ARG H 244 37.75 39.88 30.90
CA ARG H 244 37.34 38.76 30.07
C ARG H 244 35.83 38.82 29.94
N TYR H 245 35.32 38.65 28.72
CA TYR H 245 33.86 38.58 28.55
C TYR H 245 33.56 37.73 27.32
N VAL H 246 33.24 36.45 27.54
CA VAL H 246 32.90 35.56 26.43
C VAL H 246 31.56 35.92 25.82
N GLY H 247 30.60 36.40 26.63
CA GLY H 247 29.27 36.63 26.13
C GLY H 247 28.38 35.42 26.23
N SER H 248 28.85 34.37 26.87
CA SER H 248 28.07 33.17 27.13
C SER H 248 28.13 32.95 28.63
N MET H 249 26.97 33.03 29.29
CA MET H 249 26.96 33.14 30.75
C MET H 249 27.62 31.93 31.41
N VAL H 250 27.37 30.73 30.89
CA VAL H 250 27.92 29.54 31.51
C VAL H 250 29.45 29.55 31.47
N ALA H 251 30.04 30.01 30.34
CA ALA H 251 31.49 30.09 30.26
C ALA H 251 32.06 31.17 31.20
N ASP H 252 31.45 32.35 31.22
CA ASP H 252 31.99 33.42 32.07
C ASP H 252 31.82 33.08 33.55
N VAL H 253 30.69 32.49 33.93
CA VAL H 253 30.49 32.09 35.33
C VAL H 253 31.44 30.96 35.71
N HIS H 254 31.64 29.98 34.82
CA HIS H 254 32.55 28.89 35.15
C HIS H 254 34.00 29.37 35.32
N ARG H 255 34.45 30.28 34.44
CA ARG H 255 35.78 30.89 34.65
C ARG H 255 35.85 31.61 36.00
N THR H 256 34.77 32.30 36.37
CA THR H 256 34.73 33.00 37.65
C THR H 256 34.91 32.02 38.80
N LEU H 257 34.27 30.86 38.71
CA LEU H 257 34.41 29.82 39.72
C LEU H 257 35.84 29.31 39.81
N VAL H 258 36.47 29.04 38.65
CA VAL H 258 37.80 28.41 38.62
C VAL H 258 38.89 29.41 38.98
N TYR H 259 38.79 30.62 38.47
CA TYR H 259 39.85 31.62 38.61
C TYR H 259 39.54 32.71 39.64
N GLY H 260 38.31 32.81 40.12
CA GLY H 260 37.92 33.90 40.98
C GLY H 260 37.64 35.16 40.17
N GLY H 261 37.15 36.18 40.86
CA GLY H 261 36.81 37.44 40.23
C GLY H 261 35.32 37.72 40.28
N ILE H 262 34.87 38.53 39.34
CA ILE H 262 33.50 39.04 39.40
C ILE H 262 32.87 39.07 38.00
N PHE H 263 31.60 38.71 37.95
CA PHE H 263 30.79 38.73 36.73
C PHE H 263 29.59 39.63 36.98
N LEU H 264 29.30 40.51 36.03
CA LEU H 264 28.20 41.46 36.17
C LEU H 264 27.33 41.45 34.92
N TYR H 265 26.01 41.35 35.12
CA TYR H 265 25.01 41.71 34.11
C TYR H 265 24.05 42.61 34.87
N PRO H 266 24.42 43.88 35.05
CA PRO H 266 23.72 44.74 36.00
C PRO H 266 22.49 45.43 35.43
N ALA H 267 21.69 45.97 36.34
CA ALA H 267 20.58 46.83 35.98
C ALA H 267 21.08 48.20 35.53
N ASN H 268 20.32 48.83 34.65
CA ASN H 268 20.53 50.22 34.26
C ASN H 268 19.17 50.87 34.08
N LYS H 269 19.15 52.12 33.62
CA LYS H 269 17.87 52.83 33.48
C LYS H 269 17.04 52.23 32.36
N LYS H 270 17.69 51.81 31.26
CA LYS H 270 16.98 51.17 30.15
C LYS H 270 16.44 49.79 30.53
N SER H 271 17.17 49.03 31.34
CA SER H 271 16.78 47.67 31.73
C SER H 271 16.83 47.60 33.25
N PRO H 272 15.81 48.13 33.93
CA PRO H 272 15.89 48.28 35.40
C PRO H 272 15.90 46.96 36.14
N ASN H 273 15.52 45.85 35.51
CA ASN H 273 15.61 44.57 36.16
C ASN H 273 16.66 43.67 35.51
N GLY H 274 17.56 44.23 34.73
CA GLY H 274 18.58 43.40 34.10
C GLY H 274 18.07 42.70 32.86
N LYS H 275 18.91 41.82 32.32
CA LYS H 275 18.58 41.04 31.14
C LYS H 275 18.45 39.56 31.40
N LEU H 276 19.27 38.99 32.30
CA LEU H 276 19.27 37.55 32.52
C LEU H 276 18.01 37.13 33.28
N ARG H 277 17.60 35.89 33.06
CA ARG H 277 16.34 35.37 33.60
C ARG H 277 16.58 34.77 34.98
N LEU H 278 15.72 35.11 35.94
CA LEU H 278 15.93 34.72 37.33
C LEU H 278 15.86 33.20 37.52
N LEU H 279 14.83 32.55 36.97
CA LEU H 279 14.55 31.17 37.37
C LEU H 279 15.59 30.18 36.87
N TYR H 280 16.07 30.35 35.64
CA TYR H 280 16.91 29.30 35.06
C TYR H 280 18.26 29.82 34.57
N GLU H 281 18.62 31.06 34.90
CA GLU H 281 19.99 31.54 34.72
C GLU H 281 20.55 32.04 36.05
N CYS H 282 19.93 33.05 36.64
CA CYS H 282 20.52 33.68 37.83
C CYS H 282 20.52 32.73 39.01
N ASN H 283 19.35 32.16 39.35
CA ASN H 283 19.24 31.35 40.57
C ASN H 283 20.16 30.13 40.55
N PRO H 284 20.20 29.29 39.51
CA PRO H 284 21.13 28.16 39.57
C PRO H 284 22.57 28.62 39.72
N MET H 285 22.96 29.69 39.02
CA MET H 285 24.34 30.16 39.13
C MET H 285 24.60 30.77 40.50
N ALA H 286 23.60 31.45 41.07
CA ALA H 286 23.76 32.00 42.43
C ALA H 286 23.91 30.88 43.44
N TYR H 287 23.17 29.80 43.24
CA TYR H 287 23.24 28.66 44.15
C TYR H 287 24.60 27.99 44.08
N VAL H 288 25.11 27.75 42.86
CA VAL H 288 26.47 27.25 42.70
C VAL H 288 27.47 28.16 43.41
N MET H 289 27.36 29.47 43.17
CA MET H 289 28.29 30.41 43.79
C MET H 289 28.24 30.36 45.31
N GLU H 290 27.04 30.35 45.90
CA GLU H 290 26.95 30.37 47.36
C GLU H 290 27.47 29.05 47.95
N LYS H 291 27.16 27.93 47.30
CA LYS H 291 27.70 26.65 47.76
C LYS H 291 29.22 26.56 47.62
N ALA H 292 29.84 27.34 46.73
CA ALA H 292 31.29 27.39 46.57
C ALA H 292 31.95 28.48 47.42
N GLY H 293 31.20 29.14 48.30
CA GLY H 293 31.73 30.20 49.12
C GLY H 293 31.74 31.56 48.46
N GLY H 294 31.04 31.74 47.34
CA GLY H 294 30.94 33.00 46.67
C GLY H 294 29.68 33.77 47.03
N MET H 295 29.42 34.82 46.27
CA MET H 295 28.25 35.67 46.49
C MET H 295 27.55 35.98 45.19
N ALA H 296 26.26 36.31 45.30
CA ALA H 296 25.48 36.70 44.13
C ALA H 296 24.39 37.67 44.55
N THR H 297 24.45 38.90 44.04
CA THR H 297 23.53 39.95 44.45
C THR H 297 22.88 40.59 43.23
N THR H 298 21.68 41.12 43.44
CA THR H 298 21.08 42.02 42.45
C THR H 298 21.55 43.45 42.64
N GLY H 299 22.29 43.72 43.71
CA GLY H 299 22.55 45.08 44.13
C GLY H 299 21.71 45.39 45.35
N LYS H 300 20.42 45.04 45.28
CA LYS H 300 19.51 45.32 46.39
C LYS H 300 19.38 44.16 47.36
N GLU H 301 19.60 42.93 46.90
CA GLU H 301 19.43 41.76 47.74
C GLU H 301 20.14 40.57 47.12
N ALA H 302 20.26 39.50 47.92
CA ALA H 302 20.77 38.24 47.40
C ALA H 302 19.84 37.70 46.33
N VAL H 303 20.43 37.21 45.24
CA VAL H 303 19.63 36.63 44.15
C VAL H 303 18.71 35.55 44.67
N LEU H 304 19.22 34.69 45.57
CA LEU H 304 18.45 33.55 46.07
C LEU H 304 17.29 33.97 46.96
N ASP H 305 17.23 35.24 47.38
CA ASP H 305 16.14 35.75 48.19
C ASP H 305 15.03 36.41 47.39
N VAL H 306 15.22 36.63 46.08
CA VAL H 306 14.15 37.22 45.29
C VAL H 306 13.00 36.21 45.21
N ILE H 307 11.78 36.66 45.52
CA ILE H 307 10.58 35.83 45.33
C ILE H 307 10.00 36.19 43.97
N PRO H 308 10.03 35.28 43.00
CA PRO H 308 9.52 35.62 41.66
C PRO H 308 8.00 35.62 41.62
N THR H 309 7.48 36.44 40.70
CA THR H 309 6.06 36.47 40.39
C THR H 309 5.77 36.03 38.96
N ASP H 310 6.80 35.86 38.14
CA ASP H 310 6.63 35.46 36.75
C ASP H 310 7.77 34.52 36.40
N ILE H 311 7.46 33.41 35.72
CA ILE H 311 8.50 32.42 35.48
C ILE H 311 9.60 32.93 34.54
N HIS H 312 9.36 33.97 33.75
CA HIS H 312 10.37 34.51 32.84
C HIS H 312 10.88 35.87 33.27
N GLN H 313 10.66 36.27 34.52
CA GLN H 313 11.10 37.59 34.93
C GLN H 313 12.63 37.65 34.98
N ARG H 314 13.15 38.85 34.76
CA ARG H 314 14.58 39.07 34.68
C ARG H 314 15.11 39.54 36.03
N ALA H 315 16.43 39.43 36.20
CA ALA H 315 17.03 39.94 37.40
C ALA H 315 18.41 40.46 37.05
N PRO H 316 18.84 41.57 37.67
CA PRO H 316 20.25 41.95 37.61
C PRO H 316 21.06 40.96 38.43
N VAL H 317 22.31 40.74 38.03
CA VAL H 317 23.12 39.81 38.80
C VAL H 317 24.58 40.26 38.80
N ILE H 318 25.19 40.25 39.98
CA ILE H 318 26.61 40.46 40.22
C ILE H 318 27.07 39.30 41.09
N LEU H 319 28.03 38.53 40.61
CA LEU H 319 28.39 37.32 41.34
C LEU H 319 29.89 37.07 41.24
N GLY H 320 30.37 36.22 42.16
CA GLY H 320 31.75 35.81 42.16
C GLY H 320 32.39 35.82 43.52
N SER H 321 33.70 36.12 43.55
CA SER H 321 34.48 36.11 44.78
C SER H 321 33.86 37.06 45.79
N PRO H 322 33.73 36.65 47.06
CA PRO H 322 33.00 37.50 48.03
C PRO H 322 33.62 38.87 48.24
N ASP H 323 34.96 38.97 48.29
CA ASP H 323 35.58 40.28 48.47
C ASP H 323 35.26 41.21 47.32
N ASP H 324 35.19 40.67 46.09
CA ASP H 324 34.87 41.51 44.94
C ASP H 324 33.40 41.91 44.93
N VAL H 325 32.51 40.95 45.20
CA VAL H 325 31.10 41.32 45.25
C VAL H 325 30.84 42.31 46.38
N LEU H 326 31.51 42.15 47.53
CA LEU H 326 31.29 43.09 48.62
C LEU H 326 31.83 44.48 48.27
N GLU H 327 32.94 44.54 47.54
CA GLU H 327 33.43 45.83 47.08
C GLU H 327 32.44 46.47 46.12
N PHE H 328 31.82 45.68 45.23
CA PHE H 328 30.78 46.25 44.38
C PHE H 328 29.63 46.79 45.21
N LEU H 329 29.18 46.04 46.23
CA LEU H 329 28.08 46.51 47.07
C LEU H 329 28.44 47.81 47.81
N LYS H 330 29.72 47.99 48.15
CA LYS H 330 30.16 49.25 48.74
C LYS H 330 29.95 50.42 47.78
N VAL H 331 30.36 50.26 46.51
CA VAL H 331 30.16 51.32 45.54
C VAL H 331 28.67 51.52 45.25
N TYR H 332 27.92 50.42 45.16
CA TYR H 332 26.50 50.54 44.88
C TYR H 332 25.80 51.37 45.95
N GLU H 333 26.16 51.15 47.23
CA GLU H 333 25.60 51.95 48.32
C GLU H 333 25.96 53.42 48.20
N LYS H 334 27.18 53.72 47.75
CA LYS H 334 27.60 55.11 47.63
C LYS H 334 26.66 55.90 46.73
N HIS H 335 26.14 55.27 45.66
CA HIS H 335 25.24 55.93 44.72
C HIS H 335 23.75 55.67 45.01
N SER H 336 23.40 55.22 46.22
CA SER H 336 22.01 54.92 46.50
C SER H 336 21.27 56.10 47.11
#